data_2MC4
#
_entry.id   2MC4
#
_entity_poly.entity_id   1
_entity_poly.type   'polypeptide(L)'
_entity_poly.pdbx_seq_one_letter_code
;MEPPPKLVLDLERLATVPAEKAGPLQRYAATIQSQRGDYNGKVLSIRQDDLRTLAVIYDQSPSVLTEQLISWGVLDADAR
RAVASHDEL
;
_entity_poly.pdbx_strand_id   A
#
# COMPACT_ATOMS: atom_id res chain seq x y z
N MET A 1 -19.57 -13.79 -8.23
CA MET A 1 -18.97 -12.96 -7.18
C MET A 1 -17.58 -13.45 -6.94
N GLU A 2 -16.65 -12.75 -7.51
CA GLU A 2 -15.26 -13.12 -7.45
C GLU A 2 -14.60 -12.28 -6.37
N PRO A 3 -13.67 -12.86 -5.59
CA PRO A 3 -12.99 -12.13 -4.53
C PRO A 3 -11.94 -11.16 -5.08
N PRO A 4 -12.17 -9.85 -4.95
CA PRO A 4 -11.22 -8.84 -5.40
C PRO A 4 -9.99 -8.84 -4.49
N PRO A 5 -8.78 -8.81 -5.06
CA PRO A 5 -7.54 -8.83 -4.30
C PRO A 5 -7.41 -7.68 -3.29
N LYS A 6 -6.83 -7.98 -2.15
CA LYS A 6 -6.50 -6.99 -1.16
C LYS A 6 -5.11 -6.50 -1.47
N LEU A 7 -4.81 -5.29 -1.11
CA LEU A 7 -3.51 -4.76 -1.36
C LEU A 7 -2.61 -5.13 -0.22
N VAL A 8 -1.73 -6.05 -0.49
CA VAL A 8 -0.82 -6.52 0.52
C VAL A 8 0.53 -5.84 0.33
N LEU A 9 0.90 -5.06 1.30
CA LEU A 9 2.14 -4.32 1.27
C LEU A 9 3.14 -5.02 2.15
N ASP A 10 4.31 -5.25 1.60
CA ASP A 10 5.38 -5.90 2.34
C ASP A 10 6.11 -4.85 3.17
N LEU A 11 6.03 -4.98 4.46
CA LEU A 11 6.58 -4.02 5.37
C LEU A 11 8.09 -4.14 5.48
N GLU A 12 8.60 -5.33 5.28
CA GLU A 12 10.02 -5.53 5.37
C GLU A 12 10.72 -5.03 4.12
N ARG A 13 10.03 -5.15 3.00
CA ARG A 13 10.51 -4.59 1.74
C ARG A 13 10.55 -3.08 1.88
N LEU A 14 9.51 -2.56 2.54
CA LEU A 14 9.35 -1.14 2.79
C LEU A 14 10.46 -0.62 3.71
N ALA A 15 10.95 -1.47 4.58
CA ALA A 15 12.03 -1.11 5.49
C ALA A 15 13.35 -0.93 4.73
N THR A 16 13.43 -1.55 3.57
CA THR A 16 14.60 -1.45 2.73
C THR A 16 14.45 -0.25 1.75
N VAL A 17 13.30 0.37 1.78
CA VAL A 17 13.03 1.55 0.96
C VAL A 17 13.46 2.79 1.75
N PRO A 18 14.16 3.75 1.12
CA PRO A 18 14.63 4.98 1.78
C PRO A 18 13.49 5.76 2.49
N ALA A 19 13.82 6.32 3.65
CA ALA A 19 12.90 7.00 4.56
C ALA A 19 12.16 8.18 3.93
N GLU A 20 12.71 8.71 2.84
CA GLU A 20 12.11 9.83 2.09
C GLU A 20 10.64 9.57 1.77
N LYS A 21 10.32 8.34 1.37
CA LYS A 21 8.98 7.99 1.03
C LYS A 21 8.49 6.83 1.88
N ALA A 22 9.40 6.03 2.38
CA ALA A 22 9.03 4.89 3.17
C ALA A 22 8.62 5.30 4.57
N GLY A 23 9.32 6.29 5.12
CA GLY A 23 9.12 6.75 6.51
C GLY A 23 7.66 6.97 6.89
N PRO A 24 6.92 7.87 6.18
CA PRO A 24 5.49 8.11 6.44
C PRO A 24 4.65 6.82 6.42
N LEU A 25 4.97 5.91 5.51
CA LEU A 25 4.21 4.66 5.38
C LEU A 25 4.58 3.69 6.48
N GLN A 26 5.86 3.66 6.84
CA GLN A 26 6.35 2.82 7.93
C GLN A 26 5.68 3.23 9.23
N ARG A 27 5.39 4.51 9.35
CA ARG A 27 4.70 5.03 10.51
C ARG A 27 3.23 4.67 10.46
N TYR A 28 2.62 4.89 9.31
CA TYR A 28 1.21 4.56 9.06
C TYR A 28 0.95 3.09 9.42
N ALA A 29 1.74 2.20 8.83
CA ALA A 29 1.62 0.77 9.02
C ALA A 29 1.81 0.39 10.48
N ALA A 30 2.83 0.96 11.11
CA ALA A 30 3.13 0.66 12.50
C ALA A 30 1.99 1.06 13.42
N THR A 31 1.37 2.18 13.11
CA THR A 31 0.31 2.70 13.93
C THR A 31 -0.96 1.85 13.77
N ILE A 32 -1.26 1.46 12.53
CA ILE A 32 -2.42 0.61 12.27
C ILE A 32 -2.23 -0.74 12.94
N GLN A 33 -1.07 -1.34 12.74
CA GLN A 33 -0.78 -2.64 13.31
C GLN A 33 -0.79 -2.65 14.83
N SER A 34 -0.16 -1.68 15.45
CA SER A 34 -0.10 -1.64 16.89
C SER A 34 -1.49 -1.44 17.52
N GLN A 35 -2.35 -0.68 16.86
CA GLN A 35 -3.67 -0.46 17.40
C GLN A 35 -4.62 -1.63 17.11
N ARG A 36 -4.32 -2.43 16.08
CA ARG A 36 -5.15 -3.60 15.79
C ARG A 36 -4.71 -4.78 16.63
N GLY A 37 -3.45 -4.79 17.00
CA GLY A 37 -2.90 -5.88 17.79
C GLY A 37 -1.71 -6.47 17.09
N ASP A 38 -1.90 -6.74 15.80
CA ASP A 38 -0.87 -7.23 14.87
C ASP A 38 -0.59 -8.71 14.96
N TYR A 39 -0.74 -9.35 13.83
CA TYR A 39 -0.36 -10.72 13.63
C TYR A 39 0.09 -10.83 12.17
N ASN A 40 0.50 -9.69 11.65
CA ASN A 40 0.89 -9.60 10.27
C ASN A 40 2.38 -9.53 10.15
N GLY A 41 2.98 -8.58 10.90
CA GLY A 41 4.43 -8.41 10.96
C GLY A 41 5.10 -8.03 9.63
N LYS A 42 5.17 -8.97 8.74
CA LYS A 42 5.85 -8.82 7.47
C LYS A 42 4.98 -8.13 6.43
N VAL A 43 3.71 -8.45 6.41
CA VAL A 43 2.83 -7.94 5.36
C VAL A 43 1.55 -7.32 5.91
N LEU A 44 1.23 -6.14 5.46
CA LEU A 44 0.02 -5.46 5.85
C LEU A 44 -0.94 -5.48 4.68
N SER A 45 -2.17 -5.81 4.93
CA SER A 45 -3.13 -5.86 3.89
C SER A 45 -4.14 -4.73 4.08
N ILE A 46 -4.27 -3.89 3.08
CA ILE A 46 -5.22 -2.80 3.12
C ILE A 46 -6.21 -2.97 1.96
N ARG A 47 -7.14 -2.05 1.86
CA ARG A 47 -8.15 -2.09 0.83
C ARG A 47 -7.72 -1.23 -0.35
N GLN A 48 -8.39 -1.38 -1.47
CA GLN A 48 -8.07 -0.62 -2.68
C GLN A 48 -8.44 0.82 -2.46
N ASP A 49 -9.57 1.01 -1.82
CA ASP A 49 -10.10 2.33 -1.49
C ASP A 49 -9.31 2.93 -0.35
N ASP A 50 -8.81 2.08 0.51
CA ASP A 50 -8.04 2.50 1.70
C ASP A 50 -6.67 3.02 1.29
N LEU A 51 -6.23 2.59 0.12
CA LEU A 51 -4.96 3.03 -0.48
C LEU A 51 -5.01 4.53 -0.80
N ARG A 52 -6.22 5.03 -1.08
CA ARG A 52 -6.38 6.43 -1.44
C ARG A 52 -6.04 7.36 -0.30
N THR A 53 -6.09 6.83 0.91
CA THR A 53 -5.76 7.56 2.12
C THR A 53 -4.28 7.96 2.06
N LEU A 54 -3.46 7.02 1.62
CA LEU A 54 -2.02 7.20 1.54
C LEU A 54 -1.65 8.24 0.51
N ALA A 55 -2.44 8.30 -0.55
CA ALA A 55 -2.23 9.27 -1.62
C ALA A 55 -2.38 10.70 -1.08
N VAL A 56 -3.26 10.85 -0.11
CA VAL A 56 -3.51 12.15 0.51
C VAL A 56 -2.33 12.51 1.40
N ILE A 57 -1.86 11.52 2.14
CA ILE A 57 -0.77 11.70 3.11
C ILE A 57 0.51 12.17 2.42
N TYR A 58 0.85 11.54 1.32
CA TYR A 58 2.11 11.87 0.65
C TYR A 58 1.90 12.96 -0.35
N ASP A 59 0.62 13.26 -0.62
CA ASP A 59 0.21 14.27 -1.57
C ASP A 59 0.64 13.85 -2.98
N GLN A 60 0.14 12.71 -3.37
CA GLN A 60 0.44 12.10 -4.65
C GLN A 60 -0.86 11.72 -5.32
N SER A 61 -0.86 11.67 -6.61
CA SER A 61 -2.01 11.25 -7.36
C SER A 61 -2.15 9.73 -7.22
N PRO A 62 -3.39 9.20 -7.00
CA PRO A 62 -3.63 7.74 -6.81
C PRO A 62 -2.92 6.86 -7.85
N SER A 63 -2.96 7.28 -9.10
CA SER A 63 -2.32 6.59 -10.20
C SER A 63 -0.81 6.40 -9.94
N VAL A 64 -0.13 7.52 -9.67
CA VAL A 64 1.31 7.52 -9.43
C VAL A 64 1.62 6.79 -8.13
N LEU A 65 0.76 6.99 -7.15
CA LEU A 65 0.88 6.38 -5.84
C LEU A 65 0.85 4.85 -5.96
N THR A 66 -0.06 4.33 -6.75
CA THR A 66 -0.19 2.89 -6.96
C THR A 66 1.12 2.35 -7.59
N GLU A 67 1.62 3.08 -8.58
CA GLU A 67 2.84 2.71 -9.28
C GLU A 67 4.06 2.74 -8.38
N GLN A 68 4.07 3.63 -7.39
CA GLN A 68 5.15 3.74 -6.43
C GLN A 68 5.36 2.43 -5.69
N LEU A 69 4.30 1.94 -5.06
CA LEU A 69 4.37 0.70 -4.28
C LEU A 69 4.81 -0.48 -5.15
N ILE A 70 4.34 -0.48 -6.37
CA ILE A 70 4.70 -1.49 -7.35
C ILE A 70 6.19 -1.37 -7.74
N SER A 71 6.63 -0.14 -7.93
CA SER A 71 7.99 0.15 -8.32
C SER A 71 8.97 -0.27 -7.22
N TRP A 72 8.62 0.01 -5.97
CA TRP A 72 9.49 -0.31 -4.83
C TRP A 72 9.48 -1.82 -4.56
N GLY A 73 8.49 -2.51 -5.12
CA GLY A 73 8.36 -3.93 -4.92
C GLY A 73 7.67 -4.24 -3.62
N VAL A 74 6.93 -3.27 -3.12
CA VAL A 74 6.19 -3.43 -1.88
C VAL A 74 4.81 -3.99 -2.21
N LEU A 75 4.40 -3.76 -3.44
CA LEU A 75 3.15 -4.24 -3.97
C LEU A 75 3.42 -4.80 -5.36
N ASP A 76 2.59 -5.71 -5.79
CA ASP A 76 2.71 -6.33 -7.10
C ASP A 76 1.86 -5.61 -8.12
N ALA A 77 2.28 -5.65 -9.37
CA ALA A 77 1.53 -5.03 -10.47
C ALA A 77 0.30 -5.86 -10.81
N ASP A 78 0.28 -7.04 -10.29
CA ASP A 78 -0.84 -7.97 -10.39
C ASP A 78 -2.10 -7.39 -9.71
N ALA A 79 -1.87 -6.47 -8.80
CA ALA A 79 -2.94 -5.80 -8.06
C ALA A 79 -3.71 -4.80 -8.95
N ARG A 80 -3.06 -4.31 -10.00
CA ARG A 80 -3.61 -3.29 -10.93
C ARG A 80 -4.97 -3.70 -11.51
N ARG A 81 -5.15 -5.01 -11.68
CA ARG A 81 -6.39 -5.55 -12.26
C ARG A 81 -7.58 -5.32 -11.31
N ALA A 82 -7.30 -5.02 -10.06
CA ALA A 82 -8.34 -4.75 -9.10
C ALA A 82 -8.67 -3.27 -9.09
N VAL A 83 -7.66 -2.45 -9.36
CA VAL A 83 -7.80 -1.00 -9.37
C VAL A 83 -8.64 -0.58 -10.57
N ALA A 84 -8.39 -1.24 -11.69
CA ALA A 84 -9.15 -1.01 -12.90
C ALA A 84 -10.51 -1.66 -12.74
N SER A 85 -11.56 -0.88 -12.81
CA SER A 85 -12.89 -1.42 -12.64
C SER A 85 -13.37 -2.06 -13.94
N HIS A 86 -12.95 -1.49 -15.05
CA HIS A 86 -13.28 -1.98 -16.37
C HIS A 86 -12.21 -1.50 -17.34
N ASP A 87 -11.79 -2.35 -18.23
CA ASP A 87 -10.76 -1.97 -19.19
C ASP A 87 -11.39 -1.18 -20.31
N GLU A 88 -10.69 -0.15 -20.74
CA GLU A 88 -11.16 0.79 -21.75
C GLU A 88 -12.36 1.58 -21.20
N LEU A 89 -13.53 1.32 -21.73
CA LEU A 89 -14.76 1.97 -21.32
C LEU A 89 -15.88 0.98 -21.45
N MET A 1 -17.84 -15.15 -9.47
CA MET A 1 -17.32 -15.13 -8.11
C MET A 1 -15.83 -15.14 -8.12
N GLU A 2 -15.25 -13.97 -8.06
CA GLU A 2 -13.83 -13.82 -8.04
C GLU A 2 -13.48 -12.96 -6.85
N PRO A 3 -12.43 -13.31 -6.11
CA PRO A 3 -11.98 -12.49 -5.00
C PRO A 3 -11.45 -11.14 -5.49
N PRO A 4 -11.88 -10.04 -4.87
CA PRO A 4 -11.41 -8.71 -5.24
C PRO A 4 -9.92 -8.58 -4.93
N PRO A 5 -9.19 -7.75 -5.69
CA PRO A 5 -7.75 -7.57 -5.50
C PRO A 5 -7.43 -7.08 -4.09
N LYS A 6 -6.75 -7.90 -3.35
CA LYS A 6 -6.33 -7.54 -2.02
C LYS A 6 -4.89 -7.14 -2.09
N LEU A 7 -4.62 -5.98 -1.61
CA LEU A 7 -3.35 -5.39 -1.72
C LEU A 7 -2.47 -5.85 -0.60
N VAL A 8 -1.46 -6.61 -0.95
CA VAL A 8 -0.47 -7.05 -0.03
C VAL A 8 0.69 -6.08 -0.11
N LEU A 9 0.88 -5.35 0.94
CA LEU A 9 1.93 -4.38 1.02
C LEU A 9 2.99 -4.95 1.95
N ASP A 10 4.13 -5.29 1.39
CA ASP A 10 5.22 -5.92 2.14
C ASP A 10 5.89 -4.90 3.06
N LEU A 11 5.68 -5.04 4.34
CA LEU A 11 6.15 -4.07 5.31
C LEU A 11 7.63 -4.21 5.58
N GLU A 12 8.18 -5.37 5.31
CA GLU A 12 9.59 -5.57 5.57
C GLU A 12 10.42 -5.01 4.42
N ARG A 13 9.93 -5.20 3.20
CA ARG A 13 10.57 -4.60 2.03
C ARG A 13 10.42 -3.08 2.12
N LEU A 14 9.33 -2.64 2.72
CA LEU A 14 9.05 -1.23 2.93
C LEU A 14 10.13 -0.59 3.83
N ALA A 15 10.68 -1.38 4.73
CA ALA A 15 11.71 -0.91 5.64
C ALA A 15 13.02 -0.67 4.89
N THR A 16 13.24 -1.46 3.86
CA THR A 16 14.44 -1.34 3.07
C THR A 16 14.31 -0.30 1.93
N VAL A 17 13.20 0.42 1.93
CA VAL A 17 12.98 1.49 0.98
C VAL A 17 13.40 2.80 1.64
N PRO A 18 14.23 3.63 0.96
CA PRO A 18 14.74 4.92 1.49
C PRO A 18 13.69 5.78 2.20
N ALA A 19 14.13 6.44 3.26
CA ALA A 19 13.30 7.28 4.12
C ALA A 19 12.69 8.42 3.35
N GLU A 20 13.36 8.82 2.29
CA GLU A 20 12.88 9.87 1.37
C GLU A 20 11.49 9.51 0.87
N LYS A 21 11.29 8.24 0.58
CA LYS A 21 10.06 7.77 -0.01
C LYS A 21 9.15 7.10 1.00
N ALA A 22 9.68 6.17 1.75
CA ALA A 22 8.88 5.35 2.64
C ALA A 22 8.82 5.88 4.07
N GLY A 23 9.46 7.01 4.31
CA GLY A 23 9.58 7.59 5.66
C GLY A 23 8.27 7.65 6.46
N PRO A 24 7.32 8.51 6.06
CA PRO A 24 6.02 8.65 6.76
C PRO A 24 5.15 7.39 6.59
N LEU A 25 5.45 6.63 5.57
CA LEU A 25 4.71 5.45 5.21
C LEU A 25 4.99 4.32 6.19
N GLN A 26 6.24 4.19 6.62
CA GLN A 26 6.62 3.20 7.64
C GLN A 26 5.90 3.52 8.96
N ARG A 27 5.75 4.82 9.20
CA ARG A 27 5.04 5.28 10.39
C ARG A 27 3.57 4.96 10.33
N TYR A 28 2.97 5.14 9.16
CA TYR A 28 1.56 4.84 8.99
C TYR A 28 1.33 3.35 9.17
N ALA A 29 2.27 2.56 8.66
CA ALA A 29 2.24 1.12 8.80
C ALA A 29 2.22 0.73 10.29
N ALA A 30 3.05 1.41 11.08
CA ALA A 30 3.10 1.17 12.51
C ALA A 30 1.77 1.54 13.16
N THR A 31 1.20 2.65 12.72
CA THR A 31 -0.09 3.10 13.18
C THR A 31 -1.18 2.05 12.85
N ILE A 32 -1.05 1.41 11.69
CA ILE A 32 -1.97 0.34 11.30
C ILE A 32 -1.80 -0.84 12.22
N GLN A 33 -0.56 -1.20 12.50
CA GLN A 33 -0.24 -2.31 13.40
C GLN A 33 -0.81 -2.08 14.78
N SER A 34 -0.69 -0.85 15.24
CA SER A 34 -1.23 -0.47 16.51
C SER A 34 -2.77 -0.57 16.51
N GLN A 35 -3.38 -0.34 15.35
CA GLN A 35 -4.82 -0.48 15.21
C GLN A 35 -5.23 -1.95 15.06
N ARG A 36 -4.38 -2.75 14.44
CA ARG A 36 -4.66 -4.17 14.23
C ARG A 36 -4.54 -4.95 15.55
N GLY A 37 -3.72 -4.45 16.46
CA GLY A 37 -3.52 -5.09 17.75
C GLY A 37 -2.91 -6.47 17.60
N ASP A 38 -2.04 -6.60 16.62
CA ASP A 38 -1.42 -7.86 16.29
C ASP A 38 -0.02 -7.56 15.85
N TYR A 39 0.91 -8.48 16.00
CA TYR A 39 2.28 -8.17 15.68
C TYR A 39 2.69 -8.59 14.28
N ASN A 40 1.78 -9.17 13.52
CA ASN A 40 2.10 -9.56 12.14
C ASN A 40 2.22 -8.32 11.29
N GLY A 41 3.42 -7.84 11.16
CA GLY A 41 3.67 -6.68 10.37
C GLY A 41 4.71 -6.97 9.37
N LYS A 42 4.62 -8.13 8.79
CA LYS A 42 5.56 -8.53 7.79
C LYS A 42 5.03 -8.09 6.45
N VAL A 43 3.73 -8.22 6.32
CA VAL A 43 2.98 -7.81 5.16
C VAL A 43 1.69 -7.22 5.69
N LEU A 44 1.11 -6.34 4.95
CA LEU A 44 -0.13 -5.73 5.33
C LEU A 44 -1.16 -5.95 4.24
N SER A 45 -2.35 -6.30 4.64
CA SER A 45 -3.44 -6.50 3.72
C SER A 45 -4.41 -5.32 3.77
N ILE A 46 -4.59 -4.66 2.65
CA ILE A 46 -5.51 -3.54 2.53
C ILE A 46 -6.22 -3.59 1.19
N ARG A 47 -7.21 -2.75 1.02
CA ARG A 47 -7.91 -2.60 -0.23
C ARG A 47 -7.54 -1.27 -0.83
N GLN A 48 -7.96 -1.04 -2.05
CA GLN A 48 -7.69 0.23 -2.76
C GLN A 48 -8.37 1.38 -2.02
N ASP A 49 -9.47 1.04 -1.39
CA ASP A 49 -10.28 1.95 -0.60
C ASP A 49 -9.51 2.43 0.62
N ASP A 50 -8.65 1.57 1.13
CA ASP A 50 -7.85 1.89 2.28
C ASP A 50 -6.61 2.62 1.82
N LEU A 51 -6.03 2.10 0.72
CA LEU A 51 -4.82 2.64 0.08
C LEU A 51 -5.01 4.11 -0.29
N ARG A 52 -6.24 4.47 -0.63
CA ARG A 52 -6.64 5.84 -0.96
C ARG A 52 -6.22 6.82 0.13
N THR A 53 -6.40 6.42 1.39
CA THR A 53 -6.06 7.23 2.54
C THR A 53 -4.57 7.57 2.54
N LEU A 54 -3.74 6.59 2.22
CA LEU A 54 -2.29 6.75 2.23
C LEU A 54 -1.84 7.76 1.21
N ALA A 55 -2.43 7.67 0.02
CA ALA A 55 -2.09 8.56 -1.08
C ALA A 55 -2.35 10.02 -0.72
N VAL A 56 -3.45 10.24 0.01
CA VAL A 56 -3.87 11.57 0.40
C VAL A 56 -2.86 12.21 1.37
N ILE A 57 -2.27 11.38 2.22
CA ILE A 57 -1.31 11.84 3.22
C ILE A 57 -0.04 12.40 2.54
N TYR A 58 0.27 11.86 1.38
CA TYR A 58 1.49 12.25 0.69
C TYR A 58 1.16 13.21 -0.43
N ASP A 59 -0.13 13.59 -0.49
CA ASP A 59 -0.69 14.54 -1.49
C ASP A 59 -0.50 13.98 -2.91
N GLN A 60 -0.59 12.68 -3.02
CA GLN A 60 -0.37 12.00 -4.28
C GLN A 60 -1.65 11.36 -4.77
N SER A 61 -1.66 10.99 -6.03
CA SER A 61 -2.77 10.30 -6.59
C SER A 61 -2.59 8.80 -6.31
N PRO A 62 -3.68 8.07 -6.00
CA PRO A 62 -3.62 6.63 -5.69
C PRO A 62 -2.92 5.81 -6.76
N SER A 63 -3.11 6.19 -8.01
CA SER A 63 -2.51 5.50 -9.13
C SER A 63 -0.98 5.59 -9.07
N VAL A 64 -0.49 6.81 -8.94
CA VAL A 64 0.94 7.08 -8.85
C VAL A 64 1.54 6.41 -7.61
N LEU A 65 0.80 6.51 -6.51
CA LEU A 65 1.20 5.91 -5.25
C LEU A 65 1.36 4.40 -5.43
N THR A 66 0.38 3.77 -6.06
CA THR A 66 0.39 2.35 -6.33
C THR A 66 1.61 1.95 -7.17
N GLU A 67 1.85 2.68 -8.26
CA GLU A 67 2.94 2.38 -9.17
C GLU A 67 4.30 2.45 -8.50
N GLN A 68 4.45 3.37 -7.55
CA GLN A 68 5.66 3.49 -6.77
C GLN A 68 5.88 2.24 -5.93
N LEU A 69 4.88 1.90 -5.14
CA LEU A 69 4.93 0.74 -4.25
C LEU A 69 5.23 -0.55 -5.00
N ILE A 70 4.67 -0.70 -6.18
CA ILE A 70 4.92 -1.87 -7.00
C ILE A 70 6.39 -1.88 -7.47
N SER A 71 6.89 -0.72 -7.87
CA SER A 71 8.24 -0.58 -8.39
C SER A 71 9.32 -0.90 -7.34
N TRP A 72 9.02 -0.68 -6.08
CA TRP A 72 9.99 -0.95 -5.01
C TRP A 72 9.89 -2.40 -4.58
N GLY A 73 8.92 -3.11 -5.12
CA GLY A 73 8.72 -4.51 -4.81
C GLY A 73 7.99 -4.68 -3.51
N VAL A 74 7.31 -3.64 -3.10
CA VAL A 74 6.59 -3.63 -1.85
C VAL A 74 5.17 -4.11 -2.05
N LEU A 75 4.53 -3.59 -3.06
CA LEU A 75 3.15 -3.93 -3.33
C LEU A 75 3.07 -4.88 -4.50
N ASP A 76 2.12 -5.80 -4.42
CA ASP A 76 1.87 -6.76 -5.49
C ASP A 76 1.44 -6.00 -6.75
N ALA A 77 1.92 -6.44 -7.90
CA ALA A 77 1.66 -5.77 -9.16
C ALA A 77 0.19 -5.85 -9.57
N ASP A 78 -0.55 -6.79 -9.00
CA ASP A 78 -2.00 -7.03 -9.32
C ASP A 78 -2.84 -5.80 -9.04
N ALA A 79 -2.31 -4.91 -8.21
CA ALA A 79 -2.93 -3.64 -7.84
C ALA A 79 -3.40 -2.85 -9.06
N ARG A 80 -2.74 -3.07 -10.17
CA ARG A 80 -3.06 -2.43 -11.43
C ARG A 80 -4.52 -2.69 -11.88
N ARG A 81 -5.08 -3.86 -11.55
CA ARG A 81 -6.46 -4.13 -11.92
C ARG A 81 -7.42 -3.52 -10.90
N ALA A 82 -6.90 -3.18 -9.73
CA ALA A 82 -7.73 -2.56 -8.69
C ALA A 82 -7.96 -1.10 -9.02
N VAL A 83 -6.99 -0.52 -9.71
CA VAL A 83 -7.09 0.88 -10.16
C VAL A 83 -7.94 0.94 -11.46
N ALA A 84 -8.44 -0.21 -11.85
CA ALA A 84 -9.32 -0.33 -12.98
C ALA A 84 -10.70 -0.71 -12.48
N SER A 85 -10.77 -1.83 -11.79
CA SER A 85 -12.00 -2.30 -11.22
C SER A 85 -12.12 -1.80 -9.78
N HIS A 86 -12.81 -0.70 -9.63
CA HIS A 86 -13.02 -0.11 -8.33
C HIS A 86 -14.31 -0.63 -7.74
N ASP A 87 -15.32 -0.72 -8.59
CA ASP A 87 -16.66 -1.10 -8.16
C ASP A 87 -16.82 -2.59 -8.06
N GLU A 88 -17.56 -2.97 -7.05
CA GLU A 88 -17.91 -4.32 -6.77
C GLU A 88 -18.99 -4.27 -5.69
N LEU A 89 -19.66 -5.37 -5.47
CA LEU A 89 -20.66 -5.47 -4.45
C LEU A 89 -19.96 -5.84 -3.15
N MET A 1 -18.91 -8.09 -7.66
CA MET A 1 -18.28 -7.62 -6.43
C MET A 1 -17.97 -8.79 -5.54
N GLU A 2 -16.72 -9.03 -5.35
CA GLU A 2 -16.23 -10.06 -4.48
C GLU A 2 -15.34 -9.43 -3.40
N PRO A 3 -14.93 -10.18 -2.33
CA PRO A 3 -14.06 -9.65 -1.27
C PRO A 3 -12.86 -8.87 -1.84
N PRO A 4 -12.76 -7.56 -1.51
CA PRO A 4 -11.73 -6.65 -2.03
C PRO A 4 -10.32 -7.22 -1.95
N PRO A 5 -9.61 -7.26 -3.09
CA PRO A 5 -8.23 -7.68 -3.14
C PRO A 5 -7.40 -6.81 -2.23
N LYS A 6 -6.87 -7.41 -1.21
CA LYS A 6 -6.12 -6.72 -0.24
C LYS A 6 -4.74 -6.45 -0.76
N LEU A 7 -4.35 -5.23 -0.65
CA LEU A 7 -3.07 -4.81 -1.08
C LEU A 7 -2.09 -5.23 -0.03
N VAL A 8 -1.36 -6.26 -0.31
CA VAL A 8 -0.41 -6.75 0.63
C VAL A 8 0.89 -6.05 0.40
N LEU A 9 1.26 -5.26 1.35
CA LEU A 9 2.48 -4.54 1.33
C LEU A 9 3.50 -5.34 2.09
N ASP A 10 4.58 -5.64 1.45
CA ASP A 10 5.65 -6.36 2.10
C ASP A 10 6.41 -5.38 2.97
N LEU A 11 6.33 -5.58 4.27
CA LEU A 11 6.93 -4.65 5.22
C LEU A 11 8.45 -4.70 5.19
N GLU A 12 9.01 -5.82 4.79
CA GLU A 12 10.45 -5.96 4.66
C GLU A 12 10.96 -5.10 3.50
N ARG A 13 10.28 -5.22 2.38
CA ARG A 13 10.57 -4.41 1.21
C ARG A 13 10.33 -2.95 1.51
N LEU A 14 9.27 -2.68 2.23
CA LEU A 14 8.93 -1.33 2.64
C LEU A 14 10.03 -0.73 3.51
N ALA A 15 10.57 -1.55 4.40
CA ALA A 15 11.66 -1.13 5.28
C ALA A 15 12.97 -0.99 4.52
N THR A 16 13.02 -1.57 3.34
CA THR A 16 14.17 -1.49 2.48
C THR A 16 14.17 -0.14 1.74
N VAL A 17 13.00 0.41 1.56
CA VAL A 17 12.85 1.68 0.89
C VAL A 17 13.22 2.79 1.88
N PRO A 18 14.02 3.79 1.45
CA PRO A 18 14.46 4.91 2.30
C PRO A 18 13.29 5.66 2.96
N ALA A 19 13.57 6.26 4.12
CA ALA A 19 12.56 6.99 4.91
C ALA A 19 12.00 8.17 4.15
N GLU A 20 12.79 8.73 3.24
CA GLU A 20 12.33 9.80 2.36
C GLU A 20 11.07 9.39 1.58
N LYS A 21 10.96 8.11 1.29
CA LYS A 21 9.81 7.62 0.54
C LYS A 21 8.87 6.82 1.42
N ALA A 22 9.42 5.82 2.09
CA ALA A 22 8.62 4.87 2.84
C ALA A 22 8.41 5.28 4.28
N GLY A 23 9.12 6.29 4.71
CA GLY A 23 9.02 6.76 6.10
C GLY A 23 7.62 7.17 6.51
N PRO A 24 6.97 8.13 5.80
CA PRO A 24 5.61 8.58 6.15
C PRO A 24 4.58 7.47 5.91
N LEU A 25 4.94 6.53 5.06
CA LEU A 25 4.12 5.39 4.73
C LEU A 25 4.16 4.43 5.93
N GLN A 26 5.37 4.19 6.44
CA GLN A 26 5.59 3.30 7.58
C GLN A 26 4.95 3.82 8.85
N ARG A 27 4.77 5.13 8.94
CA ARG A 27 4.08 5.72 10.09
C ARG A 27 2.65 5.21 10.12
N TYR A 28 1.99 5.34 8.98
CA TYR A 28 0.63 4.88 8.78
C TYR A 28 0.58 3.37 8.94
N ALA A 29 1.56 2.71 8.33
CA ALA A 29 1.69 1.26 8.38
C ALA A 29 1.75 0.75 9.80
N ALA A 30 2.59 1.39 10.63
CA ALA A 30 2.75 0.99 12.03
C ALA A 30 1.43 1.11 12.77
N THR A 31 0.69 2.15 12.45
CA THR A 31 -0.61 2.38 13.03
C THR A 31 -1.56 1.23 12.63
N ILE A 32 -1.55 0.87 11.36
CA ILE A 32 -2.40 -0.22 10.87
C ILE A 32 -1.95 -1.57 11.43
N GLN A 33 -0.65 -1.79 11.51
CA GLN A 33 -0.11 -3.04 12.08
C GLN A 33 -0.60 -3.22 13.49
N SER A 34 -0.47 -2.19 14.26
CA SER A 34 -0.84 -2.21 15.65
C SER A 34 -2.36 -2.37 15.81
N GLN A 35 -3.13 -1.55 15.11
CA GLN A 35 -4.57 -1.52 15.32
C GLN A 35 -5.36 -2.56 14.51
N ARG A 36 -5.04 -2.77 13.23
CA ARG A 36 -5.88 -3.67 12.44
C ARG A 36 -5.17 -4.97 12.08
N GLY A 37 -3.85 -4.92 11.95
CA GLY A 37 -3.11 -6.13 11.61
C GLY A 37 -2.86 -6.95 12.83
N ASP A 38 -3.17 -6.33 13.95
CA ASP A 38 -2.97 -6.85 15.29
C ASP A 38 -1.57 -7.41 15.49
N TYR A 39 -0.61 -6.51 15.40
CA TYR A 39 0.78 -6.74 15.63
C TYR A 39 1.40 -7.82 14.74
N ASN A 40 1.85 -7.38 13.59
CA ASN A 40 2.53 -8.22 12.63
C ASN A 40 3.35 -7.32 11.77
N GLY A 41 4.65 -7.56 11.72
CA GLY A 41 5.54 -6.71 10.98
C GLY A 41 6.14 -7.43 9.80
N LYS A 42 5.43 -8.38 9.28
CA LYS A 42 5.89 -9.16 8.16
C LYS A 42 5.25 -8.65 6.87
N VAL A 43 3.94 -8.64 6.87
CA VAL A 43 3.16 -8.18 5.75
C VAL A 43 2.01 -7.33 6.27
N LEU A 44 1.52 -6.45 5.45
CA LEU A 44 0.41 -5.62 5.82
C LEU A 44 -0.65 -5.72 4.74
N SER A 45 -1.87 -5.94 5.12
CA SER A 45 -2.95 -6.02 4.17
C SER A 45 -3.88 -4.83 4.32
N ILE A 46 -3.92 -3.99 3.33
CA ILE A 46 -4.81 -2.85 3.33
C ILE A 46 -5.68 -2.90 2.10
N ARG A 47 -6.64 -2.04 2.02
CA ARG A 47 -7.47 -1.95 0.86
C ARG A 47 -6.98 -0.84 -0.02
N GLN A 48 -7.55 -0.75 -1.21
CA GLN A 48 -7.27 0.36 -2.10
C GLN A 48 -7.90 1.60 -1.51
N ASP A 49 -8.93 1.39 -0.69
CA ASP A 49 -9.60 2.45 0.03
C ASP A 49 -8.64 3.12 0.99
N ASP A 50 -7.78 2.31 1.62
CA ASP A 50 -6.78 2.81 2.57
C ASP A 50 -5.72 3.58 1.81
N LEU A 51 -5.36 3.04 0.65
CA LEU A 51 -4.35 3.63 -0.20
C LEU A 51 -4.83 4.98 -0.76
N ARG A 52 -6.13 5.08 -0.97
CA ARG A 52 -6.75 6.31 -1.43
C ARG A 52 -6.49 7.42 -0.40
N THR A 53 -6.56 7.07 0.89
CA THR A 53 -6.27 7.99 1.96
C THR A 53 -4.75 8.28 2.00
N LEU A 54 -3.94 7.25 1.74
CA LEU A 54 -2.47 7.38 1.69
C LEU A 54 -2.06 8.45 0.70
N ALA A 55 -2.62 8.35 -0.49
CA ALA A 55 -2.33 9.26 -1.57
C ALA A 55 -2.64 10.71 -1.18
N VAL A 56 -3.62 10.89 -0.32
CA VAL A 56 -4.01 12.22 0.14
C VAL A 56 -2.95 12.76 1.10
N ILE A 57 -2.43 11.89 1.95
CA ILE A 57 -1.44 12.27 2.96
C ILE A 57 -0.16 12.80 2.29
N TYR A 58 0.32 12.05 1.32
CA TYR A 58 1.60 12.39 0.67
C TYR A 58 1.36 13.35 -0.49
N ASP A 59 0.08 13.63 -0.72
CA ASP A 59 -0.40 14.54 -1.75
C ASP A 59 0.08 14.07 -3.12
N GLN A 60 -0.34 12.88 -3.46
CA GLN A 60 0.04 12.21 -4.68
C GLN A 60 -1.18 11.60 -5.34
N SER A 61 -1.03 11.22 -6.57
CA SER A 61 -2.07 10.55 -7.29
C SER A 61 -2.10 9.09 -6.85
N PRO A 62 -3.31 8.55 -6.52
CA PRO A 62 -3.46 7.15 -6.09
C PRO A 62 -2.86 6.17 -7.10
N SER A 63 -3.00 6.51 -8.37
CA SER A 63 -2.49 5.71 -9.47
C SER A 63 -0.96 5.61 -9.38
N VAL A 64 -0.32 6.77 -9.23
CA VAL A 64 1.15 6.85 -9.17
C VAL A 64 1.65 6.23 -7.86
N LEU A 65 0.88 6.44 -6.82
CA LEU A 65 1.19 5.95 -5.48
C LEU A 65 1.25 4.42 -5.51
N THR A 66 0.22 3.81 -6.07
CA THR A 66 0.15 2.36 -6.20
C THR A 66 1.32 1.87 -7.05
N GLU A 67 1.57 2.62 -8.12
CA GLU A 67 2.60 2.31 -9.08
C GLU A 67 3.98 2.31 -8.42
N GLN A 68 4.23 3.30 -7.57
CA GLN A 68 5.48 3.39 -6.85
C GLN A 68 5.70 2.19 -5.94
N LEU A 69 4.70 1.87 -5.12
CA LEU A 69 4.76 0.71 -4.22
C LEU A 69 5.04 -0.59 -4.99
N ILE A 70 4.41 -0.72 -6.15
CA ILE A 70 4.64 -1.87 -7.01
C ILE A 70 6.07 -1.87 -7.55
N SER A 71 6.50 -0.72 -8.04
CA SER A 71 7.83 -0.56 -8.64
C SER A 71 8.95 -0.76 -7.61
N TRP A 72 8.71 -0.40 -6.35
CA TRP A 72 9.71 -0.59 -5.29
C TRP A 72 9.81 -2.06 -4.91
N GLY A 73 8.82 -2.84 -5.29
CA GLY A 73 8.80 -4.24 -5.00
C GLY A 73 8.13 -4.54 -3.68
N VAL A 74 7.35 -3.59 -3.22
CA VAL A 74 6.64 -3.73 -1.96
C VAL A 74 5.26 -4.32 -2.22
N LEU A 75 4.62 -3.79 -3.23
CA LEU A 75 3.30 -4.24 -3.59
C LEU A 75 3.40 -5.11 -4.85
N ASP A 76 2.48 -6.03 -4.99
CA ASP A 76 2.44 -6.92 -6.13
C ASP A 76 1.85 -6.20 -7.33
N ALA A 77 2.30 -6.54 -8.52
CA ALA A 77 1.88 -5.87 -9.76
C ALA A 77 0.38 -5.96 -9.99
N ASP A 78 -0.17 -7.15 -9.94
CA ASP A 78 -1.62 -7.40 -10.22
C ASP A 78 -2.57 -6.61 -9.35
N ALA A 79 -2.07 -6.16 -8.21
CA ALA A 79 -2.83 -5.37 -7.26
C ALA A 79 -3.30 -4.05 -7.88
N ARG A 80 -2.58 -3.59 -8.90
CA ARG A 80 -2.90 -2.34 -9.62
C ARG A 80 -4.33 -2.34 -10.17
N ARG A 81 -4.84 -3.52 -10.53
CA ARG A 81 -6.16 -3.62 -11.13
C ARG A 81 -7.25 -3.52 -10.08
N ALA A 82 -6.86 -3.67 -8.83
CA ALA A 82 -7.80 -3.56 -7.72
C ALA A 82 -8.00 -2.10 -7.40
N VAL A 83 -7.12 -1.28 -7.94
CA VAL A 83 -7.20 0.16 -7.79
C VAL A 83 -7.82 0.76 -9.06
N ALA A 84 -7.31 0.32 -10.21
CA ALA A 84 -7.81 0.77 -11.50
C ALA A 84 -7.75 -0.36 -12.50
N SER A 85 -8.88 -0.70 -13.07
CA SER A 85 -8.94 -1.74 -14.05
C SER A 85 -9.40 -1.15 -15.40
N HIS A 86 -9.46 -2.00 -16.41
CA HIS A 86 -9.84 -1.64 -17.77
C HIS A 86 -8.81 -0.74 -18.42
N ASP A 87 -7.84 -1.37 -18.99
CA ASP A 87 -6.73 -0.72 -19.67
C ASP A 87 -7.02 -0.53 -21.15
N GLU A 88 -6.14 0.16 -21.82
CA GLU A 88 -6.29 0.49 -23.23
C GLU A 88 -5.56 -0.51 -24.15
N LEU A 89 -5.05 -1.59 -23.60
CA LEU A 89 -4.35 -2.56 -24.42
C LEU A 89 -5.25 -3.75 -24.67
N MET A 1 -8.33 -13.73 -7.96
CA MET A 1 -9.73 -13.59 -8.41
C MET A 1 -10.46 -12.47 -7.68
N GLU A 2 -9.71 -11.53 -7.10
CA GLU A 2 -10.31 -10.47 -6.29
C GLU A 2 -10.78 -9.31 -7.18
N PRO A 3 -12.10 -9.05 -7.28
CA PRO A 3 -12.57 -7.83 -7.93
C PRO A 3 -12.06 -6.59 -7.13
N PRO A 4 -12.24 -6.50 -5.75
CA PRO A 4 -11.55 -5.51 -4.96
C PRO A 4 -10.25 -6.16 -4.44
N PRO A 5 -9.10 -5.80 -5.04
CA PRO A 5 -7.82 -6.42 -4.73
C PRO A 5 -7.39 -6.22 -3.30
N LYS A 6 -6.94 -7.30 -2.70
CA LYS A 6 -6.40 -7.26 -1.37
C LYS A 6 -4.96 -6.87 -1.52
N LEU A 7 -4.65 -5.65 -1.22
CA LEU A 7 -3.33 -5.15 -1.43
C LEU A 7 -2.43 -5.60 -0.30
N VAL A 8 -1.54 -6.49 -0.61
CA VAL A 8 -0.62 -7.03 0.37
C VAL A 8 0.74 -6.39 0.20
N LEU A 9 1.13 -5.64 1.19
CA LEU A 9 2.40 -4.95 1.19
C LEU A 9 3.37 -5.71 2.06
N ASP A 10 4.52 -6.03 1.52
CA ASP A 10 5.56 -6.68 2.32
C ASP A 10 6.26 -5.64 3.14
N LEU A 11 6.06 -5.67 4.43
CA LEU A 11 6.61 -4.67 5.34
C LEU A 11 8.12 -4.75 5.40
N GLU A 12 8.65 -5.95 5.30
CA GLU A 12 10.09 -6.14 5.33
C GLU A 12 10.74 -5.58 4.06
N ARG A 13 10.00 -5.64 2.97
CA ARG A 13 10.47 -5.07 1.72
C ARG A 13 10.33 -3.55 1.80
N LEU A 14 9.28 -3.10 2.47
CA LEU A 14 9.02 -1.68 2.69
C LEU A 14 10.12 -1.06 3.56
N ALA A 15 10.70 -1.87 4.43
CA ALA A 15 11.80 -1.45 5.31
C ALA A 15 13.12 -1.31 4.54
N THR A 16 13.07 -1.56 3.25
CA THR A 16 14.23 -1.42 2.40
C THR A 16 14.06 -0.16 1.51
N VAL A 17 12.97 0.56 1.75
CA VAL A 17 12.68 1.77 1.02
C VAL A 17 12.95 2.96 1.95
N PRO A 18 13.79 3.92 1.51
CA PRO A 18 14.17 5.08 2.31
C PRO A 18 12.97 6.00 2.68
N ALA A 19 13.16 6.78 3.74
CA ALA A 19 12.14 7.63 4.35
C ALA A 19 11.56 8.69 3.40
N GLU A 20 12.32 9.13 2.43
CA GLU A 20 11.85 10.11 1.46
C GLU A 20 10.68 9.59 0.64
N LYS A 21 10.54 8.29 0.55
CA LYS A 21 9.44 7.72 -0.18
C LYS A 21 8.53 6.90 0.72
N ALA A 22 9.11 6.11 1.61
CA ALA A 22 8.31 5.23 2.44
C ALA A 22 8.12 5.73 3.86
N GLY A 23 8.70 6.88 4.18
CA GLY A 23 8.68 7.43 5.57
C GLY A 23 7.31 7.45 6.24
N PRO A 24 6.35 8.25 5.73
CA PRO A 24 5.01 8.34 6.33
C PRO A 24 4.27 7.01 6.24
N LEU A 25 4.59 6.25 5.22
CA LEU A 25 3.96 4.96 4.97
C LEU A 25 4.36 3.94 6.01
N GLN A 26 5.64 3.92 6.37
CA GLN A 26 6.14 3.02 7.38
C GLN A 26 5.53 3.37 8.73
N ARG A 27 5.42 4.66 9.00
CA ARG A 27 4.79 5.10 10.23
C ARG A 27 3.33 4.72 10.27
N TYR A 28 2.63 4.93 9.17
CA TYR A 28 1.22 4.60 9.09
C TYR A 28 1.02 3.11 9.31
N ALA A 29 1.86 2.31 8.68
CA ALA A 29 1.82 0.86 8.82
C ALA A 29 2.01 0.47 10.29
N ALA A 30 3.00 1.08 10.93
CA ALA A 30 3.31 0.83 12.32
C ALA A 30 2.17 1.29 13.23
N THR A 31 1.50 2.34 12.80
CA THR A 31 0.35 2.87 13.50
C THR A 31 -0.77 1.84 13.45
N ILE A 32 -1.00 1.25 12.28
CA ILE A 32 -2.03 0.24 12.10
C ILE A 32 -1.73 -0.97 12.99
N GLN A 33 -0.46 -1.36 13.04
CA GLN A 33 -0.02 -2.48 13.88
C GLN A 33 -0.41 -2.23 15.34
N SER A 34 0.04 -1.11 15.86
CA SER A 34 -0.16 -0.78 17.25
C SER A 34 -1.63 -0.50 17.60
N GLN A 35 -2.37 0.12 16.69
CA GLN A 35 -3.79 0.40 16.92
C GLN A 35 -4.60 -0.88 16.94
N ARG A 36 -4.29 -1.78 16.02
CA ARG A 36 -4.97 -3.03 15.94
C ARG A 36 -4.54 -3.95 17.09
N GLY A 37 -3.35 -3.73 17.57
CA GLY A 37 -2.83 -4.52 18.65
C GLY A 37 -2.15 -5.74 18.13
N ASP A 38 -1.56 -5.58 16.97
CA ASP A 38 -0.90 -6.65 16.30
C ASP A 38 0.57 -6.32 16.11
N TYR A 39 1.41 -7.32 16.02
CA TYR A 39 2.83 -7.11 15.90
C TYR A 39 3.41 -7.82 14.68
N ASN A 40 2.56 -8.20 13.74
CA ASN A 40 3.03 -8.81 12.52
C ASN A 40 3.67 -7.74 11.66
N GLY A 41 4.97 -7.70 11.69
CA GLY A 41 5.71 -6.77 10.89
C GLY A 41 6.26 -7.43 9.66
N LYS A 42 5.54 -8.41 9.19
CA LYS A 42 5.97 -9.16 8.02
C LYS A 42 5.26 -8.59 6.80
N VAL A 43 3.94 -8.61 6.82
CA VAL A 43 3.13 -8.11 5.73
C VAL A 43 1.93 -7.33 6.27
N LEU A 44 1.39 -6.47 5.47
CA LEU A 44 0.21 -5.71 5.83
C LEU A 44 -0.72 -5.72 4.64
N SER A 45 -1.98 -5.97 4.87
CA SER A 45 -2.92 -6.01 3.79
C SER A 45 -3.99 -4.96 4.03
N ILE A 46 -4.06 -4.00 3.14
CA ILE A 46 -5.02 -2.94 3.25
C ILE A 46 -6.03 -3.00 2.11
N ARG A 47 -7.05 -2.20 2.21
CA ARG A 47 -8.13 -2.21 1.28
C ARG A 47 -8.00 -1.03 0.31
N GLN A 48 -8.91 -0.97 -0.63
CA GLN A 48 -8.95 0.08 -1.63
C GLN A 48 -9.33 1.40 -0.97
N ASP A 49 -10.08 1.29 0.12
CA ASP A 49 -10.51 2.45 0.89
C ASP A 49 -9.32 3.09 1.58
N ASP A 50 -8.38 2.24 2.02
CA ASP A 50 -7.17 2.71 2.66
C ASP A 50 -6.30 3.37 1.62
N LEU A 51 -6.23 2.75 0.44
CA LEU A 51 -5.44 3.28 -0.69
C LEU A 51 -5.85 4.73 -1.00
N ARG A 52 -7.17 4.97 -0.98
CA ARG A 52 -7.76 6.30 -1.23
C ARG A 52 -7.38 7.29 -0.13
N THR A 53 -7.05 6.78 1.03
CA THR A 53 -6.67 7.59 2.14
C THR A 53 -5.16 7.87 2.10
N LEU A 54 -4.38 6.78 1.98
CA LEU A 54 -2.92 6.82 1.96
C LEU A 54 -2.37 7.79 0.91
N ALA A 55 -2.92 7.73 -0.30
CA ALA A 55 -2.49 8.58 -1.40
C ALA A 55 -2.53 10.06 -1.00
N VAL A 56 -3.58 10.46 -0.32
CA VAL A 56 -3.77 11.85 0.07
C VAL A 56 -2.80 12.23 1.17
N ILE A 57 -2.56 11.30 2.09
CA ILE A 57 -1.66 11.53 3.23
C ILE A 57 -0.25 11.81 2.71
N TYR A 58 0.14 11.10 1.66
CA TYR A 58 1.49 11.21 1.14
C TYR A 58 1.54 12.25 0.02
N ASP A 59 0.39 12.93 -0.19
CA ASP A 59 0.24 14.04 -1.15
C ASP A 59 0.42 13.56 -2.60
N GLN A 60 0.18 12.29 -2.82
CA GLN A 60 0.38 11.67 -4.11
C GLN A 60 -0.93 11.32 -4.78
N SER A 61 -0.89 11.18 -6.07
CA SER A 61 -2.04 10.80 -6.82
C SER A 61 -2.13 9.24 -6.90
N PRO A 62 -3.35 8.67 -6.82
CA PRO A 62 -3.60 7.20 -6.77
C PRO A 62 -2.79 6.33 -7.75
N SER A 63 -2.70 6.73 -9.01
CA SER A 63 -2.02 5.92 -10.01
C SER A 63 -0.52 5.83 -9.70
N VAL A 64 0.11 6.97 -9.48
CA VAL A 64 1.54 6.99 -9.22
C VAL A 64 1.86 6.40 -7.85
N LEU A 65 0.90 6.48 -6.92
CA LEU A 65 1.06 5.92 -5.60
C LEU A 65 1.11 4.39 -5.72
N THR A 66 0.20 3.84 -6.49
CA THR A 66 0.14 2.42 -6.74
C THR A 66 1.44 1.96 -7.45
N GLU A 67 1.86 2.75 -8.45
CA GLU A 67 3.08 2.47 -9.19
C GLU A 67 4.31 2.46 -8.29
N GLN A 68 4.39 3.43 -7.37
CA GLN A 68 5.48 3.52 -6.38
C GLN A 68 5.65 2.20 -5.63
N LEU A 69 4.59 1.75 -4.99
CA LEU A 69 4.57 0.50 -4.23
C LEU A 69 5.02 -0.69 -5.07
N ILE A 70 4.60 -0.70 -6.32
CA ILE A 70 4.96 -1.76 -7.24
C ILE A 70 6.43 -1.65 -7.68
N SER A 71 6.90 -0.44 -7.90
CA SER A 71 8.29 -0.22 -8.33
C SER A 71 9.31 -0.55 -7.22
N TRP A 72 8.84 -0.51 -5.96
CA TRP A 72 9.72 -0.85 -4.84
C TRP A 72 9.71 -2.36 -4.62
N GLY A 73 8.74 -3.01 -5.22
CA GLY A 73 8.58 -4.45 -5.04
C GLY A 73 7.86 -4.75 -3.74
N VAL A 74 7.17 -3.77 -3.22
CA VAL A 74 6.44 -3.93 -1.96
C VAL A 74 5.04 -4.45 -2.24
N LEU A 75 4.49 -4.02 -3.36
CA LEU A 75 3.16 -4.42 -3.75
C LEU A 75 3.22 -5.22 -5.04
N ASP A 76 2.29 -6.15 -5.16
CA ASP A 76 2.15 -7.01 -6.33
C ASP A 76 1.82 -6.17 -7.57
N ALA A 77 2.39 -6.55 -8.70
CA ALA A 77 2.28 -5.78 -9.94
C ALA A 77 0.88 -5.77 -10.53
N ASP A 78 0.09 -6.78 -10.27
CA ASP A 78 -1.25 -6.90 -10.87
C ASP A 78 -2.23 -5.87 -10.30
N ALA A 79 -1.89 -5.34 -9.13
CA ALA A 79 -2.73 -4.35 -8.43
C ALA A 79 -3.08 -3.16 -9.32
N ARG A 80 -2.12 -2.72 -10.14
CA ARG A 80 -2.33 -1.58 -11.02
C ARG A 80 -3.39 -1.85 -12.12
N ARG A 81 -3.56 -3.10 -12.48
CA ARG A 81 -4.52 -3.47 -13.52
C ARG A 81 -5.92 -3.30 -12.99
N ALA A 82 -6.15 -3.95 -11.85
CA ALA A 82 -7.45 -4.02 -11.24
C ALA A 82 -7.96 -2.66 -10.78
N VAL A 83 -7.06 -1.81 -10.29
CA VAL A 83 -7.47 -0.50 -9.84
C VAL A 83 -7.73 0.44 -11.03
N ALA A 84 -7.06 0.19 -12.15
CA ALA A 84 -7.24 1.00 -13.34
C ALA A 84 -8.54 0.65 -14.05
N SER A 85 -8.88 -0.62 -14.03
CA SER A 85 -10.09 -1.07 -14.65
C SER A 85 -11.27 -0.85 -13.73
N HIS A 86 -12.10 0.14 -14.06
CA HIS A 86 -13.33 0.48 -13.32
C HIS A 86 -12.99 1.04 -11.94
N ASP A 87 -13.98 1.27 -11.12
CA ASP A 87 -13.71 1.72 -9.75
C ASP A 87 -14.47 0.84 -8.79
N GLU A 88 -15.74 0.75 -9.03
CA GLU A 88 -16.63 -0.20 -8.38
C GLU A 88 -17.29 -0.93 -9.51
N LEU A 89 -17.75 -0.12 -10.43
CA LEU A 89 -18.29 -0.51 -11.67
C LEU A 89 -17.54 0.34 -12.67
N MET A 1 -11.25 -17.76 -9.91
CA MET A 1 -10.13 -17.56 -10.81
C MET A 1 -9.30 -16.41 -10.27
N GLU A 2 -8.22 -16.77 -9.57
CA GLU A 2 -7.32 -15.82 -8.92
C GLU A 2 -7.99 -15.13 -7.74
N PRO A 3 -7.26 -14.84 -6.67
CA PRO A 3 -7.82 -14.12 -5.55
C PRO A 3 -8.18 -12.69 -5.98
N PRO A 4 -9.25 -12.12 -5.43
CA PRO A 4 -9.59 -10.73 -5.70
C PRO A 4 -8.44 -9.84 -5.25
N PRO A 5 -8.10 -8.78 -6.01
CA PRO A 5 -6.99 -7.90 -5.68
C PRO A 5 -7.10 -7.31 -4.27
N LYS A 6 -6.37 -7.91 -3.38
CA LYS A 6 -6.29 -7.47 -2.04
C LYS A 6 -4.92 -6.90 -1.81
N LEU A 7 -4.90 -5.70 -1.35
CA LEU A 7 -3.70 -4.92 -1.24
C LEU A 7 -2.92 -5.30 0.01
N VAL A 8 -1.86 -6.02 -0.18
CA VAL A 8 -1.00 -6.43 0.91
C VAL A 8 0.37 -5.83 0.67
N LEU A 9 0.89 -5.14 1.65
CA LEU A 9 2.18 -4.49 1.55
C LEU A 9 3.23 -5.30 2.29
N ASP A 10 4.40 -5.42 1.71
CA ASP A 10 5.53 -6.08 2.35
C ASP A 10 6.28 -5.02 3.13
N LEU A 11 6.17 -5.05 4.42
CA LEU A 11 6.73 -4.04 5.27
C LEU A 11 8.24 -4.15 5.39
N GLU A 12 8.75 -5.34 5.13
CA GLU A 12 10.17 -5.57 5.21
C GLU A 12 10.84 -4.98 4.00
N ARG A 13 10.20 -5.11 2.85
CA ARG A 13 10.68 -4.52 1.63
C ARG A 13 10.57 -3.02 1.74
N LEU A 14 9.52 -2.58 2.42
CA LEU A 14 9.25 -1.18 2.65
C LEU A 14 10.35 -0.57 3.54
N ALA A 15 10.93 -1.40 4.40
CA ALA A 15 12.01 -0.98 5.28
C ALA A 15 13.31 -0.81 4.50
N THR A 16 13.39 -1.47 3.35
CA THR A 16 14.55 -1.40 2.49
C THR A 16 14.49 -0.12 1.62
N VAL A 17 13.27 0.30 1.29
CA VAL A 17 13.04 1.51 0.51
C VAL A 17 13.56 2.72 1.31
N PRO A 18 14.35 3.62 0.65
CA PRO A 18 14.91 4.84 1.27
C PRO A 18 13.94 5.55 2.22
N ALA A 19 14.44 5.94 3.37
CA ALA A 19 13.66 6.54 4.46
C ALA A 19 12.96 7.83 4.08
N GLU A 20 13.37 8.48 3.03
CA GLU A 20 12.67 9.69 2.63
C GLU A 20 11.39 9.32 1.89
N LYS A 21 11.41 8.18 1.21
CA LYS A 21 10.25 7.75 0.44
C LYS A 21 9.27 7.00 1.33
N ALA A 22 9.80 6.05 2.09
CA ALA A 22 8.98 5.16 2.89
C ALA A 22 8.89 5.56 4.36
N GLY A 23 9.65 6.57 4.75
CA GLY A 23 9.68 7.01 6.14
C GLY A 23 8.31 7.38 6.69
N PRO A 24 7.62 8.39 6.09
CA PRO A 24 6.27 8.78 6.52
C PRO A 24 5.27 7.61 6.45
N LEU A 25 5.52 6.68 5.56
CA LEU A 25 4.65 5.55 5.37
C LEU A 25 4.85 4.49 6.46
N GLN A 26 6.07 4.33 6.94
CA GLN A 26 6.35 3.40 8.05
C GLN A 26 5.64 3.85 9.34
N ARG A 27 5.33 5.13 9.42
CA ARG A 27 4.57 5.67 10.55
C ARG A 27 3.15 5.15 10.45
N TYR A 28 2.57 5.38 9.27
CA TYR A 28 1.21 4.96 8.94
C TYR A 28 1.06 3.45 9.12
N ALA A 29 2.09 2.73 8.67
CA ALA A 29 2.14 1.30 8.77
C ALA A 29 1.93 0.85 10.20
N ALA A 30 2.70 1.41 11.13
CA ALA A 30 2.63 1.02 12.55
C ALA A 30 1.23 1.25 13.13
N THR A 31 0.58 2.32 12.70
CA THR A 31 -0.75 2.63 13.13
C THR A 31 -1.74 1.56 12.60
N ILE A 32 -1.62 1.26 11.33
CA ILE A 32 -2.48 0.31 10.66
C ILE A 32 -2.22 -1.12 11.14
N GLN A 33 -0.96 -1.44 11.42
CA GLN A 33 -0.58 -2.75 11.97
C GLN A 33 -1.37 -3.00 13.24
N SER A 34 -1.38 -2.00 14.10
CA SER A 34 -2.08 -2.08 15.37
C SER A 34 -3.59 -2.32 15.18
N GLN A 35 -4.17 -1.64 14.20
CA GLN A 35 -5.60 -1.73 13.92
C GLN A 35 -5.99 -3.08 13.30
N ARG A 36 -5.09 -3.71 12.58
CA ARG A 36 -5.38 -5.02 12.01
C ARG A 36 -4.77 -6.13 12.85
N GLY A 37 -4.25 -5.75 14.01
CA GLY A 37 -3.73 -6.69 14.99
C GLY A 37 -2.43 -7.36 14.58
N ASP A 38 -1.66 -6.71 13.76
CA ASP A 38 -0.43 -7.29 13.31
C ASP A 38 0.76 -6.62 13.94
N TYR A 39 1.63 -7.42 14.48
CA TYR A 39 2.87 -6.95 15.01
C TYR A 39 3.99 -7.81 14.48
N ASN A 40 3.77 -8.35 13.31
CA ASN A 40 4.76 -9.20 12.69
C ASN A 40 5.64 -8.36 11.81
N GLY A 41 5.02 -7.39 11.14
CA GLY A 41 5.77 -6.46 10.33
C GLY A 41 6.27 -7.04 9.02
N LYS A 42 5.65 -8.09 8.56
CA LYS A 42 6.02 -8.68 7.29
C LYS A 42 5.10 -8.27 6.18
N VAL A 43 3.87 -8.67 6.29
CA VAL A 43 2.88 -8.35 5.31
C VAL A 43 1.67 -7.71 5.97
N LEU A 44 1.31 -6.55 5.50
CA LEU A 44 0.21 -5.82 6.06
C LEU A 44 -0.89 -5.68 5.04
N SER A 45 -2.04 -6.21 5.38
CA SER A 45 -3.18 -6.14 4.52
C SER A 45 -3.89 -4.79 4.71
N ILE A 46 -4.08 -4.08 3.62
CA ILE A 46 -4.76 -2.81 3.64
C ILE A 46 -5.93 -2.86 2.68
N ARG A 47 -6.68 -1.81 2.65
CA ARG A 47 -7.82 -1.69 1.79
C ARG A 47 -7.51 -0.72 0.67
N GLN A 48 -8.38 -0.68 -0.31
CA GLN A 48 -8.27 0.27 -1.42
C GLN A 48 -8.48 1.67 -0.87
N ASP A 49 -9.30 1.73 0.16
CA ASP A 49 -9.58 2.96 0.90
C ASP A 49 -8.31 3.49 1.57
N ASP A 50 -7.53 2.57 2.13
CA ASP A 50 -6.30 2.95 2.82
C ASP A 50 -5.31 3.53 1.83
N LEU A 51 -5.21 2.88 0.67
CA LEU A 51 -4.33 3.33 -0.40
C LEU A 51 -4.76 4.72 -0.89
N ARG A 52 -6.06 4.93 -1.00
CA ARG A 52 -6.62 6.21 -1.41
C ARG A 52 -6.27 7.30 -0.38
N THR A 53 -6.30 6.92 0.88
CA THR A 53 -5.97 7.79 1.98
C THR A 53 -4.47 8.17 1.95
N LEU A 54 -3.64 7.19 1.61
CA LEU A 54 -2.20 7.39 1.48
C LEU A 54 -1.88 8.41 0.41
N ALA A 55 -2.62 8.35 -0.68
CA ALA A 55 -2.47 9.27 -1.79
C ALA A 55 -2.69 10.72 -1.32
N VAL A 56 -3.56 10.90 -0.35
CA VAL A 56 -3.85 12.21 0.18
C VAL A 56 -2.65 12.73 0.98
N ILE A 57 -2.11 11.88 1.85
CA ILE A 57 -1.01 12.26 2.74
C ILE A 57 0.24 12.62 1.93
N TYR A 58 0.56 11.79 0.97
CA TYR A 58 1.81 11.94 0.24
C TYR A 58 1.64 12.81 -0.99
N ASP A 59 0.47 13.42 -1.12
CA ASP A 59 0.11 14.28 -2.24
C ASP A 59 0.36 13.58 -3.56
N GLN A 60 -0.42 12.56 -3.76
CA GLN A 60 -0.36 11.75 -4.95
C GLN A 60 -1.77 11.43 -5.35
N SER A 61 -1.94 10.84 -6.48
CA SER A 61 -3.20 10.30 -6.86
C SER A 61 -3.13 8.80 -6.64
N PRO A 62 -4.27 8.08 -6.44
CA PRO A 62 -4.29 6.63 -6.19
C PRO A 62 -3.42 5.82 -7.16
N SER A 63 -3.46 6.15 -8.45
CA SER A 63 -2.69 5.42 -9.42
C SER A 63 -1.19 5.71 -9.29
N VAL A 64 -0.83 6.95 -9.05
CA VAL A 64 0.60 7.29 -8.92
C VAL A 64 1.16 6.67 -7.64
N LEU A 65 0.34 6.65 -6.61
CA LEU A 65 0.68 6.08 -5.33
C LEU A 65 0.92 4.57 -5.50
N THR A 66 -0.03 3.86 -6.11
CA THR A 66 0.09 2.43 -6.28
C THR A 66 1.27 2.08 -7.20
N GLU A 67 1.53 2.91 -8.21
CA GLU A 67 2.64 2.67 -9.13
C GLU A 67 3.98 2.69 -8.42
N GLN A 68 4.13 3.58 -7.46
CA GLN A 68 5.34 3.68 -6.69
C GLN A 68 5.50 2.45 -5.78
N LEU A 69 4.44 2.12 -5.06
CA LEU A 69 4.45 0.96 -4.16
C LEU A 69 4.76 -0.34 -4.90
N ILE A 70 4.22 -0.48 -6.10
CA ILE A 70 4.50 -1.65 -6.92
C ILE A 70 5.92 -1.58 -7.49
N SER A 71 6.38 -0.37 -7.78
CA SER A 71 7.73 -0.15 -8.30
C SER A 71 8.76 -0.63 -7.27
N TRP A 72 8.52 -0.32 -6.00
CA TRP A 72 9.43 -0.69 -4.92
C TRP A 72 9.32 -2.20 -4.61
N GLY A 73 8.25 -2.82 -5.07
CA GLY A 73 8.04 -4.22 -4.83
C GLY A 73 7.36 -4.45 -3.50
N VAL A 74 6.89 -3.37 -2.90
CA VAL A 74 6.21 -3.44 -1.63
C VAL A 74 4.78 -3.93 -1.87
N LEU A 75 4.24 -3.54 -2.99
CA LEU A 75 2.93 -3.98 -3.40
C LEU A 75 3.10 -4.86 -4.63
N ASP A 76 2.27 -5.86 -4.76
CA ASP A 76 2.32 -6.81 -5.86
C ASP A 76 1.92 -6.18 -7.20
N ALA A 77 2.54 -6.62 -8.27
CA ALA A 77 2.32 -6.07 -9.61
C ALA A 77 0.93 -6.35 -10.18
N ASP A 78 0.32 -7.44 -9.77
CA ASP A 78 -1.01 -7.78 -10.28
C ASP A 78 -2.08 -7.04 -9.47
N ALA A 79 -1.71 -6.67 -8.26
CA ALA A 79 -2.59 -5.98 -7.31
C ALA A 79 -3.16 -4.67 -7.84
N ARG A 80 -2.46 -4.04 -8.82
CA ARG A 80 -2.91 -2.74 -9.39
C ARG A 80 -4.34 -2.81 -9.95
N ARG A 81 -4.87 -4.03 -10.19
CA ARG A 81 -6.24 -4.22 -10.71
C ARG A 81 -7.30 -3.58 -9.79
N ALA A 82 -6.93 -3.33 -8.54
CA ALA A 82 -7.83 -2.70 -7.59
C ALA A 82 -7.95 -1.19 -7.88
N VAL A 83 -6.95 -0.63 -8.54
CA VAL A 83 -6.91 0.79 -8.86
C VAL A 83 -7.15 0.98 -10.37
N ALA A 84 -6.69 0.03 -11.13
CA ALA A 84 -6.87 0.00 -12.57
C ALA A 84 -8.14 -0.79 -12.88
N SER A 85 -8.31 -1.18 -14.10
CA SER A 85 -9.46 -1.98 -14.47
C SER A 85 -9.08 -3.46 -14.52
N HIS A 86 -9.99 -4.31 -14.05
CA HIS A 86 -9.77 -5.75 -14.05
C HIS A 86 -9.90 -6.28 -15.46
N ASP A 87 -11.06 -6.02 -16.03
CA ASP A 87 -11.39 -6.41 -17.38
C ASP A 87 -11.93 -5.16 -18.05
N GLU A 88 -12.54 -5.31 -19.21
CA GLU A 88 -13.17 -4.17 -19.88
C GLU A 88 -14.39 -3.84 -19.07
N LEU A 89 -15.34 -4.76 -19.12
CA LEU A 89 -16.57 -4.75 -18.36
C LEU A 89 -17.05 -6.19 -18.35
N MET A 1 -20.86 -11.98 -8.10
CA MET A 1 -20.23 -10.98 -7.26
C MET A 1 -18.78 -11.36 -7.05
N GLU A 2 -17.89 -10.49 -7.45
CA GLU A 2 -16.48 -10.69 -7.28
C GLU A 2 -16.09 -10.23 -5.88
N PRO A 3 -15.18 -10.94 -5.23
CA PRO A 3 -14.72 -10.55 -3.90
C PRO A 3 -13.83 -9.29 -3.97
N PRO A 4 -13.80 -8.47 -2.89
CA PRO A 4 -12.99 -7.24 -2.84
C PRO A 4 -11.50 -7.52 -3.08
N PRO A 5 -10.89 -6.88 -4.10
CA PRO A 5 -9.46 -7.06 -4.43
C PRO A 5 -8.56 -6.68 -3.25
N LYS A 6 -7.98 -7.67 -2.63
CA LYS A 6 -7.15 -7.48 -1.46
C LYS A 6 -5.77 -7.07 -1.89
N LEU A 7 -5.24 -6.07 -1.29
CA LEU A 7 -3.93 -5.60 -1.63
C LEU A 7 -2.96 -6.01 -0.55
N VAL A 8 -1.83 -6.49 -0.94
CA VAL A 8 -0.86 -6.96 0.00
C VAL A 8 0.34 -6.04 0.04
N LEU A 9 0.51 -5.38 1.15
CA LEU A 9 1.58 -4.46 1.38
C LEU A 9 2.71 -5.23 2.07
N ASP A 10 3.89 -5.19 1.51
CA ASP A 10 5.02 -5.89 2.07
C ASP A 10 5.73 -4.98 3.05
N LEU A 11 5.63 -5.31 4.31
CA LEU A 11 6.14 -4.50 5.38
C LEU A 11 7.66 -4.58 5.44
N GLU A 12 8.18 -5.75 5.11
CA GLU A 12 9.59 -5.98 5.14
C GLU A 12 10.28 -5.20 4.04
N ARG A 13 9.71 -5.22 2.86
CA ARG A 13 10.27 -4.48 1.74
C ARG A 13 10.14 -2.99 1.98
N LEU A 14 9.08 -2.59 2.67
CA LEU A 14 8.87 -1.20 3.04
C LEU A 14 10.02 -0.72 3.94
N ALA A 15 10.50 -1.64 4.78
CA ALA A 15 11.61 -1.37 5.68
C ALA A 15 12.94 -1.32 4.92
N THR A 16 12.95 -1.86 3.71
CA THR A 16 14.13 -1.88 2.89
C THR A 16 14.25 -0.56 2.12
N VAL A 17 13.13 0.13 1.97
CA VAL A 17 13.10 1.36 1.22
C VAL A 17 13.47 2.54 2.13
N PRO A 18 14.50 3.32 1.75
CA PRO A 18 14.96 4.47 2.52
C PRO A 18 13.83 5.47 2.85
N ALA A 19 14.01 6.17 3.97
CA ALA A 19 13.00 7.03 4.60
C ALA A 19 12.46 8.18 3.73
N GLU A 20 13.19 8.59 2.70
CA GLU A 20 12.73 9.71 1.84
C GLU A 20 11.36 9.39 1.25
N LYS A 21 11.23 8.20 0.72
CA LYS A 21 10.02 7.78 0.06
C LYS A 21 9.16 6.89 0.96
N ALA A 22 9.80 6.13 1.84
CA ALA A 22 9.06 5.17 2.65
C ALA A 22 8.73 5.68 4.04
N GLY A 23 9.41 6.73 4.47
CA GLY A 23 9.26 7.26 5.83
C GLY A 23 7.82 7.52 6.28
N PRO A 24 7.09 8.46 5.63
CA PRO A 24 5.70 8.77 5.98
C PRO A 24 4.78 7.54 5.87
N LEU A 25 5.17 6.60 5.03
CA LEU A 25 4.39 5.40 4.81
C LEU A 25 4.61 4.45 5.99
N GLN A 26 5.86 4.38 6.44
CA GLN A 26 6.25 3.61 7.63
C GLN A 26 5.46 4.06 8.85
N ARG A 27 5.33 5.37 9.01
CA ARG A 27 4.56 5.97 10.10
C ARG A 27 3.11 5.51 10.08
N TYR A 28 2.51 5.52 8.90
CA TYR A 28 1.14 5.10 8.74
C TYR A 28 1.02 3.60 9.03
N ALA A 29 1.92 2.82 8.45
CA ALA A 29 1.95 1.38 8.65
C ALA A 29 2.11 1.02 10.12
N ALA A 30 3.00 1.75 10.80
CA ALA A 30 3.26 1.52 12.22
C ALA A 30 2.02 1.81 13.04
N THR A 31 1.31 2.85 12.66
CA THR A 31 0.09 3.21 13.32
C THR A 31 -0.98 2.12 13.14
N ILE A 32 -1.08 1.57 11.92
CA ILE A 32 -2.03 0.49 11.64
C ILE A 32 -1.67 -0.74 12.49
N GLN A 33 -0.38 -1.07 12.55
CA GLN A 33 0.13 -2.17 13.38
C GLN A 33 -0.27 -2.00 14.84
N SER A 34 -0.13 -0.79 15.32
CA SER A 34 -0.41 -0.45 16.69
C SER A 34 -1.93 -0.55 16.99
N GLN A 35 -2.75 -0.35 15.97
CA GLN A 35 -4.21 -0.45 16.13
C GLN A 35 -4.66 -1.89 15.90
N ARG A 36 -3.82 -2.64 15.24
CA ARG A 36 -4.05 -4.03 14.94
C ARG A 36 -3.76 -4.85 16.20
N GLY A 37 -2.89 -4.30 17.03
CA GLY A 37 -2.53 -4.93 18.27
C GLY A 37 -1.34 -5.83 18.09
N ASP A 38 -1.49 -6.78 17.22
CA ASP A 38 -0.43 -7.73 16.92
C ASP A 38 0.06 -7.48 15.53
N TYR A 39 1.37 -7.46 15.38
CA TYR A 39 2.01 -7.18 14.12
C TYR A 39 1.73 -8.31 13.16
N ASN A 40 1.27 -7.96 11.98
CA ASN A 40 0.84 -8.96 11.00
C ASN A 40 2.00 -9.85 10.53
N GLY A 41 3.19 -9.29 10.42
CA GLY A 41 4.35 -10.09 10.13
C GLY A 41 5.19 -9.55 9.00
N LYS A 42 5.09 -10.18 7.88
CA LYS A 42 5.89 -9.82 6.72
C LYS A 42 5.13 -8.89 5.83
N VAL A 43 3.86 -9.12 5.74
CA VAL A 43 3.00 -8.37 4.88
C VAL A 43 1.79 -7.87 5.66
N LEU A 44 1.01 -7.05 5.05
CA LEU A 44 -0.20 -6.52 5.63
C LEU A 44 -1.26 -6.46 4.55
N SER A 45 -2.41 -7.00 4.82
CA SER A 45 -3.50 -6.98 3.91
C SER A 45 -4.31 -5.69 4.06
N ILE A 46 -4.32 -4.88 3.02
CA ILE A 46 -5.06 -3.65 3.01
C ILE A 46 -6.08 -3.69 1.90
N ARG A 47 -7.10 -2.88 1.99
CA ARG A 47 -8.12 -2.88 0.97
C ARG A 47 -7.72 -2.08 -0.25
N GLN A 48 -8.39 -2.41 -1.32
CA GLN A 48 -8.25 -1.77 -2.62
C GLN A 48 -8.37 -0.24 -2.54
N ASP A 49 -9.42 0.25 -1.89
CA ASP A 49 -9.65 1.70 -1.74
C ASP A 49 -8.84 2.27 -0.61
N ASP A 50 -8.38 1.40 0.27
CA ASP A 50 -7.66 1.83 1.46
C ASP A 50 -6.28 2.36 1.09
N LEU A 51 -5.71 1.78 0.04
CA LEU A 51 -4.42 2.20 -0.49
C LEU A 51 -4.52 3.66 -1.01
N ARG A 52 -5.72 4.04 -1.46
CA ARG A 52 -5.97 5.38 -1.98
C ARG A 52 -5.90 6.43 -0.88
N THR A 53 -6.10 6.00 0.35
CA THR A 53 -6.08 6.87 1.50
C THR A 53 -4.63 7.34 1.78
N LEU A 54 -3.67 6.47 1.51
CA LEU A 54 -2.26 6.78 1.73
C LEU A 54 -1.80 7.91 0.82
N ALA A 55 -2.31 7.90 -0.40
CA ALA A 55 -1.96 8.90 -1.40
C ALA A 55 -2.28 10.30 -0.92
N VAL A 56 -3.41 10.44 -0.23
CA VAL A 56 -3.88 11.73 0.26
C VAL A 56 -2.88 12.28 1.28
N ILE A 57 -2.37 11.40 2.12
CA ILE A 57 -1.45 11.75 3.19
C ILE A 57 -0.14 12.31 2.63
N TYR A 58 0.32 11.72 1.55
CA TYR A 58 1.61 12.11 0.97
C TYR A 58 1.40 13.14 -0.13
N ASP A 59 0.14 13.63 -0.26
CA ASP A 59 -0.25 14.62 -1.25
C ASP A 59 -0.05 14.14 -2.67
N GLN A 60 -0.17 12.86 -2.83
CA GLN A 60 0.00 12.23 -4.09
C GLN A 60 -1.34 11.87 -4.66
N SER A 61 -1.34 11.48 -5.90
CA SER A 61 -2.51 10.99 -6.53
C SER A 61 -2.39 9.47 -6.50
N PRO A 62 -3.47 8.74 -6.18
CA PRO A 62 -3.47 7.27 -6.05
C PRO A 62 -2.84 6.57 -7.27
N SER A 63 -3.01 7.17 -8.43
CA SER A 63 -2.49 6.67 -9.67
C SER A 63 -0.94 6.50 -9.57
N VAL A 64 -0.25 7.57 -9.23
CA VAL A 64 1.20 7.54 -9.16
C VAL A 64 1.69 6.89 -7.87
N LEU A 65 0.86 6.94 -6.84
CA LEU A 65 1.19 6.34 -5.55
C LEU A 65 1.30 4.82 -5.71
N THR A 66 0.31 4.24 -6.36
CA THR A 66 0.29 2.81 -6.62
C THR A 66 1.49 2.42 -7.52
N GLU A 67 1.78 3.31 -8.48
CA GLU A 67 2.85 3.14 -9.43
C GLU A 67 4.20 3.03 -8.68
N GLN A 68 4.40 3.94 -7.72
CA GLN A 68 5.59 3.97 -6.87
C GLN A 68 5.72 2.69 -6.07
N LEU A 69 4.68 2.34 -5.35
CA LEU A 69 4.65 1.15 -4.49
C LEU A 69 5.03 -0.13 -5.24
N ILE A 70 4.51 -0.28 -6.44
CA ILE A 70 4.80 -1.45 -7.27
C ILE A 70 6.28 -1.43 -7.73
N SER A 71 6.80 -0.25 -7.99
CA SER A 71 8.18 -0.09 -8.44
C SER A 71 9.17 -0.40 -7.31
N TRP A 72 8.76 -0.19 -6.07
CA TRP A 72 9.61 -0.48 -4.93
C TRP A 72 9.54 -1.95 -4.55
N GLY A 73 8.51 -2.63 -5.03
CA GLY A 73 8.31 -4.03 -4.71
C GLY A 73 7.64 -4.19 -3.37
N VAL A 74 7.10 -3.09 -2.86
CA VAL A 74 6.44 -3.06 -1.58
C VAL A 74 4.97 -3.47 -1.75
N LEU A 75 4.45 -3.21 -2.90
CA LEU A 75 3.09 -3.57 -3.18
C LEU A 75 3.12 -4.53 -4.34
N ASP A 76 2.33 -5.59 -4.23
CA ASP A 76 2.23 -6.60 -5.28
C ASP A 76 1.64 -5.98 -6.54
N ALA A 77 2.27 -6.26 -7.68
CA ALA A 77 1.96 -5.65 -8.98
C ALA A 77 0.48 -5.72 -9.36
N ASP A 78 -0.16 -6.82 -9.03
CA ASP A 78 -1.59 -7.08 -9.33
C ASP A 78 -2.51 -5.97 -8.81
N ALA A 79 -2.03 -5.19 -7.85
CA ALA A 79 -2.75 -4.04 -7.32
C ALA A 79 -3.16 -3.07 -8.44
N ARG A 80 -2.39 -3.02 -9.52
CA ARG A 80 -2.71 -2.15 -10.65
C ARG A 80 -3.99 -2.63 -11.36
N ARG A 81 -4.24 -3.94 -11.28
CA ARG A 81 -5.44 -4.55 -11.82
C ARG A 81 -6.60 -4.24 -10.87
N ALA A 82 -6.31 -4.31 -9.58
CA ALA A 82 -7.29 -4.06 -8.53
C ALA A 82 -7.78 -2.63 -8.55
N VAL A 83 -6.84 -1.70 -8.66
CA VAL A 83 -7.17 -0.28 -8.73
C VAL A 83 -7.78 0.06 -10.10
N ALA A 84 -7.45 -0.77 -11.09
CA ALA A 84 -7.92 -0.63 -12.46
C ALA A 84 -7.54 0.71 -13.02
N SER A 85 -6.25 0.92 -13.14
CA SER A 85 -5.69 2.14 -13.64
C SER A 85 -4.29 1.85 -14.16
N HIS A 86 -4.00 2.34 -15.35
CA HIS A 86 -2.70 2.18 -15.94
C HIS A 86 -2.56 3.19 -17.06
N ASP A 87 -1.37 3.69 -17.24
CA ASP A 87 -1.05 4.52 -18.40
C ASP A 87 -0.47 3.59 -19.46
N GLU A 88 -0.09 2.42 -18.97
CA GLU A 88 0.53 1.31 -19.69
C GLU A 88 2.05 1.37 -19.61
N LEU A 89 2.60 2.54 -19.82
CA LEU A 89 4.03 2.76 -19.71
C LEU A 89 4.33 4.24 -19.80
N MET A 1 -16.75 -12.11 -9.65
CA MET A 1 -15.95 -13.34 -9.59
C MET A 1 -14.91 -13.29 -8.47
N GLU A 2 -14.01 -12.34 -8.54
CA GLU A 2 -12.94 -12.26 -7.57
C GLU A 2 -13.30 -11.29 -6.46
N PRO A 3 -12.91 -11.60 -5.23
CA PRO A 3 -13.23 -10.78 -4.04
C PRO A 3 -12.48 -9.43 -4.05
N PRO A 4 -12.84 -8.49 -3.13
CA PRO A 4 -12.14 -7.20 -2.96
C PRO A 4 -10.62 -7.34 -3.01
N PRO A 5 -9.94 -6.52 -3.85
CA PRO A 5 -8.49 -6.56 -4.00
C PRO A 5 -7.76 -6.36 -2.67
N LYS A 6 -7.05 -7.38 -2.27
CA LYS A 6 -6.30 -7.36 -1.05
C LYS A 6 -4.93 -6.79 -1.33
N LEU A 7 -4.75 -5.58 -0.95
CA LEU A 7 -3.52 -4.90 -1.23
C LEU A 7 -2.49 -5.27 -0.19
N VAL A 8 -1.65 -6.22 -0.52
CA VAL A 8 -0.62 -6.66 0.36
C VAL A 8 0.70 -5.94 0.10
N LEU A 9 1.10 -5.13 1.04
CA LEU A 9 2.35 -4.45 0.94
C LEU A 9 3.38 -5.16 1.81
N ASP A 10 4.51 -5.42 1.23
CA ASP A 10 5.56 -6.18 1.88
C ASP A 10 6.30 -5.30 2.87
N LEU A 11 6.25 -5.67 4.12
CA LEU A 11 6.83 -4.87 5.20
C LEU A 11 8.34 -5.02 5.27
N GLU A 12 8.88 -6.04 4.64
CA GLU A 12 10.30 -6.26 4.65
C GLU A 12 10.92 -5.43 3.53
N ARG A 13 10.26 -5.42 2.39
CA ARG A 13 10.66 -4.58 1.29
C ARG A 13 10.45 -3.12 1.61
N LEU A 14 9.41 -2.85 2.38
CA LEU A 14 9.13 -1.49 2.80
C LEU A 14 10.25 -0.99 3.70
N ALA A 15 10.89 -1.92 4.40
CA ALA A 15 11.99 -1.59 5.29
C ALA A 15 13.25 -1.22 4.50
N THR A 16 13.35 -1.68 3.25
CA THR A 16 14.51 -1.34 2.44
C THR A 16 14.32 -0.01 1.70
N VAL A 17 13.12 0.51 1.73
CA VAL A 17 12.80 1.76 1.07
C VAL A 17 13.23 2.93 1.99
N PRO A 18 14.00 3.91 1.47
CA PRO A 18 14.45 5.07 2.25
C PRO A 18 13.30 5.86 2.90
N ALA A 19 13.56 6.34 4.12
CA ALA A 19 12.59 7.11 4.91
C ALA A 19 12.17 8.39 4.21
N GLU A 20 12.97 8.81 3.25
CA GLU A 20 12.65 9.96 2.38
C GLU A 20 11.28 9.78 1.72
N LYS A 21 10.92 8.54 1.43
CA LYS A 21 9.62 8.24 0.83
C LYS A 21 8.80 7.33 1.75
N ALA A 22 9.46 6.38 2.39
CA ALA A 22 8.77 5.40 3.21
C ALA A 22 8.58 5.85 4.66
N GLY A 23 9.09 7.02 4.99
CA GLY A 23 8.99 7.53 6.37
C GLY A 23 7.55 7.61 6.89
N PRO A 24 6.71 8.47 6.30
CA PRO A 24 5.31 8.58 6.71
C PRO A 24 4.51 7.30 6.43
N LEU A 25 5.02 6.49 5.52
CA LEU A 25 4.40 5.24 5.14
C LEU A 25 4.59 4.20 6.24
N GLN A 26 5.81 4.15 6.79
CA GLN A 26 6.12 3.26 7.91
C GLN A 26 5.30 3.63 9.12
N ARG A 27 5.02 4.92 9.28
CA ARG A 27 4.19 5.38 10.38
C ARG A 27 2.78 4.86 10.22
N TYR A 28 2.22 5.03 9.02
CA TYR A 28 0.88 4.57 8.71
C TYR A 28 0.78 3.07 8.91
N ALA A 29 1.76 2.34 8.38
CA ALA A 29 1.82 0.88 8.50
C ALA A 29 1.86 0.46 9.96
N ALA A 30 2.72 1.10 10.74
CA ALA A 30 2.84 0.79 12.17
C ALA A 30 1.56 1.14 12.89
N THR A 31 0.90 2.19 12.45
CA THR A 31 -0.37 2.60 13.01
C THR A 31 -1.44 1.52 12.75
N ILE A 32 -1.46 0.98 11.54
CA ILE A 32 -2.42 -0.07 11.18
C ILE A 32 -2.16 -1.31 12.06
N GLN A 33 -0.89 -1.66 12.19
CA GLN A 33 -0.47 -2.77 13.04
C GLN A 33 -0.90 -2.56 14.48
N SER A 34 -0.65 -1.38 15.01
CA SER A 34 -0.98 -1.07 16.37
C SER A 34 -2.49 -0.96 16.60
N GLN A 35 -3.21 -0.41 15.61
CA GLN A 35 -4.68 -0.34 15.69
C GLN A 35 -5.29 -1.72 15.78
N ARG A 36 -4.90 -2.62 14.88
CA ARG A 36 -5.44 -3.99 14.89
C ARG A 36 -4.86 -4.75 16.07
N GLY A 37 -3.68 -4.34 16.49
CA GLY A 37 -2.95 -5.08 17.49
C GLY A 37 -2.43 -6.33 16.85
N ASP A 38 -1.96 -6.16 15.63
CA ASP A 38 -1.54 -7.26 14.79
C ASP A 38 -0.02 -7.30 14.76
N TYR A 39 0.53 -8.48 14.94
CA TYR A 39 1.98 -8.65 15.02
C TYR A 39 2.56 -9.16 13.68
N ASN A 40 1.75 -9.12 12.64
CA ASN A 40 2.19 -9.51 11.31
C ASN A 40 3.09 -8.45 10.72
N GLY A 41 4.35 -8.78 10.70
CA GLY A 41 5.36 -7.91 10.15
C GLY A 41 5.89 -8.43 8.83
N LYS A 42 5.11 -9.25 8.15
CA LYS A 42 5.53 -9.82 6.90
C LYS A 42 4.94 -9.02 5.73
N VAL A 43 3.63 -9.05 5.63
CA VAL A 43 2.91 -8.36 4.57
C VAL A 43 1.64 -7.78 5.13
N LEU A 44 1.42 -6.52 4.92
CA LEU A 44 0.25 -5.88 5.46
C LEU A 44 -0.78 -5.70 4.36
N SER A 45 -1.93 -6.28 4.55
CA SER A 45 -2.98 -6.15 3.60
C SER A 45 -3.88 -5.00 4.03
N ILE A 46 -3.91 -3.97 3.23
CA ILE A 46 -4.76 -2.84 3.52
C ILE A 46 -5.86 -2.74 2.47
N ARG A 47 -6.78 -1.85 2.68
CA ARG A 47 -7.86 -1.63 1.77
C ARG A 47 -7.43 -0.66 0.70
N GLN A 48 -8.18 -0.62 -0.37
CA GLN A 48 -7.99 0.39 -1.41
C GLN A 48 -8.33 1.75 -0.83
N ASP A 49 -9.15 1.72 0.20
CA ASP A 49 -9.50 2.90 0.97
C ASP A 49 -8.26 3.41 1.69
N ASP A 50 -7.42 2.51 2.12
CA ASP A 50 -6.18 2.89 2.78
C ASP A 50 -5.23 3.39 1.73
N LEU A 51 -5.19 2.67 0.61
CA LEU A 51 -4.38 3.03 -0.54
C LEU A 51 -4.67 4.48 -0.96
N ARG A 52 -5.96 4.80 -1.08
CA ARG A 52 -6.35 6.14 -1.46
C ARG A 52 -6.03 7.17 -0.40
N THR A 53 -6.04 6.76 0.85
CA THR A 53 -5.73 7.66 1.93
C THR A 53 -4.22 7.94 1.93
N LEU A 54 -3.41 6.91 1.67
CA LEU A 54 -1.95 7.04 1.54
C LEU A 54 -1.62 8.09 0.50
N ALA A 55 -2.27 7.97 -0.64
CA ALA A 55 -2.09 8.89 -1.74
C ALA A 55 -2.37 10.33 -1.32
N VAL A 56 -3.39 10.51 -0.50
CA VAL A 56 -3.78 11.83 -0.03
C VAL A 56 -2.72 12.39 0.92
N ILE A 57 -2.15 11.53 1.73
CA ILE A 57 -1.15 11.91 2.72
C ILE A 57 0.14 12.38 2.02
N TYR A 58 0.46 11.78 0.89
CA TYR A 58 1.71 12.09 0.20
C TYR A 58 1.47 13.02 -0.98
N ASP A 59 0.21 13.45 -1.13
CA ASP A 59 -0.22 14.35 -2.20
C ASP A 59 -0.01 13.75 -3.58
N GLN A 60 -0.19 12.45 -3.67
CA GLN A 60 -0.01 11.72 -4.90
C GLN A 60 -1.35 11.25 -5.41
N SER A 61 -1.37 10.84 -6.65
CA SER A 61 -2.55 10.26 -7.23
C SER A 61 -2.63 8.81 -6.76
N PRO A 62 -3.82 8.33 -6.34
CA PRO A 62 -4.00 6.94 -5.89
C PRO A 62 -3.50 5.93 -6.92
N SER A 63 -3.75 6.23 -8.19
CA SER A 63 -3.32 5.39 -9.28
C SER A 63 -1.77 5.31 -9.34
N VAL A 64 -1.12 6.45 -9.14
CA VAL A 64 0.34 6.54 -9.21
C VAL A 64 0.95 5.95 -7.95
N LEU A 65 0.32 6.22 -6.80
CA LEU A 65 0.75 5.71 -5.51
C LEU A 65 0.82 4.18 -5.57
N THR A 66 -0.19 3.58 -6.20
CA THR A 66 -0.23 2.14 -6.39
C THR A 66 1.00 1.68 -7.16
N GLU A 67 1.28 2.35 -8.27
CA GLU A 67 2.40 1.99 -9.12
C GLU A 67 3.73 2.19 -8.40
N GLN A 68 3.86 3.28 -7.63
CA GLN A 68 5.07 3.57 -6.87
C GLN A 68 5.40 2.42 -5.92
N LEU A 69 4.41 1.96 -5.18
CA LEU A 69 4.57 0.84 -4.26
C LEU A 69 5.00 -0.43 -5.01
N ILE A 70 4.49 -0.58 -6.21
CA ILE A 70 4.83 -1.72 -7.06
C ILE A 70 6.27 -1.57 -7.60
N SER A 71 6.65 -0.35 -7.93
CA SER A 71 8.00 -0.05 -8.43
C SER A 71 9.07 -0.34 -7.38
N TRP A 72 8.75 -0.09 -6.12
CA TRP A 72 9.69 -0.37 -5.03
C TRP A 72 9.72 -1.86 -4.72
N GLY A 73 8.75 -2.57 -5.26
CA GLY A 73 8.63 -3.99 -5.04
C GLY A 73 8.03 -4.28 -3.69
N VAL A 74 7.19 -3.37 -3.24
CA VAL A 74 6.55 -3.51 -1.96
C VAL A 74 5.15 -4.07 -2.15
N LEU A 75 4.42 -3.50 -3.05
CA LEU A 75 3.05 -3.93 -3.32
C LEU A 75 3.08 -4.90 -4.49
N ASP A 76 2.23 -5.90 -4.44
CA ASP A 76 2.15 -6.89 -5.51
C ASP A 76 1.62 -6.24 -6.78
N ALA A 77 2.20 -6.62 -7.91
CA ALA A 77 1.96 -6.00 -9.22
C ALA A 77 0.50 -5.99 -9.60
N ASP A 78 -0.20 -7.07 -9.34
CA ASP A 78 -1.65 -7.23 -9.67
C ASP A 78 -2.53 -6.06 -9.23
N ALA A 79 -2.11 -5.34 -8.22
CA ALA A 79 -2.84 -4.18 -7.72
C ALA A 79 -3.04 -3.12 -8.82
N ARG A 80 -2.08 -3.04 -9.75
CA ARG A 80 -2.12 -2.06 -10.86
C ARG A 80 -3.32 -2.36 -11.75
N ARG A 81 -3.63 -3.64 -11.88
CA ARG A 81 -4.72 -4.07 -12.72
C ARG A 81 -6.03 -4.02 -11.94
N ALA A 82 -5.93 -4.25 -10.64
CA ALA A 82 -7.08 -4.17 -9.76
C ALA A 82 -7.67 -2.77 -9.78
N VAL A 83 -6.81 -1.79 -9.60
CA VAL A 83 -7.22 -0.43 -9.72
C VAL A 83 -6.60 0.19 -10.98
N ALA A 84 -7.23 -0.12 -12.07
CA ALA A 84 -6.76 0.29 -13.38
C ALA A 84 -7.62 1.42 -13.91
N SER A 85 -7.16 2.04 -14.97
CA SER A 85 -7.89 3.13 -15.58
C SER A 85 -8.94 2.54 -16.53
N HIS A 86 -8.55 1.52 -17.25
CA HIS A 86 -9.41 0.85 -18.19
C HIS A 86 -9.69 -0.55 -17.66
N ASP A 87 -10.91 -0.78 -17.25
CA ASP A 87 -11.31 -2.08 -16.74
C ASP A 87 -11.56 -3.04 -17.86
N GLU A 88 -11.22 -4.27 -17.62
CA GLU A 88 -11.42 -5.31 -18.60
C GLU A 88 -12.62 -6.16 -18.18
N LEU A 89 -13.01 -6.03 -16.94
CA LEU A 89 -14.13 -6.77 -16.45
C LEU A 89 -15.24 -5.79 -16.10
N MET A 1 -18.17 -16.14 -4.69
CA MET A 1 -17.82 -15.08 -5.62
C MET A 1 -16.35 -15.22 -5.96
N GLU A 2 -15.95 -14.75 -7.13
CA GLU A 2 -14.55 -14.79 -7.52
C GLU A 2 -13.74 -13.82 -6.66
N PRO A 3 -12.76 -14.34 -5.89
CA PRO A 3 -11.91 -13.50 -5.04
C PRO A 3 -11.09 -12.53 -5.89
N PRO A 4 -11.16 -11.23 -5.57
CA PRO A 4 -10.49 -10.18 -6.32
C PRO A 4 -9.00 -10.02 -5.92
N PRO A 5 -8.23 -9.23 -6.72
CA PRO A 5 -6.81 -8.91 -6.43
C PRO A 5 -6.65 -8.34 -5.01
N LYS A 6 -5.68 -8.85 -4.29
CA LYS A 6 -5.47 -8.47 -2.91
C LYS A 6 -4.41 -7.41 -2.86
N LEU A 7 -4.67 -6.35 -2.13
CA LEU A 7 -3.69 -5.31 -2.00
C LEU A 7 -2.84 -5.60 -0.79
N VAL A 8 -1.72 -6.19 -1.02
CA VAL A 8 -0.83 -6.53 0.06
C VAL A 8 0.34 -5.55 0.07
N LEU A 9 0.52 -4.92 1.19
CA LEU A 9 1.60 -4.00 1.41
C LEU A 9 2.70 -4.77 2.11
N ASP A 10 3.83 -4.88 1.49
CA ASP A 10 4.97 -5.61 2.02
C ASP A 10 5.70 -4.71 2.99
N LEU A 11 5.68 -5.05 4.25
CA LEU A 11 6.24 -4.20 5.28
C LEU A 11 7.75 -4.35 5.37
N GLU A 12 8.28 -5.42 4.81
CA GLU A 12 9.70 -5.65 4.85
C GLU A 12 10.37 -4.91 3.72
N ARG A 13 9.81 -5.04 2.53
CA ARG A 13 10.33 -4.35 1.36
C ARG A 13 10.14 -2.84 1.51
N LEU A 14 9.12 -2.47 2.25
CA LEU A 14 8.82 -1.08 2.54
C LEU A 14 9.98 -0.40 3.31
N ALA A 15 10.65 -1.18 4.15
CA ALA A 15 11.73 -0.66 4.96
C ALA A 15 13.01 -0.47 4.14
N THR A 16 13.13 -1.22 3.06
CA THR A 16 14.28 -1.07 2.19
C THR A 16 14.12 0.16 1.30
N VAL A 17 12.91 0.66 1.22
CA VAL A 17 12.63 1.86 0.47
C VAL A 17 12.99 3.06 1.35
N PRO A 18 13.79 4.02 0.80
CA PRO A 18 14.24 5.22 1.52
C PRO A 18 13.13 5.91 2.33
N ALA A 19 13.49 6.34 3.53
CA ALA A 19 12.58 7.02 4.46
C ALA A 19 12.00 8.29 3.83
N GLU A 20 12.72 8.83 2.85
CA GLU A 20 12.24 9.99 2.08
C GLU A 20 10.90 9.68 1.41
N LYS A 21 10.65 8.41 1.10
CA LYS A 21 9.44 8.02 0.45
C LYS A 21 8.56 7.18 1.38
N ALA A 22 9.18 6.23 2.05
CA ALA A 22 8.44 5.27 2.87
C ALA A 22 8.21 5.73 4.31
N GLY A 23 8.90 6.78 4.73
CA GLY A 23 8.86 7.27 6.12
C GLY A 23 7.45 7.34 6.76
N PRO A 24 6.60 8.29 6.34
CA PRO A 24 5.24 8.41 6.90
C PRO A 24 4.34 7.24 6.49
N LEU A 25 4.67 6.56 5.42
CA LEU A 25 3.90 5.42 4.95
C LEU A 25 4.06 4.28 5.99
N GLN A 26 5.30 4.11 6.47
CA GLN A 26 5.60 3.12 7.50
C GLN A 26 4.88 3.44 8.79
N ARG A 27 4.66 4.73 9.03
CA ARG A 27 3.97 5.20 10.23
C ARG A 27 2.52 4.78 10.20
N TYR A 28 1.89 4.99 9.04
CA TYR A 28 0.52 4.54 8.77
C TYR A 28 0.41 3.04 9.06
N ALA A 29 1.36 2.29 8.51
CA ALA A 29 1.41 0.85 8.69
C ALA A 29 1.55 0.49 10.17
N ALA A 30 2.46 1.18 10.85
CA ALA A 30 2.71 0.97 12.28
C ALA A 30 1.46 1.25 13.11
N THR A 31 0.74 2.28 12.73
CA THR A 31 -0.49 2.61 13.39
C THR A 31 -1.53 1.49 13.21
N ILE A 32 -1.61 0.94 11.99
CA ILE A 32 -2.54 -0.18 11.70
C ILE A 32 -2.14 -1.41 12.55
N GLN A 33 -0.84 -1.64 12.66
CA GLN A 33 -0.29 -2.71 13.50
C GLN A 33 -0.68 -2.52 14.95
N SER A 34 -0.64 -1.28 15.39
CA SER A 34 -0.99 -0.93 16.74
C SER A 34 -2.51 -1.06 17.00
N GLN A 35 -3.30 -0.90 15.94
CA GLN A 35 -4.74 -0.99 16.06
C GLN A 35 -5.19 -2.43 16.19
N ARG A 36 -4.57 -3.33 15.43
CA ARG A 36 -4.97 -4.72 15.47
C ARG A 36 -4.21 -5.53 16.52
N GLY A 37 -3.23 -4.91 17.15
CA GLY A 37 -2.48 -5.57 18.22
C GLY A 37 -1.32 -6.36 17.68
N ASP A 38 -1.62 -7.27 16.80
CA ASP A 38 -0.65 -8.06 16.12
C ASP A 38 -1.15 -8.31 14.74
N TYR A 39 -0.28 -8.71 13.88
CA TYR A 39 -0.60 -9.00 12.53
C TYR A 39 0.44 -10.02 12.06
N ASN A 40 0.46 -10.30 10.79
CA ASN A 40 1.49 -11.12 10.17
C ASN A 40 2.87 -10.49 10.40
N GLY A 41 2.96 -9.18 10.18
CA GLY A 41 4.18 -8.45 10.46
C GLY A 41 5.03 -8.24 9.23
N LYS A 42 5.11 -9.27 8.41
CA LYS A 42 5.91 -9.21 7.21
C LYS A 42 5.15 -8.49 6.10
N VAL A 43 3.88 -8.79 6.01
CA VAL A 43 3.02 -8.16 5.04
C VAL A 43 1.77 -7.61 5.74
N LEU A 44 1.10 -6.69 5.09
CA LEU A 44 -0.11 -6.08 5.58
C LEU A 44 -1.14 -6.01 4.46
N SER A 45 -2.27 -6.65 4.63
CA SER A 45 -3.31 -6.57 3.62
C SER A 45 -4.06 -5.26 3.83
N ILE A 46 -4.10 -4.44 2.81
CA ILE A 46 -4.73 -3.16 2.87
C ILE A 46 -5.85 -3.12 1.85
N ARG A 47 -6.66 -2.11 1.89
CA ARG A 47 -7.72 -1.96 0.93
C ARG A 47 -7.35 -0.88 -0.06
N GLN A 48 -8.16 -0.68 -1.07
CA GLN A 48 -7.89 0.33 -2.09
C GLN A 48 -7.93 1.74 -1.51
N ASP A 49 -8.72 1.94 -0.47
CA ASP A 49 -8.79 3.24 0.16
C ASP A 49 -7.57 3.50 1.01
N ASP A 50 -6.98 2.45 1.58
CA ASP A 50 -5.72 2.59 2.36
C ASP A 50 -4.64 3.13 1.45
N LEU A 51 -4.59 2.53 0.27
CA LEU A 51 -3.67 2.89 -0.78
C LEU A 51 -3.82 4.38 -1.15
N ARG A 52 -5.07 4.81 -1.31
CA ARG A 52 -5.38 6.20 -1.63
C ARG A 52 -4.97 7.13 -0.49
N THR A 53 -5.19 6.68 0.74
CA THR A 53 -4.88 7.47 1.94
C THR A 53 -3.37 7.78 2.00
N LEU A 54 -2.56 6.82 1.58
CA LEU A 54 -1.11 6.97 1.55
C LEU A 54 -0.70 8.10 0.60
N ALA A 55 -1.45 8.24 -0.47
CA ALA A 55 -1.20 9.28 -1.44
C ALA A 55 -1.62 10.63 -0.88
N VAL A 56 -2.66 10.61 -0.04
CA VAL A 56 -3.20 11.82 0.56
C VAL A 56 -2.19 12.39 1.55
N ILE A 57 -1.42 11.51 2.21
CA ILE A 57 -0.38 11.89 3.17
C ILE A 57 0.61 12.84 2.50
N TYR A 58 1.03 12.46 1.31
CA TYR A 58 2.07 13.19 0.60
C TYR A 58 1.46 14.22 -0.32
N ASP A 59 0.15 14.22 -0.39
CA ASP A 59 -0.64 15.08 -1.28
C ASP A 59 -0.27 14.81 -2.74
N GLN A 60 -0.45 13.57 -3.12
CA GLN A 60 -0.18 13.12 -4.46
C GLN A 60 -1.36 12.33 -4.97
N SER A 61 -1.30 11.99 -6.22
CA SER A 61 -2.34 11.23 -6.85
C SER A 61 -2.21 9.76 -6.46
N PRO A 62 -3.34 9.08 -6.19
CA PRO A 62 -3.34 7.65 -5.87
C PRO A 62 -2.72 6.85 -7.01
N SER A 63 -2.87 7.37 -8.23
CA SER A 63 -2.35 6.77 -9.43
C SER A 63 -0.83 6.57 -9.32
N VAL A 64 -0.11 7.65 -9.01
CA VAL A 64 1.34 7.60 -8.95
C VAL A 64 1.84 6.85 -7.73
N LEU A 65 1.07 6.92 -6.67
CA LEU A 65 1.42 6.26 -5.42
C LEU A 65 1.39 4.73 -5.64
N THR A 66 0.35 4.27 -6.31
CA THR A 66 0.15 2.86 -6.56
C THR A 66 1.27 2.27 -7.45
N GLU A 67 1.55 2.94 -8.57
CA GLU A 67 2.55 2.45 -9.52
C GLU A 67 3.95 2.45 -8.90
N GLN A 68 4.22 3.38 -8.02
CA GLN A 68 5.47 3.42 -7.33
C GLN A 68 5.63 2.23 -6.42
N LEU A 69 4.62 1.96 -5.60
CA LEU A 69 4.67 0.84 -4.65
C LEU A 69 4.89 -0.49 -5.38
N ILE A 70 4.23 -0.64 -6.52
CA ILE A 70 4.39 -1.84 -7.34
C ILE A 70 5.83 -1.94 -7.87
N SER A 71 6.37 -0.81 -8.32
CA SER A 71 7.74 -0.77 -8.83
C SER A 71 8.79 -1.03 -7.74
N TRP A 72 8.49 -0.63 -6.51
CA TRP A 72 9.43 -0.86 -5.41
C TRP A 72 9.35 -2.32 -4.96
N GLY A 73 8.28 -2.98 -5.33
CA GLY A 73 8.05 -4.36 -4.92
C GLY A 73 7.40 -4.41 -3.56
N VAL A 74 6.78 -3.31 -3.18
CA VAL A 74 6.13 -3.17 -1.89
C VAL A 74 4.67 -3.55 -1.99
N LEU A 75 4.02 -3.15 -3.04
CA LEU A 75 2.63 -3.49 -3.21
C LEU A 75 2.58 -4.73 -4.05
N ASP A 76 1.66 -5.62 -3.73
CA ASP A 76 1.50 -6.87 -4.46
C ASP A 76 1.31 -6.62 -5.94
N ALA A 77 1.97 -7.42 -6.72
CA ALA A 77 1.95 -7.28 -8.16
C ALA A 77 0.57 -7.41 -8.77
N ASP A 78 -0.29 -8.23 -8.18
CA ASP A 78 -1.61 -8.47 -8.78
C ASP A 78 -2.58 -7.35 -8.45
N ALA A 79 -2.25 -6.61 -7.40
CA ALA A 79 -3.07 -5.51 -6.87
C ALA A 79 -3.45 -4.46 -7.92
N ARG A 80 -2.65 -4.32 -8.99
CA ARG A 80 -2.96 -3.29 -10.03
C ARG A 80 -4.31 -3.57 -10.71
N ARG A 81 -4.74 -4.83 -10.65
CA ARG A 81 -6.01 -5.26 -11.25
C ARG A 81 -7.20 -4.71 -10.46
N ALA A 82 -6.95 -4.19 -9.26
CA ALA A 82 -8.01 -3.62 -8.44
C ALA A 82 -8.22 -2.15 -8.78
N VAL A 83 -7.17 -1.48 -9.19
CA VAL A 83 -7.25 -0.05 -9.48
C VAL A 83 -7.46 0.21 -10.96
N ALA A 84 -7.01 -0.71 -11.78
CA ALA A 84 -7.14 -0.64 -13.20
C ALA A 84 -7.82 -1.91 -13.68
N SER A 85 -7.82 -2.15 -14.99
CA SER A 85 -8.47 -3.31 -15.64
C SER A 85 -10.01 -3.37 -15.37
N HIS A 86 -10.65 -4.40 -15.96
CA HIS A 86 -12.10 -4.60 -15.92
C HIS A 86 -12.78 -3.58 -16.82
N ASP A 87 -13.68 -4.06 -17.66
CA ASP A 87 -14.34 -3.26 -18.72
C ASP A 87 -13.39 -3.13 -19.89
N GLU A 88 -13.87 -3.57 -21.06
CA GLU A 88 -13.11 -3.69 -22.30
C GLU A 88 -12.18 -4.89 -22.17
N LEU A 89 -12.60 -6.02 -22.68
CA LEU A 89 -11.81 -7.23 -22.59
C LEU A 89 -11.69 -7.83 -23.98
N MET A 1 -15.47 -13.27 -6.66
CA MET A 1 -15.87 -13.02 -5.28
C MET A 1 -14.91 -11.96 -4.76
N GLU A 2 -15.33 -11.21 -3.73
CA GLU A 2 -14.54 -10.09 -3.19
C GLU A 2 -14.28 -8.99 -4.24
N PRO A 3 -15.29 -8.13 -4.49
CA PRO A 3 -15.16 -7.01 -5.43
C PRO A 3 -14.00 -6.01 -5.12
N PRO A 4 -13.84 -5.49 -3.86
CA PRO A 4 -12.76 -4.56 -3.55
C PRO A 4 -11.39 -5.26 -3.53
N PRO A 5 -10.41 -4.74 -4.30
CA PRO A 5 -9.04 -5.31 -4.35
C PRO A 5 -8.37 -5.36 -2.97
N LYS A 6 -8.07 -6.57 -2.54
CA LYS A 6 -7.46 -6.85 -1.26
C LYS A 6 -5.96 -6.74 -1.45
N LEU A 7 -5.33 -5.87 -0.70
CA LEU A 7 -3.94 -5.56 -0.96
C LEU A 7 -3.04 -5.94 0.19
N VAL A 8 -1.98 -6.62 -0.13
CA VAL A 8 -1.01 -7.00 0.86
C VAL A 8 0.27 -6.21 0.61
N LEU A 9 0.63 -5.40 1.56
CA LEU A 9 1.78 -4.52 1.45
C LEU A 9 2.95 -5.12 2.25
N ASP A 10 4.11 -5.24 1.63
CA ASP A 10 5.29 -5.81 2.33
C ASP A 10 5.96 -4.69 3.12
N LEU A 11 5.83 -4.74 4.43
CA LEU A 11 6.37 -3.69 5.26
C LEU A 11 7.85 -3.86 5.50
N GLU A 12 8.35 -5.06 5.36
CA GLU A 12 9.73 -5.32 5.65
C GLU A 12 10.59 -4.88 4.48
N ARG A 13 10.03 -5.00 3.28
CA ARG A 13 10.66 -4.50 2.08
C ARG A 13 10.60 -2.98 2.10
N LEU A 14 9.49 -2.48 2.62
CA LEU A 14 9.22 -1.06 2.75
C LEU A 14 10.21 -0.41 3.71
N ALA A 15 10.56 -1.15 4.75
CA ALA A 15 11.48 -0.70 5.78
C ALA A 15 12.86 -0.35 5.22
N THR A 16 13.27 -1.03 4.17
CA THR A 16 14.56 -0.77 3.57
C THR A 16 14.51 0.31 2.48
N VAL A 17 13.32 0.77 2.14
CA VAL A 17 13.15 1.82 1.16
C VAL A 17 13.39 3.16 1.86
N PRO A 18 14.29 4.01 1.30
CA PRO A 18 14.65 5.34 1.87
C PRO A 18 13.48 6.12 2.49
N ALA A 19 13.77 6.74 3.63
CA ALA A 19 12.80 7.47 4.44
C ALA A 19 12.16 8.62 3.67
N GLU A 20 12.85 9.11 2.65
CA GLU A 20 12.34 10.19 1.80
C GLU A 20 11.00 9.81 1.17
N LYS A 21 10.87 8.54 0.86
CA LYS A 21 9.69 8.05 0.19
C LYS A 21 8.85 7.18 1.13
N ALA A 22 9.49 6.19 1.72
CA ALA A 22 8.77 5.20 2.48
C ALA A 22 8.64 5.55 3.95
N GLY A 23 9.37 6.55 4.40
CA GLY A 23 9.40 6.93 5.82
C GLY A 23 8.01 7.15 6.45
N PRO A 24 7.26 8.17 5.99
CA PRO A 24 5.90 8.45 6.52
C PRO A 24 4.93 7.30 6.25
N LEU A 25 5.22 6.51 5.22
CA LEU A 25 4.36 5.42 4.84
C LEU A 25 4.54 4.27 5.84
N GLN A 26 5.79 4.02 6.23
CA GLN A 26 6.12 3.01 7.25
C GLN A 26 5.43 3.34 8.55
N ARG A 27 5.40 4.62 8.88
CA ARG A 27 4.76 5.09 10.09
C ARG A 27 3.25 4.85 10.07
N TYR A 28 2.63 5.12 8.92
CA TYR A 28 1.19 4.83 8.72
C TYR A 28 0.97 3.35 8.95
N ALA A 29 1.79 2.54 8.28
CA ALA A 29 1.73 1.10 8.37
C ALA A 29 1.87 0.62 9.82
N ALA A 30 2.87 1.16 10.52
CA ALA A 30 3.12 0.82 11.93
C ALA A 30 1.92 1.13 12.81
N THR A 31 1.20 2.18 12.44
CA THR A 31 0.02 2.60 13.18
C THR A 31 -1.14 1.62 12.92
N ILE A 32 -1.14 1.02 11.75
CA ILE A 32 -2.17 0.09 11.35
C ILE A 32 -1.88 -1.32 11.87
N GLN A 33 -0.58 -1.66 11.99
CA GLN A 33 -0.14 -2.98 12.49
C GLN A 33 -0.85 -3.37 13.78
N SER A 34 -0.95 -2.43 14.69
CA SER A 34 -1.52 -2.66 15.99
C SER A 34 -3.02 -3.02 15.92
N GLN A 35 -3.76 -2.43 14.99
CA GLN A 35 -5.18 -2.77 14.87
C GLN A 35 -5.31 -4.10 14.12
N ARG A 36 -4.29 -4.43 13.35
CA ARG A 36 -4.28 -5.66 12.56
C ARG A 36 -3.77 -6.85 13.36
N GLY A 37 -3.48 -6.62 14.63
CA GLY A 37 -3.08 -7.71 15.49
C GLY A 37 -1.60 -7.72 15.81
N ASP A 38 -0.93 -6.59 15.59
CA ASP A 38 0.50 -6.33 15.95
C ASP A 38 1.46 -7.01 15.00
N TYR A 39 1.24 -8.26 14.84
CA TYR A 39 2.09 -9.13 14.05
C TYR A 39 1.77 -9.12 12.59
N ASN A 40 0.72 -8.42 12.23
CA ASN A 40 0.44 -8.20 10.82
C ASN A 40 1.23 -6.96 10.43
N GLY A 41 2.54 -7.13 10.49
CA GLY A 41 3.46 -6.08 10.22
C GLY A 41 4.60 -6.53 9.34
N LYS A 42 4.62 -7.80 8.99
CA LYS A 42 5.58 -8.28 8.02
C LYS A 42 5.01 -7.91 6.68
N VAL A 43 3.80 -8.33 6.51
CA VAL A 43 2.99 -7.96 5.42
C VAL A 43 1.73 -7.38 6.00
N LEU A 44 1.36 -6.25 5.53
CA LEU A 44 0.23 -5.56 6.03
C LEU A 44 -0.94 -5.87 5.15
N SER A 45 -1.93 -6.48 5.72
CA SER A 45 -3.10 -6.86 4.99
C SER A 45 -4.11 -5.72 5.10
N ILE A 46 -4.22 -4.94 4.03
CA ILE A 46 -5.06 -3.77 4.02
C ILE A 46 -5.97 -3.68 2.80
N ARG A 47 -6.73 -2.63 2.78
CA ARG A 47 -7.69 -2.39 1.74
C ARG A 47 -7.20 -1.34 0.78
N GLN A 48 -7.83 -1.29 -0.37
CA GLN A 48 -7.56 -0.29 -1.39
C GLN A 48 -7.95 1.09 -0.84
N ASP A 49 -8.88 1.07 0.10
CA ASP A 49 -9.37 2.26 0.78
C ASP A 49 -8.24 2.96 1.54
N ASP A 50 -7.36 2.18 2.15
CA ASP A 50 -6.23 2.74 2.88
C ASP A 50 -5.16 3.21 1.93
N LEU A 51 -5.08 2.56 0.77
CA LEU A 51 -4.16 3.01 -0.29
C LEU A 51 -4.61 4.41 -0.75
N ARG A 52 -5.93 4.59 -0.81
CA ARG A 52 -6.53 5.88 -1.18
C ARG A 52 -6.10 6.96 -0.19
N THR A 53 -6.14 6.60 1.09
CA THR A 53 -5.73 7.48 2.17
C THR A 53 -4.28 7.90 2.00
N LEU A 54 -3.41 6.91 1.71
CA LEU A 54 -1.99 7.12 1.49
C LEU A 54 -1.75 8.15 0.40
N ALA A 55 -2.43 7.97 -0.71
CA ALA A 55 -2.28 8.87 -1.86
C ALA A 55 -2.57 10.32 -1.49
N VAL A 56 -3.54 10.53 -0.61
CA VAL A 56 -3.92 11.86 -0.19
C VAL A 56 -2.83 12.49 0.69
N ILE A 57 -2.22 11.66 1.54
CA ILE A 57 -1.20 12.13 2.51
C ILE A 57 0.01 12.70 1.78
N TYR A 58 0.39 12.08 0.69
CA TYR A 58 1.60 12.47 -0.03
C TYR A 58 1.26 13.38 -1.19
N ASP A 59 -0.04 13.66 -1.32
CA ASP A 59 -0.62 14.44 -2.42
C ASP A 59 -0.18 13.86 -3.74
N GLN A 60 -0.60 12.66 -3.99
CA GLN A 60 -0.21 11.96 -5.15
C GLN A 60 -1.38 11.17 -5.69
N SER A 61 -1.43 11.03 -7.00
CA SER A 61 -2.47 10.29 -7.65
C SER A 61 -2.39 8.81 -7.24
N PRO A 62 -3.56 8.15 -7.02
CA PRO A 62 -3.61 6.73 -6.67
C PRO A 62 -2.84 5.86 -7.67
N SER A 63 -2.87 6.26 -8.93
CA SER A 63 -2.18 5.57 -10.00
C SER A 63 -0.67 5.54 -9.72
N VAL A 64 -0.11 6.72 -9.48
CA VAL A 64 1.31 6.87 -9.24
C VAL A 64 1.68 6.20 -7.93
N LEU A 65 0.81 6.34 -6.93
CA LEU A 65 1.01 5.75 -5.60
C LEU A 65 1.17 4.23 -5.74
N THR A 66 0.26 3.60 -6.45
CA THR A 66 0.28 2.17 -6.67
C THR A 66 1.58 1.76 -7.40
N GLU A 67 1.93 2.50 -8.45
CA GLU A 67 3.11 2.20 -9.24
C GLU A 67 4.40 2.35 -8.44
N GLN A 68 4.44 3.32 -7.53
CA GLN A 68 5.59 3.50 -6.65
C GLN A 68 5.83 2.25 -5.83
N LEU A 69 4.79 1.83 -5.15
CA LEU A 69 4.80 0.65 -4.31
C LEU A 69 5.27 -0.59 -5.07
N ILE A 70 4.79 -0.76 -6.26
CA ILE A 70 5.17 -1.88 -7.09
C ILE A 70 6.63 -1.78 -7.51
N SER A 71 7.09 -0.58 -7.80
CA SER A 71 8.45 -0.34 -8.22
C SER A 71 9.43 -0.49 -7.05
N TRP A 72 8.92 -0.33 -5.83
CA TRP A 72 9.74 -0.54 -4.63
C TRP A 72 9.72 -2.00 -4.23
N GLY A 73 8.77 -2.74 -4.77
CA GLY A 73 8.65 -4.16 -4.47
C GLY A 73 7.87 -4.38 -3.20
N VAL A 74 7.07 -3.40 -2.82
CA VAL A 74 6.29 -3.49 -1.62
C VAL A 74 4.85 -3.87 -1.91
N LEU A 75 4.49 -3.88 -3.19
CA LEU A 75 3.13 -4.20 -3.61
C LEU A 75 3.20 -5.02 -4.89
N ASP A 76 2.21 -5.85 -5.13
CA ASP A 76 2.20 -6.75 -6.29
C ASP A 76 1.56 -6.09 -7.52
N ALA A 77 1.90 -6.59 -8.71
CA ALA A 77 1.42 -6.10 -9.99
C ALA A 77 -0.09 -6.34 -10.22
N ASP A 78 -0.67 -7.21 -9.44
CA ASP A 78 -2.14 -7.48 -9.54
C ASP A 78 -2.93 -6.31 -8.98
N ALA A 79 -2.30 -5.60 -8.04
CA ALA A 79 -2.90 -4.45 -7.37
C ALA A 79 -3.23 -3.33 -8.35
N ARG A 80 -2.54 -3.32 -9.49
CA ARG A 80 -2.72 -2.32 -10.55
C ARG A 80 -4.16 -2.29 -11.06
N ARG A 81 -4.86 -3.40 -10.89
CA ARG A 81 -6.22 -3.52 -11.36
C ARG A 81 -7.18 -2.74 -10.47
N ALA A 82 -6.70 -2.32 -9.30
CA ALA A 82 -7.48 -1.49 -8.39
C ALA A 82 -7.64 -0.12 -9.00
N VAL A 83 -6.58 0.39 -9.57
CA VAL A 83 -6.60 1.66 -10.23
C VAL A 83 -6.63 1.43 -11.73
N ALA A 84 -7.76 1.00 -12.19
CA ALA A 84 -7.98 0.73 -13.59
C ALA A 84 -9.09 1.62 -14.09
N SER A 85 -9.49 1.44 -15.32
CA SER A 85 -10.56 2.21 -15.89
C SER A 85 -11.88 1.77 -15.27
N HIS A 86 -12.66 2.73 -14.89
CA HIS A 86 -13.95 2.50 -14.29
C HIS A 86 -14.92 3.43 -14.95
N ASP A 87 -16.14 3.43 -14.50
CA ASP A 87 -17.13 4.35 -15.05
C ASP A 87 -16.97 5.71 -14.43
N GLU A 88 -16.05 5.79 -13.49
CA GLU A 88 -15.71 7.02 -12.78
C GLU A 88 -14.29 7.45 -13.18
N LEU A 89 -13.68 6.70 -14.07
CA LEU A 89 -12.32 6.96 -14.49
C LEU A 89 -12.13 6.38 -15.87
N MET A 1 -10.78 -10.04 3.13
CA MET A 1 -11.56 -9.21 2.22
C MET A 1 -12.32 -10.08 1.26
N GLU A 2 -13.56 -9.69 1.01
CA GLU A 2 -14.41 -10.37 0.06
C GLU A 2 -13.84 -10.24 -1.36
N PRO A 3 -13.55 -8.99 -1.87
CA PRO A 3 -12.85 -8.84 -3.13
C PRO A 3 -11.43 -9.39 -2.99
N PRO A 4 -11.03 -10.34 -3.85
CA PRO A 4 -9.69 -10.96 -3.81
C PRO A 4 -8.51 -9.95 -3.78
N PRO A 5 -8.46 -8.88 -4.64
CA PRO A 5 -7.36 -7.95 -4.63
C PRO A 5 -7.35 -7.01 -3.41
N LYS A 6 -6.44 -7.30 -2.53
CA LYS A 6 -6.17 -6.49 -1.39
C LYS A 6 -4.73 -6.05 -1.44
N LEU A 7 -4.47 -4.91 -0.88
CA LEU A 7 -3.16 -4.31 -1.00
C LEU A 7 -2.21 -4.91 0.01
N VAL A 8 -1.44 -5.86 -0.45
CA VAL A 8 -0.44 -6.51 0.35
C VAL A 8 0.86 -5.75 0.24
N LEU A 9 1.31 -5.22 1.33
CA LEU A 9 2.54 -4.49 1.40
C LEU A 9 3.53 -5.26 2.23
N ASP A 10 4.69 -5.51 1.69
CA ASP A 10 5.74 -6.19 2.44
C ASP A 10 6.44 -5.17 3.30
N LEU A 11 6.34 -5.31 4.61
CA LEU A 11 6.86 -4.31 5.53
C LEU A 11 8.35 -4.42 5.70
N GLU A 12 8.87 -5.59 5.47
CA GLU A 12 10.29 -5.82 5.61
C GLU A 12 11.01 -5.19 4.44
N ARG A 13 10.47 -5.39 3.25
CA ARG A 13 11.01 -4.80 2.04
C ARG A 13 10.74 -3.29 2.06
N LEU A 14 9.66 -2.90 2.72
CA LEU A 14 9.29 -1.50 2.87
C LEU A 14 10.35 -0.78 3.71
N ALA A 15 10.99 -1.51 4.60
CA ALA A 15 12.04 -0.96 5.42
C ALA A 15 13.38 -1.01 4.68
N THR A 16 13.39 -1.64 3.52
CA THR A 16 14.58 -1.78 2.73
C THR A 16 14.64 -0.65 1.68
N VAL A 17 13.50 -0.06 1.40
CA VAL A 17 13.44 1.02 0.46
C VAL A 17 13.54 2.35 1.23
N PRO A 18 14.39 3.29 0.71
CA PRO A 18 14.66 4.63 1.26
C PRO A 18 13.61 5.21 2.20
N ALA A 19 14.01 5.39 3.45
CA ALA A 19 13.16 5.91 4.51
C ALA A 19 12.70 7.34 4.22
N GLU A 20 13.43 8.05 3.39
CA GLU A 20 13.01 9.41 3.03
C GLU A 20 11.85 9.42 2.04
N LYS A 21 11.56 8.26 1.46
CA LYS A 21 10.44 8.14 0.58
C LYS A 21 9.34 7.31 1.22
N ALA A 22 9.72 6.18 1.77
CA ALA A 22 8.76 5.23 2.33
C ALA A 22 8.48 5.46 3.80
N GLY A 23 9.28 6.31 4.44
CA GLY A 23 9.18 6.59 5.89
C GLY A 23 7.77 6.81 6.40
N PRO A 24 7.01 7.80 5.86
CA PRO A 24 5.61 8.04 6.23
C PRO A 24 4.77 6.76 6.21
N LEU A 25 4.95 5.96 5.17
CA LEU A 25 4.22 4.72 5.00
C LEU A 25 4.69 3.67 6.00
N GLN A 26 6.01 3.63 6.23
CA GLN A 26 6.60 2.71 7.22
C GLN A 26 5.95 2.93 8.57
N ARG A 27 5.74 4.20 8.91
CA ARG A 27 5.10 4.58 10.16
C ARG A 27 3.63 4.19 10.14
N TYR A 28 2.95 4.60 9.07
CA TYR A 28 1.52 4.35 8.87
C TYR A 28 1.20 2.87 9.01
N ALA A 29 2.02 2.04 8.39
CA ALA A 29 1.88 0.58 8.43
C ALA A 29 1.88 0.06 9.86
N ALA A 30 2.86 0.51 10.65
CA ALA A 30 2.99 0.07 12.04
C ALA A 30 1.81 0.58 12.86
N THR A 31 1.38 1.78 12.52
CA THR A 31 0.25 2.42 13.17
C THR A 31 -1.04 1.60 12.91
N ILE A 32 -1.25 1.22 11.66
CA ILE A 32 -2.42 0.45 11.27
C ILE A 32 -2.41 -0.92 11.92
N GLN A 33 -1.24 -1.55 12.00
CA GLN A 33 -1.16 -2.84 12.63
C GLN A 33 -1.50 -2.76 14.11
N SER A 34 -1.06 -1.70 14.74
CA SER A 34 -1.36 -1.45 16.13
C SER A 34 -2.88 -1.21 16.31
N GLN A 35 -3.47 -0.40 15.43
CA GLN A 35 -4.91 -0.10 15.45
C GLN A 35 -5.78 -1.33 15.22
N ARG A 36 -5.34 -2.22 14.36
CA ARG A 36 -6.10 -3.45 14.09
C ARG A 36 -5.92 -4.47 15.22
N GLY A 37 -4.88 -4.26 16.02
CA GLY A 37 -4.59 -5.20 17.09
C GLY A 37 -3.90 -6.43 16.56
N ASP A 38 -3.13 -6.25 15.51
CA ASP A 38 -2.41 -7.34 14.86
C ASP A 38 -1.07 -6.83 14.39
N TYR A 39 -0.04 -7.14 15.11
CA TYR A 39 1.28 -6.73 14.74
C TYR A 39 1.96 -7.87 14.02
N ASN A 40 1.67 -7.96 12.75
CA ASN A 40 2.24 -9.00 11.91
C ASN A 40 3.72 -8.74 11.71
N GLY A 41 4.07 -7.50 11.40
CA GLY A 41 5.47 -7.12 11.25
C GLY A 41 6.10 -7.51 9.91
N LYS A 42 5.59 -8.55 9.28
CA LYS A 42 6.13 -9.03 8.02
C LYS A 42 5.49 -8.29 6.86
N VAL A 43 4.18 -8.41 6.76
CA VAL A 43 3.41 -7.84 5.70
C VAL A 43 2.20 -7.13 6.26
N LEU A 44 1.55 -6.37 5.43
CA LEU A 44 0.32 -5.68 5.76
C LEU A 44 -0.62 -5.86 4.60
N SER A 45 -1.89 -5.85 4.86
CA SER A 45 -2.87 -5.97 3.82
C SER A 45 -4.04 -5.05 4.13
N ILE A 46 -4.18 -3.99 3.35
CA ILE A 46 -5.25 -3.04 3.57
C ILE A 46 -6.23 -3.06 2.43
N ARG A 47 -7.28 -2.30 2.59
CA ARG A 47 -8.35 -2.24 1.65
C ARG A 47 -8.03 -1.24 0.56
N GLN A 48 -8.76 -1.31 -0.53
CA GLN A 48 -8.58 -0.41 -1.68
C GLN A 48 -8.91 1.01 -1.25
N ASP A 49 -9.87 1.10 -0.36
CA ASP A 49 -10.33 2.35 0.22
C ASP A 49 -9.24 3.01 1.04
N ASP A 50 -8.41 2.19 1.70
CA ASP A 50 -7.36 2.71 2.57
C ASP A 50 -6.24 3.27 1.75
N LEU A 51 -5.95 2.62 0.63
CA LEU A 51 -4.87 3.06 -0.26
C LEU A 51 -5.20 4.46 -0.81
N ARG A 52 -6.49 4.74 -0.95
CA ARG A 52 -6.97 6.02 -1.43
C ARG A 52 -6.62 7.11 -0.41
N THR A 53 -6.63 6.74 0.87
CA THR A 53 -6.31 7.63 1.96
C THR A 53 -4.82 8.03 1.87
N LEU A 54 -3.98 7.06 1.51
CA LEU A 54 -2.54 7.29 1.35
C LEU A 54 -2.25 8.33 0.29
N ALA A 55 -3.02 8.27 -0.78
CA ALA A 55 -2.89 9.23 -1.87
C ALA A 55 -3.21 10.65 -1.38
N VAL A 56 -4.05 10.76 -0.37
CA VAL A 56 -4.41 12.05 0.21
C VAL A 56 -3.28 12.51 1.15
N ILE A 57 -2.66 11.55 1.85
CA ILE A 57 -1.58 11.86 2.81
C ILE A 57 -0.40 12.48 2.07
N TYR A 58 0.00 11.84 0.99
CA TYR A 58 1.19 12.26 0.26
C TYR A 58 0.81 13.25 -0.82
N ASP A 59 -0.48 13.51 -0.93
CA ASP A 59 -1.09 14.37 -1.95
C ASP A 59 -0.62 14.02 -3.35
N GLN A 60 -1.03 12.86 -3.77
CA GLN A 60 -0.70 12.32 -5.06
C GLN A 60 -1.93 11.63 -5.62
N SER A 61 -1.86 11.19 -6.85
CA SER A 61 -2.94 10.48 -7.44
C SER A 61 -2.73 8.99 -7.15
N PRO A 62 -3.82 8.20 -6.93
CA PRO A 62 -3.72 6.75 -6.67
C PRO A 62 -2.91 6.03 -7.75
N SER A 63 -2.98 6.53 -8.97
CA SER A 63 -2.26 5.98 -10.08
C SER A 63 -0.73 6.06 -9.84
N VAL A 64 -0.20 7.28 -9.59
CA VAL A 64 1.24 7.44 -9.40
C VAL A 64 1.68 6.86 -8.05
N LEU A 65 0.74 6.83 -7.12
CA LEU A 65 0.95 6.27 -5.81
C LEU A 65 1.24 4.77 -5.97
N THR A 66 0.39 4.09 -6.72
CA THR A 66 0.54 2.67 -6.95
C THR A 66 1.85 2.39 -7.75
N GLU A 67 2.20 3.32 -8.66
CA GLU A 67 3.43 3.23 -9.44
C GLU A 67 4.64 3.12 -8.53
N GLN A 68 4.69 4.01 -7.54
CA GLN A 68 5.76 4.01 -6.57
C GLN A 68 5.80 2.73 -5.78
N LEU A 69 4.66 2.35 -5.22
CA LEU A 69 4.53 1.15 -4.39
C LEU A 69 4.98 -0.13 -5.12
N ILE A 70 4.58 -0.26 -6.37
CA ILE A 70 4.97 -1.40 -7.18
C ILE A 70 6.45 -1.30 -7.58
N SER A 71 6.91 -0.10 -7.86
CA SER A 71 8.32 0.11 -8.23
C SER A 71 9.26 -0.18 -7.05
N TRP A 72 8.75 -0.07 -5.83
CA TRP A 72 9.54 -0.40 -4.66
C TRP A 72 9.52 -1.90 -4.42
N GLY A 73 8.56 -2.57 -5.05
CA GLY A 73 8.45 -4.01 -4.94
C GLY A 73 7.81 -4.43 -3.66
N VAL A 74 7.17 -3.49 -3.01
CA VAL A 74 6.52 -3.76 -1.76
C VAL A 74 5.07 -4.12 -2.00
N LEU A 75 4.55 -3.63 -3.12
CA LEU A 75 3.19 -3.91 -3.52
C LEU A 75 3.24 -4.77 -4.76
N ASP A 76 2.24 -5.60 -4.91
CA ASP A 76 2.16 -6.54 -6.01
C ASP A 76 1.80 -5.82 -7.30
N ALA A 77 2.36 -6.26 -8.41
CA ALA A 77 2.18 -5.62 -9.71
C ALA A 77 0.76 -5.81 -10.26
N ASP A 78 0.10 -6.84 -9.82
CA ASP A 78 -1.26 -7.15 -10.27
C ASP A 78 -2.31 -6.39 -9.45
N ALA A 79 -1.95 -6.07 -8.21
CA ALA A 79 -2.84 -5.43 -7.21
C ALA A 79 -3.47 -4.12 -7.71
N ARG A 80 -2.77 -3.50 -8.62
CA ARG A 80 -3.16 -2.22 -9.19
C ARG A 80 -4.46 -2.29 -9.99
N ARG A 81 -4.86 -3.48 -10.43
CA ARG A 81 -6.07 -3.64 -11.25
C ARG A 81 -7.31 -3.32 -10.44
N ALA A 82 -7.17 -3.38 -9.12
CA ALA A 82 -8.26 -3.08 -8.22
C ALA A 82 -8.25 -1.61 -7.84
N VAL A 83 -7.16 -0.94 -8.11
CA VAL A 83 -7.01 0.47 -7.78
C VAL A 83 -7.53 1.29 -8.94
N ALA A 84 -7.25 0.81 -10.15
CA ALA A 84 -7.61 1.47 -11.39
C ALA A 84 -9.11 1.32 -11.74
N SER A 85 -9.94 1.19 -10.73
CA SER A 85 -11.38 1.10 -10.90
C SER A 85 -11.98 2.51 -11.08
N HIS A 86 -11.12 3.49 -10.86
CA HIS A 86 -11.42 4.89 -11.08
C HIS A 86 -10.35 5.43 -11.99
N ASP A 87 -10.74 6.04 -13.07
CA ASP A 87 -9.78 6.59 -14.01
C ASP A 87 -9.42 8.01 -13.66
N GLU A 88 -10.46 8.81 -13.37
CA GLU A 88 -10.34 10.25 -13.04
C GLU A 88 -9.98 11.09 -14.30
N LEU A 89 -9.04 10.59 -15.08
CA LEU A 89 -8.64 11.14 -16.35
C LEU A 89 -8.03 10.03 -17.20
N MET A 1 -17.63 -13.29 -8.31
CA MET A 1 -16.72 -13.56 -9.44
C MET A 1 -15.43 -14.18 -8.96
N GLU A 2 -14.60 -13.37 -8.32
CA GLU A 2 -13.30 -13.78 -7.85
C GLU A 2 -12.82 -12.68 -6.89
N PRO A 3 -11.85 -12.97 -6.01
CA PRO A 3 -11.33 -11.97 -5.06
C PRO A 3 -10.73 -10.75 -5.75
N PRO A 4 -10.83 -9.56 -5.15
CA PRO A 4 -10.29 -8.33 -5.70
C PRO A 4 -8.76 -8.28 -5.50
N PRO A 5 -8.06 -7.29 -6.09
CA PRO A 5 -6.63 -7.10 -5.86
C PRO A 5 -6.38 -6.74 -4.41
N LYS A 6 -5.75 -7.62 -3.67
CA LYS A 6 -5.52 -7.40 -2.27
C LYS A 6 -4.24 -6.65 -2.06
N LEU A 7 -4.31 -5.63 -1.26
CA LEU A 7 -3.18 -4.79 -1.03
C LEU A 7 -2.36 -5.31 0.11
N VAL A 8 -1.33 -6.01 -0.24
CA VAL A 8 -0.42 -6.52 0.71
C VAL A 8 0.83 -5.68 0.67
N LEU A 9 1.06 -4.98 1.72
CA LEU A 9 2.20 -4.13 1.85
C LEU A 9 3.32 -4.95 2.47
N ASP A 10 4.31 -5.27 1.67
CA ASP A 10 5.45 -6.06 2.14
C ASP A 10 6.30 -5.19 3.03
N LEU A 11 6.24 -5.43 4.32
CA LEU A 11 6.92 -4.58 5.29
C LEU A 11 8.41 -4.86 5.32
N GLU A 12 8.78 -6.07 4.94
CA GLU A 12 10.17 -6.45 4.89
C GLU A 12 10.89 -5.68 3.81
N ARG A 13 10.28 -5.63 2.64
CA ARG A 13 10.81 -4.87 1.53
C ARG A 13 10.69 -3.38 1.80
N LEU A 14 9.64 -2.99 2.50
CA LEU A 14 9.37 -1.60 2.82
C LEU A 14 10.52 -1.02 3.68
N ALA A 15 11.05 -1.85 4.55
CA ALA A 15 12.17 -1.46 5.41
C ALA A 15 13.47 -1.26 4.60
N THR A 16 13.46 -1.64 3.34
CA THR A 16 14.60 -1.48 2.47
C THR A 16 14.36 -0.29 1.50
N VAL A 17 13.21 0.33 1.63
CA VAL A 17 12.84 1.47 0.84
C VAL A 17 13.34 2.72 1.54
N PRO A 18 13.95 3.68 0.79
CA PRO A 18 14.39 4.95 1.34
C PRO A 18 13.34 5.61 2.24
N ALA A 19 13.73 5.90 3.47
CA ALA A 19 12.87 6.47 4.50
C ALA A 19 12.33 7.84 4.07
N GLU A 20 12.98 8.44 3.09
CA GLU A 20 12.55 9.71 2.52
C GLU A 20 11.14 9.61 1.94
N LYS A 21 10.76 8.42 1.50
CA LYS A 21 9.41 8.19 0.98
C LYS A 21 8.66 7.19 1.86
N ALA A 22 9.39 6.26 2.45
CA ALA A 22 8.81 5.20 3.26
C ALA A 22 8.43 5.65 4.67
N GLY A 23 8.97 6.78 5.09
CA GLY A 23 8.78 7.30 6.45
C GLY A 23 7.32 7.34 6.93
N PRO A 24 6.43 8.16 6.31
CA PRO A 24 5.04 8.28 6.75
C PRO A 24 4.26 7.00 6.48
N LEU A 25 4.77 6.19 5.57
CA LEU A 25 4.15 4.95 5.21
C LEU A 25 4.33 3.95 6.34
N GLN A 26 5.54 3.89 6.88
CA GLN A 26 5.84 3.05 8.02
C GLN A 26 5.06 3.51 9.24
N ARG A 27 4.94 4.83 9.37
CA ARG A 27 4.18 5.45 10.46
C ARG A 27 2.72 5.02 10.39
N TYR A 28 2.14 5.11 9.19
CA TYR A 28 0.78 4.68 8.92
C TYR A 28 0.60 3.24 9.31
N ALA A 29 1.31 2.44 8.61
CA ALA A 29 1.36 0.99 8.80
C ALA A 29 1.53 0.57 10.28
N ALA A 30 2.44 1.21 10.99
CA ALA A 30 2.67 0.86 12.39
C ALA A 30 1.49 1.27 13.25
N THR A 31 1.00 2.48 13.05
CA THR A 31 -0.11 3.00 13.82
C THR A 31 -1.38 2.15 13.59
N ILE A 32 -1.63 1.81 12.32
CA ILE A 32 -2.78 0.97 11.97
C ILE A 32 -2.70 -0.37 12.69
N GLN A 33 -1.54 -1.02 12.62
CA GLN A 33 -1.35 -2.30 13.29
C GLN A 33 -1.47 -2.18 14.80
N SER A 34 -1.07 -1.05 15.34
CA SER A 34 -1.18 -0.81 16.77
C SER A 34 -2.66 -0.66 17.17
N GLN A 35 -3.43 0.03 16.33
CA GLN A 35 -4.87 0.22 16.58
C GLN A 35 -5.61 -1.10 16.37
N ARG A 36 -5.15 -1.86 15.42
CA ARG A 36 -5.69 -3.19 15.10
C ARG A 36 -5.31 -4.20 16.15
N GLY A 37 -4.19 -4.00 16.80
CA GLY A 37 -3.70 -4.93 17.78
C GLY A 37 -2.81 -5.96 17.13
N ASP A 38 -3.22 -6.44 15.97
CA ASP A 38 -2.48 -7.45 15.24
C ASP A 38 -1.39 -6.84 14.35
N TYR A 39 -0.19 -6.87 14.85
CA TYR A 39 0.96 -6.45 14.14
C TYR A 39 1.55 -7.68 13.48
N ASN A 40 1.40 -7.77 12.19
CA ASN A 40 1.88 -8.91 11.43
C ASN A 40 3.39 -8.82 11.34
N GLY A 41 3.88 -7.68 10.92
CA GLY A 41 5.29 -7.46 10.86
C GLY A 41 5.89 -7.80 9.52
N LYS A 42 5.52 -8.94 8.99
CA LYS A 42 6.03 -9.40 7.72
C LYS A 42 5.40 -8.60 6.59
N VAL A 43 4.09 -8.59 6.58
CA VAL A 43 3.31 -7.89 5.59
C VAL A 43 2.16 -7.21 6.28
N LEU A 44 1.41 -6.44 5.56
CA LEU A 44 0.22 -5.81 6.07
C LEU A 44 -0.81 -5.77 4.97
N SER A 45 -1.97 -6.32 5.21
CA SER A 45 -2.98 -6.34 4.21
C SER A 45 -4.00 -5.23 4.50
N ILE A 46 -4.00 -4.23 3.65
CA ILE A 46 -4.87 -3.08 3.80
C ILE A 46 -5.94 -3.11 2.71
N ARG A 47 -6.99 -2.33 2.87
CA ARG A 47 -8.07 -2.33 1.88
C ARG A 47 -7.68 -1.50 0.66
N GLN A 48 -8.52 -1.52 -0.35
CA GLN A 48 -8.33 -0.68 -1.54
C GLN A 48 -8.54 0.77 -1.11
N ASP A 49 -9.41 0.91 -0.13
CA ASP A 49 -9.70 2.18 0.51
C ASP A 49 -8.47 2.72 1.25
N ASP A 50 -7.71 1.82 1.86
CA ASP A 50 -6.48 2.20 2.57
C ASP A 50 -5.44 2.63 1.57
N LEU A 51 -5.38 1.94 0.44
CA LEU A 51 -4.46 2.26 -0.65
C LEU A 51 -4.66 3.72 -1.08
N ARG A 52 -5.93 4.11 -1.19
CA ARG A 52 -6.30 5.46 -1.55
C ARG A 52 -5.86 6.44 -0.46
N THR A 53 -5.94 5.99 0.77
CA THR A 53 -5.55 6.78 1.93
C THR A 53 -4.04 7.13 1.86
N LEU A 54 -3.22 6.15 1.45
CA LEU A 54 -1.77 6.35 1.26
C LEU A 54 -1.51 7.51 0.31
N ALA A 55 -2.24 7.53 -0.78
CA ALA A 55 -2.11 8.56 -1.80
C ALA A 55 -2.46 9.94 -1.23
N VAL A 56 -3.40 9.98 -0.32
CA VAL A 56 -3.85 11.23 0.28
C VAL A 56 -2.76 11.81 1.21
N ILE A 57 -2.03 10.91 1.88
CA ILE A 57 -0.97 11.30 2.83
C ILE A 57 0.12 12.09 2.11
N TYR A 58 0.51 11.61 0.95
CA TYR A 58 1.65 12.21 0.23
C TYR A 58 1.15 13.20 -0.81
N ASP A 59 -0.16 13.27 -0.91
CA ASP A 59 -0.86 14.03 -1.94
C ASP A 59 -0.42 13.58 -3.32
N GLN A 60 -0.73 12.36 -3.59
CA GLN A 60 -0.40 11.69 -4.82
C GLN A 60 -1.66 11.17 -5.42
N SER A 61 -1.65 10.96 -6.68
CA SER A 61 -2.77 10.38 -7.34
C SER A 61 -2.61 8.86 -7.27
N PRO A 62 -3.68 8.12 -6.85
CA PRO A 62 -3.64 6.65 -6.66
C PRO A 62 -2.99 5.87 -7.80
N SER A 63 -3.13 6.38 -9.03
CA SER A 63 -2.51 5.78 -10.19
C SER A 63 -0.99 5.71 -10.03
N VAL A 64 -0.38 6.83 -9.65
CA VAL A 64 1.07 6.90 -9.49
C VAL A 64 1.49 6.19 -8.21
N LEU A 65 0.59 6.20 -7.24
CA LEU A 65 0.81 5.61 -5.94
C LEU A 65 1.11 4.11 -6.05
N THR A 66 0.34 3.40 -6.87
CA THR A 66 0.55 2.02 -7.04
C THR A 66 1.86 1.77 -7.76
N GLU A 67 2.13 2.59 -8.77
CA GLU A 67 3.32 2.44 -9.59
C GLU A 67 4.56 2.55 -8.74
N GLN A 68 4.54 3.50 -7.80
CA GLN A 68 5.62 3.70 -6.86
C GLN A 68 5.90 2.42 -6.08
N LEU A 69 4.88 1.89 -5.45
CA LEU A 69 5.00 0.70 -4.62
C LEU A 69 5.46 -0.51 -5.43
N ILE A 70 4.99 -0.61 -6.66
CA ILE A 70 5.40 -1.69 -7.56
C ILE A 70 6.87 -1.53 -7.92
N SER A 71 7.27 -0.30 -8.21
CA SER A 71 8.62 0.01 -8.63
C SER A 71 9.64 -0.21 -7.50
N TRP A 72 9.20 -0.09 -6.25
CA TRP A 72 10.07 -0.33 -5.10
C TRP A 72 10.18 -1.84 -4.84
N GLY A 73 9.26 -2.57 -5.42
CA GLY A 73 9.23 -4.01 -5.28
C GLY A 73 8.41 -4.44 -4.09
N VAL A 74 7.50 -3.60 -3.69
CA VAL A 74 6.68 -3.85 -2.53
C VAL A 74 5.32 -4.39 -2.95
N LEU A 75 4.72 -3.74 -3.92
CA LEU A 75 3.39 -4.08 -4.35
C LEU A 75 3.46 -4.72 -5.74
N ASP A 76 2.42 -5.46 -6.09
CA ASP A 76 2.37 -6.13 -7.38
C ASP A 76 1.48 -5.33 -8.32
N ALA A 77 1.68 -5.50 -9.62
CA ALA A 77 0.91 -4.81 -10.66
C ALA A 77 -0.56 -5.21 -10.63
N ASP A 78 -0.85 -6.34 -10.02
CA ASP A 78 -2.24 -6.85 -9.85
C ASP A 78 -3.10 -5.83 -9.11
N ALA A 79 -2.47 -5.12 -8.19
CA ALA A 79 -3.12 -4.14 -7.34
C ALA A 79 -3.70 -2.96 -8.12
N ARG A 80 -3.14 -2.69 -9.29
CA ARG A 80 -3.54 -1.54 -10.13
C ARG A 80 -4.99 -1.69 -10.58
N ARG A 81 -5.46 -2.94 -10.60
CA ARG A 81 -6.82 -3.28 -10.99
C ARG A 81 -7.85 -2.76 -9.98
N ALA A 82 -7.36 -2.34 -8.80
CA ALA A 82 -8.23 -1.78 -7.77
C ALA A 82 -8.34 -0.27 -7.91
N VAL A 83 -7.46 0.31 -8.70
CA VAL A 83 -7.43 1.76 -8.91
C VAL A 83 -8.13 2.10 -10.21
N ALA A 84 -7.86 1.31 -11.22
CA ALA A 84 -8.44 1.49 -12.52
C ALA A 84 -8.87 0.14 -13.02
N SER A 85 -9.86 0.13 -13.91
CA SER A 85 -10.44 -1.08 -14.50
C SER A 85 -10.97 -2.06 -13.43
N HIS A 86 -11.41 -1.51 -12.32
CA HIS A 86 -11.98 -2.28 -11.25
C HIS A 86 -13.39 -2.65 -11.66
N ASP A 87 -13.86 -3.79 -11.24
CA ASP A 87 -15.16 -4.22 -11.68
C ASP A 87 -16.08 -4.34 -10.48
N GLU A 88 -17.32 -4.66 -10.72
CA GLU A 88 -18.29 -4.74 -9.69
C GLU A 88 -18.47 -6.18 -9.27
N LEU A 89 -17.87 -6.50 -8.17
CA LEU A 89 -17.90 -7.83 -7.63
C LEU A 89 -18.76 -7.87 -6.38
N MET A 1 -16.70 -11.00 -12.29
CA MET A 1 -17.00 -11.51 -10.95
C MET A 1 -15.74 -12.02 -10.34
N GLU A 2 -15.17 -11.22 -9.47
CA GLU A 2 -13.93 -11.58 -8.83
C GLU A 2 -14.07 -11.38 -7.34
N PRO A 3 -13.47 -12.26 -6.53
CA PRO A 3 -13.46 -12.09 -5.08
C PRO A 3 -12.66 -10.85 -4.69
N PRO A 4 -13.07 -10.16 -3.59
CA PRO A 4 -12.41 -8.92 -3.12
C PRO A 4 -10.90 -9.12 -2.89
N PRO A 5 -10.05 -8.43 -3.67
CA PRO A 5 -8.60 -8.54 -3.53
C PRO A 5 -8.09 -7.85 -2.27
N LYS A 6 -7.08 -8.42 -1.68
CA LYS A 6 -6.44 -7.83 -0.53
C LYS A 6 -5.04 -7.40 -0.94
N LEU A 7 -4.68 -6.20 -0.59
CA LEU A 7 -3.45 -5.64 -1.05
C LEU A 7 -2.34 -5.93 -0.04
N VAL A 8 -1.37 -6.68 -0.47
CA VAL A 8 -0.28 -7.08 0.38
C VAL A 8 0.90 -6.12 0.24
N LEU A 9 1.17 -5.42 1.30
CA LEU A 9 2.28 -4.53 1.40
C LEU A 9 3.37 -5.23 2.20
N ASP A 10 4.54 -5.34 1.64
CA ASP A 10 5.66 -6.00 2.30
C ASP A 10 6.44 -4.98 3.08
N LEU A 11 6.41 -5.11 4.38
CA LEU A 11 7.02 -4.15 5.27
C LEU A 11 8.53 -4.35 5.38
N GLU A 12 8.99 -5.53 5.02
CA GLU A 12 10.40 -5.83 5.11
C GLU A 12 11.11 -5.25 3.91
N ARG A 13 10.46 -5.39 2.78
CA ARG A 13 10.93 -4.83 1.54
C ARG A 13 10.92 -3.32 1.67
N LEU A 14 9.87 -2.84 2.34
CA LEU A 14 9.66 -1.42 2.59
C LEU A 14 10.74 -0.85 3.49
N ALA A 15 11.30 -1.69 4.33
CA ALA A 15 12.35 -1.28 5.23
C ALA A 15 13.67 -1.14 4.48
N THR A 16 13.70 -1.63 3.27
CA THR A 16 14.88 -1.57 2.46
C THR A 16 14.78 -0.36 1.50
N VAL A 17 13.66 0.33 1.57
CA VAL A 17 13.41 1.49 0.76
C VAL A 17 13.75 2.72 1.58
N PRO A 18 14.59 3.64 1.02
CA PRO A 18 14.99 4.89 1.66
C PRO A 18 13.89 5.57 2.47
N ALA A 19 14.23 5.94 3.69
CA ALA A 19 13.32 6.53 4.65
C ALA A 19 12.72 7.85 4.16
N GLU A 20 13.35 8.46 3.17
CA GLU A 20 12.83 9.68 2.56
C GLU A 20 11.48 9.38 1.88
N LYS A 21 11.36 8.18 1.31
CA LYS A 21 10.13 7.80 0.63
C LYS A 21 9.29 6.93 1.55
N ALA A 22 9.94 5.97 2.18
CA ALA A 22 9.25 4.95 2.97
C ALA A 22 8.97 5.39 4.41
N GLY A 23 9.52 6.52 4.82
CA GLY A 23 9.38 7.00 6.20
C GLY A 23 7.93 7.14 6.67
N PRO A 24 7.13 8.07 6.09
CA PRO A 24 5.73 8.25 6.47
C PRO A 24 4.89 7.00 6.19
N LEU A 25 5.35 6.21 5.25
CA LEU A 25 4.67 5.00 4.87
C LEU A 25 4.80 3.94 5.95
N GLN A 26 6.00 3.75 6.48
CA GLN A 26 6.23 2.83 7.58
C GLN A 26 5.45 3.26 8.82
N ARG A 27 5.42 4.58 9.05
CA ARG A 27 4.69 5.16 10.16
C ARG A 27 3.20 4.84 10.07
N TYR A 28 2.64 5.04 8.88
CA TYR A 28 1.25 4.80 8.68
C TYR A 28 0.97 3.30 8.69
N ALA A 29 1.91 2.52 8.19
CA ALA A 29 1.80 1.06 8.20
C ALA A 29 1.68 0.54 9.62
N ALA A 30 2.48 1.10 10.52
CA ALA A 30 2.42 0.74 11.94
C ALA A 30 1.03 1.09 12.50
N THR A 31 0.53 2.22 12.06
CA THR A 31 -0.81 2.68 12.43
C THR A 31 -1.88 1.69 11.90
N ILE A 32 -1.69 1.18 10.69
CA ILE A 32 -2.60 0.22 10.10
C ILE A 32 -2.58 -1.11 10.89
N GLN A 33 -1.37 -1.53 11.32
CA GLN A 33 -1.27 -2.72 12.17
C GLN A 33 -2.02 -2.51 13.45
N SER A 34 -1.93 -1.32 14.00
CA SER A 34 -2.64 -1.00 15.22
C SER A 34 -4.16 -1.12 14.99
N GLN A 35 -4.64 -0.60 13.85
CA GLN A 35 -6.06 -0.69 13.47
C GLN A 35 -6.53 -2.14 13.43
N ARG A 36 -5.76 -2.97 12.74
CA ARG A 36 -6.12 -4.37 12.55
C ARG A 36 -5.77 -5.23 13.76
N GLY A 37 -5.03 -4.68 14.70
CA GLY A 37 -4.52 -5.48 15.81
C GLY A 37 -3.55 -6.51 15.26
N ASP A 38 -2.85 -6.11 14.23
CA ASP A 38 -2.00 -6.97 13.46
C ASP A 38 -0.64 -7.08 14.09
N TYR A 39 -0.04 -8.21 13.91
CA TYR A 39 1.20 -8.58 14.54
C TYR A 39 2.15 -9.24 13.54
N ASN A 40 1.94 -9.00 12.26
CA ASN A 40 2.76 -9.63 11.24
C ASN A 40 4.12 -9.00 11.19
N GLY A 41 4.19 -7.74 10.80
CA GLY A 41 5.47 -7.05 10.70
C GLY A 41 6.20 -7.37 9.40
N LYS A 42 5.76 -8.42 8.74
CA LYS A 42 6.32 -8.82 7.47
C LYS A 42 5.46 -8.32 6.35
N VAL A 43 4.24 -8.79 6.31
CA VAL A 43 3.30 -8.39 5.29
C VAL A 43 2.06 -7.78 5.92
N LEU A 44 1.58 -6.76 5.32
CA LEU A 44 0.42 -6.07 5.80
C LEU A 44 -0.65 -6.09 4.73
N SER A 45 -1.82 -6.53 5.09
CA SER A 45 -2.93 -6.59 4.19
C SER A 45 -3.79 -5.34 4.35
N ILE A 46 -3.90 -4.58 3.28
CA ILE A 46 -4.70 -3.37 3.27
C ILE A 46 -5.72 -3.43 2.15
N ARG A 47 -6.67 -2.54 2.17
CA ARG A 47 -7.68 -2.48 1.15
C ARG A 47 -7.50 -1.23 0.31
N GLN A 48 -8.31 -1.08 -0.73
CA GLN A 48 -8.20 0.06 -1.64
C GLN A 48 -8.57 1.37 -0.93
N ASP A 49 -9.46 1.30 0.06
CA ASP A 49 -9.85 2.48 0.82
C ASP A 49 -8.70 2.94 1.69
N ASP A 50 -7.84 2.02 2.07
CA ASP A 50 -6.66 2.38 2.85
C ASP A 50 -5.70 3.06 1.94
N LEU A 51 -5.33 2.37 0.88
CA LEU A 51 -4.32 2.82 -0.06
C LEU A 51 -4.67 4.19 -0.67
N ARG A 52 -5.97 4.44 -0.91
CA ARG A 52 -6.40 5.73 -1.48
C ARG A 52 -6.12 6.88 -0.50
N THR A 53 -6.15 6.56 0.78
CA THR A 53 -5.93 7.53 1.82
C THR A 53 -4.43 7.90 1.85
N LEU A 54 -3.58 6.91 1.61
CA LEU A 54 -2.12 7.11 1.58
C LEU A 54 -1.72 8.08 0.48
N ALA A 55 -2.46 8.03 -0.62
CA ALA A 55 -2.21 8.90 -1.76
C ALA A 55 -2.31 10.36 -1.36
N VAL A 56 -3.31 10.69 -0.55
CA VAL A 56 -3.54 12.05 -0.11
C VAL A 56 -2.40 12.49 0.82
N ILE A 57 -1.93 11.56 1.64
CA ILE A 57 -0.88 11.81 2.62
C ILE A 57 0.43 12.16 1.92
N TYR A 58 0.75 11.41 0.87
CA TYR A 58 2.04 11.60 0.20
C TYR A 58 1.92 12.62 -0.93
N ASP A 59 0.69 13.11 -1.10
CA ASP A 59 0.34 14.20 -2.04
C ASP A 59 0.48 13.72 -3.48
N GLN A 60 -0.09 12.57 -3.76
CA GLN A 60 -0.05 11.97 -5.07
C GLN A 60 -1.44 11.50 -5.43
N SER A 61 -1.71 11.37 -6.69
CA SER A 61 -2.95 10.80 -7.12
C SER A 61 -2.86 9.29 -6.94
N PRO A 62 -3.97 8.62 -6.54
CA PRO A 62 -4.03 7.15 -6.31
C PRO A 62 -3.32 6.33 -7.39
N SER A 63 -3.47 6.71 -8.64
CA SER A 63 -2.82 6.03 -9.75
C SER A 63 -1.27 6.06 -9.61
N VAL A 64 -0.74 7.27 -9.42
CA VAL A 64 0.69 7.50 -9.25
C VAL A 64 1.17 6.78 -8.01
N LEU A 65 0.39 6.89 -6.96
CA LEU A 65 0.65 6.26 -5.68
C LEU A 65 0.79 4.75 -5.87
N THR A 66 -0.12 4.16 -6.64
CA THR A 66 -0.09 2.74 -6.91
C THR A 66 1.23 2.37 -7.60
N GLU A 67 1.62 3.16 -8.60
CA GLU A 67 2.84 2.90 -9.32
C GLU A 67 4.07 3.03 -8.44
N GLN A 68 4.07 4.02 -7.56
CA GLN A 68 5.17 4.24 -6.62
C GLN A 68 5.40 3.01 -5.78
N LEU A 69 4.35 2.54 -5.15
CA LEU A 69 4.38 1.36 -4.30
C LEU A 69 4.86 0.12 -5.06
N ILE A 70 4.39 -0.04 -6.29
CA ILE A 70 4.78 -1.16 -7.13
C ILE A 70 6.25 -1.01 -7.59
N SER A 71 6.67 0.22 -7.84
CA SER A 71 8.03 0.50 -8.27
C SER A 71 9.03 0.14 -7.18
N TRP A 72 8.62 0.32 -5.93
CA TRP A 72 9.49 0.00 -4.80
C TRP A 72 9.48 -1.50 -4.54
N GLY A 73 8.53 -2.19 -5.16
CA GLY A 73 8.42 -3.63 -5.03
C GLY A 73 7.89 -4.03 -3.68
N VAL A 74 7.27 -3.10 -3.02
CA VAL A 74 6.75 -3.34 -1.69
C VAL A 74 5.28 -3.70 -1.76
N LEU A 75 4.63 -3.28 -2.80
CA LEU A 75 3.25 -3.61 -3.00
C LEU A 75 3.19 -4.51 -4.19
N ASP A 76 2.42 -5.56 -4.06
CA ASP A 76 2.26 -6.52 -5.15
C ASP A 76 1.63 -5.83 -6.34
N ALA A 77 2.25 -6.00 -7.52
CA ALA A 77 1.82 -5.37 -8.77
C ALA A 77 0.33 -5.54 -9.04
N ASP A 78 -0.19 -6.70 -8.67
CA ASP A 78 -1.61 -7.06 -8.84
C ASP A 78 -2.58 -6.02 -8.23
N ALA A 79 -2.10 -5.25 -7.26
CA ALA A 79 -2.91 -4.22 -6.57
C ALA A 79 -3.49 -3.20 -7.56
N ARG A 80 -2.81 -3.04 -8.70
CA ARG A 80 -3.22 -2.10 -9.74
C ARG A 80 -4.61 -2.48 -10.30
N ARG A 81 -4.97 -3.74 -10.17
CA ARG A 81 -6.28 -4.23 -10.62
C ARG A 81 -7.40 -3.74 -9.70
N ALA A 82 -7.13 -3.78 -8.40
CA ALA A 82 -8.12 -3.43 -7.41
C ALA A 82 -8.37 -1.94 -7.39
N VAL A 83 -7.32 -1.17 -7.54
CA VAL A 83 -7.44 0.27 -7.52
C VAL A 83 -7.82 0.80 -8.90
N ALA A 84 -7.01 0.44 -9.90
CA ALA A 84 -7.15 0.90 -11.29
C ALA A 84 -6.92 2.39 -11.43
N SER A 85 -6.88 2.86 -12.65
CA SER A 85 -6.74 4.28 -12.90
C SER A 85 -7.83 4.75 -13.87
N HIS A 86 -8.72 3.84 -14.19
CA HIS A 86 -9.82 4.09 -15.08
C HIS A 86 -11.11 3.99 -14.31
N ASP A 87 -12.04 4.87 -14.58
CA ASP A 87 -13.31 4.85 -13.90
C ASP A 87 -14.45 4.82 -14.85
N GLU A 88 -15.48 4.14 -14.46
CA GLU A 88 -16.72 4.08 -15.20
C GLU A 88 -17.87 4.08 -14.21
N LEU A 89 -17.69 3.31 -13.14
CA LEU A 89 -18.59 3.22 -12.02
C LEU A 89 -17.93 2.30 -11.01
N MET A 1 -16.71 -2.48 0.84
CA MET A 1 -15.55 -2.86 0.05
C MET A 1 -15.65 -4.32 -0.35
N GLU A 2 -14.99 -4.68 -1.41
CA GLU A 2 -14.95 -6.05 -1.83
C GLU A 2 -13.67 -6.68 -1.32
N PRO A 3 -13.78 -7.87 -0.71
CA PRO A 3 -12.63 -8.64 -0.22
C PRO A 3 -11.53 -8.97 -1.28
N PRO A 4 -11.87 -9.45 -2.56
CA PRO A 4 -10.85 -9.76 -3.59
C PRO A 4 -9.69 -8.73 -3.72
N PRO A 5 -9.94 -7.37 -3.81
CA PRO A 5 -8.88 -6.35 -3.79
C PRO A 5 -8.07 -6.31 -2.47
N LYS A 6 -7.24 -7.30 -2.28
CA LYS A 6 -6.32 -7.35 -1.17
C LYS A 6 -5.01 -6.78 -1.61
N LEU A 7 -4.57 -5.78 -0.93
CA LEU A 7 -3.34 -5.13 -1.28
C LEU A 7 -2.31 -5.49 -0.25
N VAL A 8 -1.31 -6.19 -0.64
CA VAL A 8 -0.32 -6.62 0.31
C VAL A 8 0.99 -5.87 0.14
N LEU A 9 1.45 -5.29 1.22
CA LEU A 9 2.68 -4.56 1.26
C LEU A 9 3.75 -5.37 1.99
N ASP A 10 4.85 -5.63 1.33
CA ASP A 10 5.97 -6.27 2.01
C ASP A 10 6.69 -5.23 2.82
N LEU A 11 6.48 -5.26 4.12
CA LEU A 11 7.09 -4.29 5.02
C LEU A 11 8.59 -4.51 5.10
N GLU A 12 9.01 -5.72 4.87
CA GLU A 12 10.42 -6.06 4.83
C GLU A 12 11.08 -5.41 3.61
N ARG A 13 10.35 -5.37 2.51
CA ARG A 13 10.83 -4.73 1.29
C ARG A 13 10.75 -3.21 1.45
N LEU A 14 9.73 -2.77 2.18
CA LEU A 14 9.53 -1.34 2.45
C LEU A 14 10.70 -0.80 3.28
N ALA A 15 11.28 -1.65 4.10
CA ALA A 15 12.41 -1.25 4.93
C ALA A 15 13.70 -1.15 4.10
N THR A 16 13.63 -1.57 2.85
CA THR A 16 14.74 -1.47 1.92
C THR A 16 14.61 -0.14 1.14
N VAL A 17 13.46 0.46 1.24
CA VAL A 17 13.18 1.73 0.62
C VAL A 17 13.69 2.83 1.56
N PRO A 18 14.35 3.90 1.02
CA PRO A 18 14.83 5.03 1.81
C PRO A 18 13.77 5.54 2.79
N ALA A 19 14.19 5.80 4.02
CA ALA A 19 13.31 6.19 5.12
C ALA A 19 12.57 7.49 4.86
N GLU A 20 13.08 8.27 3.93
CA GLU A 20 12.43 9.49 3.52
C GLU A 20 11.04 9.19 2.95
N LYS A 21 10.94 8.11 2.19
CA LYS A 21 9.68 7.71 1.59
C LYS A 21 9.03 6.60 2.40
N ALA A 22 9.84 5.72 2.96
CA ALA A 22 9.34 4.60 3.74
C ALA A 22 8.74 5.06 5.07
N GLY A 23 9.36 6.08 5.67
CA GLY A 23 8.94 6.60 6.97
C GLY A 23 7.46 7.00 7.05
N PRO A 24 6.97 7.91 6.17
CA PRO A 24 5.55 8.29 6.14
C PRO A 24 4.60 7.10 5.99
N LEU A 25 5.06 6.06 5.33
CA LEU A 25 4.27 4.86 5.15
C LEU A 25 4.37 3.95 6.36
N GLN A 26 5.54 3.90 6.98
CA GLN A 26 5.73 3.14 8.21
C GLN A 26 4.87 3.68 9.33
N ARG A 27 4.65 4.98 9.31
CA ARG A 27 3.73 5.63 10.24
C ARG A 27 2.31 5.11 10.06
N TYR A 28 1.95 4.92 8.81
CA TYR A 28 0.62 4.43 8.49
C TYR A 28 0.54 2.96 8.87
N ALA A 29 1.58 2.21 8.53
CA ALA A 29 1.68 0.79 8.86
C ALA A 29 1.63 0.57 10.36
N ALA A 30 2.35 1.40 11.10
CA ALA A 30 2.39 1.33 12.56
C ALA A 30 0.99 1.58 13.13
N THR A 31 0.28 2.47 12.50
CA THR A 31 -1.06 2.78 12.88
C THR A 31 -2.00 1.60 12.56
N ILE A 32 -1.82 0.99 11.39
CA ILE A 32 -2.62 -0.18 11.01
C ILE A 32 -2.39 -1.31 12.01
N GLN A 33 -1.12 -1.55 12.36
CA GLN A 33 -0.74 -2.56 13.35
C GLN A 33 -1.50 -2.33 14.65
N SER A 34 -1.34 -1.14 15.19
CA SER A 34 -1.93 -0.80 16.45
C SER A 34 -3.48 -0.76 16.41
N GLN A 35 -4.06 -0.25 15.32
CA GLN A 35 -5.53 -0.18 15.21
C GLN A 35 -6.16 -1.56 15.08
N ARG A 36 -5.44 -2.51 14.47
CA ARG A 36 -5.98 -3.87 14.38
C ARG A 36 -5.66 -4.62 15.66
N GLY A 37 -4.66 -4.13 16.36
CA GLY A 37 -4.20 -4.77 17.56
C GLY A 37 -3.30 -5.93 17.20
N ASP A 38 -2.79 -5.89 16.00
CA ASP A 38 -2.00 -6.95 15.42
C ASP A 38 -0.68 -6.41 14.97
N TYR A 39 0.38 -6.90 15.55
CA TYR A 39 1.68 -6.44 15.20
C TYR A 39 2.29 -7.38 14.20
N ASN A 40 2.34 -6.97 12.97
CA ASN A 40 2.95 -7.73 11.91
C ASN A 40 3.92 -6.81 11.21
N GLY A 41 5.18 -7.17 11.22
CA GLY A 41 6.19 -6.36 10.60
C GLY A 41 6.80 -7.03 9.39
N LYS A 42 6.13 -8.04 8.88
CA LYS A 42 6.61 -8.73 7.68
C LYS A 42 5.86 -8.23 6.47
N VAL A 43 4.58 -8.43 6.49
CA VAL A 43 3.72 -8.03 5.41
C VAL A 43 2.49 -7.39 5.98
N LEU A 44 1.89 -6.54 5.24
CA LEU A 44 0.70 -5.90 5.67
C LEU A 44 -0.31 -5.93 4.56
N SER A 45 -1.36 -6.65 4.74
CA SER A 45 -2.42 -6.70 3.78
C SER A 45 -3.49 -5.68 4.13
N ILE A 46 -3.53 -4.65 3.35
CA ILE A 46 -4.40 -3.54 3.56
C ILE A 46 -5.57 -3.58 2.59
N ARG A 47 -6.42 -2.60 2.71
CA ARG A 47 -7.60 -2.48 1.92
C ARG A 47 -7.40 -1.49 0.80
N GLN A 48 -8.34 -1.48 -0.10
CA GLN A 48 -8.40 -0.55 -1.21
C GLN A 48 -8.50 0.90 -0.69
N ASP A 49 -9.11 1.06 0.49
CA ASP A 49 -9.27 2.35 1.14
C ASP A 49 -7.95 2.84 1.69
N ASP A 50 -7.12 1.90 2.10
CA ASP A 50 -5.85 2.23 2.71
C ASP A 50 -4.90 2.82 1.70
N LEU A 51 -4.80 2.17 0.54
CA LEU A 51 -3.94 2.67 -0.53
C LEU A 51 -4.43 4.04 -1.02
N ARG A 52 -5.76 4.19 -1.02
CA ARG A 52 -6.40 5.43 -1.41
C ARG A 52 -6.04 6.54 -0.42
N THR A 53 -6.09 6.22 0.86
CA THR A 53 -5.75 7.17 1.91
C THR A 53 -4.28 7.60 1.79
N LEU A 54 -3.41 6.64 1.44
CA LEU A 54 -1.98 6.91 1.23
C LEU A 54 -1.78 8.00 0.17
N ALA A 55 -2.51 7.86 -0.93
CA ALA A 55 -2.45 8.81 -2.03
C ALA A 55 -2.80 10.21 -1.57
N VAL A 56 -3.70 10.31 -0.63
CA VAL A 56 -4.14 11.58 -0.10
C VAL A 56 -3.05 12.18 0.79
N ILE A 57 -2.42 11.33 1.60
CA ILE A 57 -1.37 11.77 2.54
C ILE A 57 -0.18 12.36 1.78
N TYR A 58 0.31 11.60 0.81
CA TYR A 58 1.52 11.99 0.09
C TYR A 58 1.19 12.97 -1.02
N ASP A 59 -0.11 13.11 -1.26
CA ASP A 59 -0.66 14.00 -2.27
C ASP A 59 -0.20 13.58 -3.66
N GLN A 60 -0.53 12.36 -3.99
CA GLN A 60 -0.20 11.77 -5.27
C GLN A 60 -1.44 11.15 -5.86
N SER A 61 -1.51 11.16 -7.16
CA SER A 61 -2.61 10.59 -7.87
C SER A 61 -2.57 9.05 -7.73
N PRO A 62 -3.75 8.40 -7.59
CA PRO A 62 -3.86 6.95 -7.38
C PRO A 62 -2.96 6.10 -8.29
N SER A 63 -2.91 6.41 -9.57
CA SER A 63 -2.11 5.65 -10.51
C SER A 63 -0.62 5.73 -10.16
N VAL A 64 -0.08 6.95 -10.09
CA VAL A 64 1.36 7.12 -9.82
C VAL A 64 1.74 6.64 -8.42
N LEU A 65 0.82 6.81 -7.48
CA LEU A 65 1.02 6.34 -6.11
C LEU A 65 1.19 4.82 -6.11
N THR A 66 0.31 4.15 -6.83
CA THR A 66 0.36 2.72 -6.94
C THR A 66 1.64 2.30 -7.68
N GLU A 67 2.02 3.09 -8.72
CA GLU A 67 3.23 2.83 -9.51
C GLU A 67 4.45 2.80 -8.62
N GLN A 68 4.53 3.78 -7.71
CA GLN A 68 5.61 3.89 -6.75
C GLN A 68 5.76 2.57 -5.97
N LEU A 69 4.68 2.19 -5.28
CA LEU A 69 4.64 0.99 -4.45
C LEU A 69 4.98 -0.30 -5.22
N ILE A 70 4.46 -0.40 -6.45
CA ILE A 70 4.71 -1.57 -7.30
C ILE A 70 6.19 -1.62 -7.71
N SER A 71 6.75 -0.47 -8.05
CA SER A 71 8.12 -0.37 -8.50
C SER A 71 9.11 -0.65 -7.37
N TRP A 72 8.73 -0.26 -6.16
CA TRP A 72 9.58 -0.54 -5.00
C TRP A 72 9.53 -2.03 -4.66
N GLY A 73 8.53 -2.71 -5.18
CA GLY A 73 8.37 -4.13 -4.94
C GLY A 73 7.69 -4.39 -3.63
N VAL A 74 7.12 -3.36 -3.06
CA VAL A 74 6.43 -3.45 -1.80
C VAL A 74 5.01 -3.94 -2.06
N LEU A 75 4.45 -3.44 -3.12
CA LEU A 75 3.13 -3.80 -3.54
C LEU A 75 3.28 -4.43 -4.90
N ASP A 76 2.36 -5.25 -5.31
CA ASP A 76 2.53 -5.90 -6.60
C ASP A 76 1.58 -5.28 -7.62
N ALA A 77 1.69 -5.70 -8.87
CA ALA A 77 1.00 -5.08 -9.99
C ALA A 77 -0.52 -5.14 -9.87
N ASP A 78 -1.04 -6.26 -9.46
CA ASP A 78 -2.50 -6.52 -9.29
C ASP A 78 -3.25 -5.43 -8.53
N ALA A 79 -2.54 -4.69 -7.68
CA ALA A 79 -3.13 -3.60 -6.92
C ALA A 79 -3.73 -2.53 -7.82
N ARG A 80 -3.14 -2.34 -8.99
CA ARG A 80 -3.62 -1.34 -9.95
C ARG A 80 -4.97 -1.79 -10.53
N ARG A 81 -5.17 -3.09 -10.57
CA ARG A 81 -6.41 -3.66 -11.08
C ARG A 81 -7.43 -3.55 -9.97
N ALA A 82 -6.96 -3.78 -8.76
CA ALA A 82 -7.76 -3.71 -7.55
C ALA A 82 -8.33 -2.30 -7.35
N VAL A 83 -7.54 -1.28 -7.69
CA VAL A 83 -8.01 0.11 -7.57
C VAL A 83 -8.48 0.67 -8.92
N ALA A 84 -8.63 -0.22 -9.91
CA ALA A 84 -9.16 0.12 -11.26
C ALA A 84 -8.36 1.24 -11.94
N SER A 85 -7.11 1.35 -11.60
CA SER A 85 -6.26 2.36 -12.14
C SER A 85 -5.08 1.70 -12.85
N HIS A 86 -5.28 1.31 -14.08
CA HIS A 86 -4.22 0.70 -14.85
C HIS A 86 -3.56 1.79 -15.64
N ASP A 87 -4.36 2.40 -16.47
CA ASP A 87 -3.95 3.51 -17.32
C ASP A 87 -4.95 4.63 -17.16
N GLU A 88 -6.20 4.24 -17.07
CA GLU A 88 -7.30 5.12 -16.83
C GLU A 88 -7.61 5.10 -15.36
N LEU A 89 -8.14 6.18 -14.86
CA LEU A 89 -8.51 6.29 -13.47
C LEU A 89 -9.97 6.67 -13.41
N MET A 1 -17.75 -15.63 -0.82
CA MET A 1 -18.00 -14.52 -1.74
C MET A 1 -16.75 -14.26 -2.52
N GLU A 2 -16.82 -13.37 -3.49
CA GLU A 2 -15.67 -13.03 -4.30
C GLU A 2 -14.71 -12.17 -3.50
N PRO A 3 -13.48 -12.64 -3.24
CA PRO A 3 -12.46 -11.87 -2.53
C PRO A 3 -11.99 -10.70 -3.39
N PRO A 4 -12.13 -9.46 -2.88
CA PRO A 4 -11.65 -8.26 -3.57
C PRO A 4 -10.12 -8.19 -3.48
N PRO A 5 -9.45 -7.59 -4.50
CA PRO A 5 -7.98 -7.49 -4.56
C PRO A 5 -7.35 -6.97 -3.26
N LYS A 6 -6.59 -7.83 -2.63
CA LYS A 6 -5.91 -7.50 -1.40
C LYS A 6 -4.62 -6.77 -1.72
N LEU A 7 -4.46 -5.61 -1.17
CA LEU A 7 -3.27 -4.83 -1.41
C LEU A 7 -2.25 -5.18 -0.34
N VAL A 8 -1.23 -5.87 -0.74
CA VAL A 8 -0.24 -6.34 0.18
C VAL A 8 0.86 -5.30 0.33
N LEU A 9 0.95 -4.74 1.49
CA LEU A 9 2.00 -3.82 1.78
C LEU A 9 3.11 -4.62 2.43
N ASP A 10 4.14 -4.87 1.70
CA ASP A 10 5.27 -5.63 2.19
C ASP A 10 6.10 -4.75 3.09
N LEU A 11 6.03 -5.01 4.37
CA LEU A 11 6.67 -4.19 5.35
C LEU A 11 8.16 -4.42 5.38
N GLU A 12 8.56 -5.63 5.03
CA GLU A 12 9.97 -5.97 4.98
C GLU A 12 10.67 -5.14 3.92
N ARG A 13 10.05 -5.03 2.76
CA ARG A 13 10.57 -4.22 1.69
C ARG A 13 10.46 -2.74 2.05
N LEU A 14 9.27 -2.36 2.53
CA LEU A 14 8.95 -0.97 2.87
C LEU A 14 9.93 -0.37 3.85
N ALA A 15 10.32 -1.15 4.85
CA ALA A 15 11.22 -0.69 5.90
C ALA A 15 12.63 -0.40 5.39
N THR A 16 12.95 -0.90 4.22
CA THR A 16 14.26 -0.70 3.65
C THR A 16 14.28 0.57 2.74
N VAL A 17 13.09 1.03 2.37
CA VAL A 17 12.95 2.19 1.52
C VAL A 17 13.17 3.46 2.37
N PRO A 18 14.05 4.39 1.92
CA PRO A 18 14.36 5.65 2.62
C PRO A 18 13.13 6.39 3.17
N ALA A 19 13.28 6.92 4.37
CA ALA A 19 12.23 7.64 5.10
C ALA A 19 11.70 8.84 4.31
N GLU A 20 12.51 9.37 3.45
CA GLU A 20 12.14 10.48 2.59
C GLU A 20 11.02 10.08 1.61
N LYS A 21 10.88 8.80 1.35
CA LYS A 21 9.82 8.31 0.50
C LYS A 21 8.79 7.51 1.32
N ALA A 22 9.29 6.54 2.07
CA ALA A 22 8.42 5.60 2.77
C ALA A 22 8.30 5.88 4.27
N GLY A 23 8.93 6.92 4.74
CA GLY A 23 8.95 7.25 6.17
C GLY A 23 7.57 7.40 6.81
N PRO A 24 6.73 8.35 6.35
CA PRO A 24 5.39 8.53 6.91
C PRO A 24 4.50 7.31 6.64
N LEU A 25 4.85 6.54 5.63
CA LEU A 25 4.13 5.35 5.28
C LEU A 25 4.45 4.23 6.26
N GLN A 26 5.72 4.11 6.65
CA GLN A 26 6.14 3.14 7.66
C GLN A 26 5.48 3.47 8.98
N ARG A 27 5.41 4.77 9.29
CA ARG A 27 4.76 5.22 10.51
C ARG A 27 3.30 4.81 10.52
N TYR A 28 2.62 5.11 9.42
CA TYR A 28 1.21 4.81 9.28
C TYR A 28 1.00 3.30 9.35
N ALA A 29 1.83 2.54 8.63
CA ALA A 29 1.76 1.08 8.61
C ALA A 29 1.90 0.50 10.01
N ALA A 30 2.84 1.03 10.78
CA ALA A 30 3.06 0.59 12.15
C ALA A 30 1.85 0.92 13.02
N THR A 31 1.17 2.00 12.66
CA THR A 31 -0.03 2.42 13.33
C THR A 31 -1.17 1.44 12.99
N ILE A 32 -1.24 1.02 11.72
CA ILE A 32 -2.23 0.04 11.26
C ILE A 32 -2.00 -1.26 12.00
N GLN A 33 -0.73 -1.63 12.16
CA GLN A 33 -0.38 -2.82 12.92
C GLN A 33 -0.89 -2.73 14.34
N SER A 34 -0.77 -1.56 14.93
CA SER A 34 -1.23 -1.34 16.29
C SER A 34 -2.77 -1.47 16.34
N GLN A 35 -3.44 -0.87 15.36
CA GLN A 35 -4.91 -0.91 15.25
C GLN A 35 -5.41 -2.34 15.01
N ARG A 36 -4.55 -3.18 14.45
CA ARG A 36 -4.91 -4.55 14.16
C ARG A 36 -4.47 -5.48 15.30
N GLY A 37 -3.53 -5.02 16.11
CA GLY A 37 -2.93 -5.88 17.10
C GLY A 37 -2.03 -6.87 16.40
N ASP A 38 -1.33 -6.35 15.41
CA ASP A 38 -0.49 -7.14 14.53
C ASP A 38 0.92 -7.26 15.05
N TYR A 39 1.50 -8.41 14.85
CA TYR A 39 2.87 -8.70 15.23
C TYR A 39 3.55 -9.52 14.13
N ASN A 40 2.89 -9.60 12.99
CA ASN A 40 3.35 -10.42 11.90
C ASN A 40 3.56 -9.52 10.69
N GLY A 41 4.21 -8.43 10.95
CA GLY A 41 4.42 -7.41 9.95
C GLY A 41 5.49 -7.70 8.93
N LYS A 42 5.40 -8.83 8.26
CA LYS A 42 6.25 -9.11 7.12
C LYS A 42 5.56 -8.49 5.94
N VAL A 43 4.28 -8.72 5.90
CA VAL A 43 3.39 -8.15 4.93
C VAL A 43 2.16 -7.70 5.70
N LEU A 44 1.60 -6.62 5.27
CA LEU A 44 0.41 -6.09 5.88
C LEU A 44 -0.62 -5.93 4.80
N SER A 45 -1.75 -6.52 4.99
CA SER A 45 -2.79 -6.43 4.00
C SER A 45 -3.59 -5.15 4.21
N ILE A 46 -3.41 -4.20 3.34
CA ILE A 46 -4.12 -2.97 3.42
C ILE A 46 -5.29 -3.01 2.47
N ARG A 47 -6.13 -2.03 2.55
CA ARG A 47 -7.34 -2.04 1.78
C ARG A 47 -7.20 -1.11 0.62
N GLN A 48 -8.11 -1.19 -0.32
CA GLN A 48 -8.11 -0.35 -1.50
C GLN A 48 -8.32 1.09 -1.07
N ASP A 49 -9.33 1.28 -0.25
CA ASP A 49 -9.66 2.58 0.32
C ASP A 49 -8.57 3.07 1.28
N ASP A 50 -7.87 2.13 1.88
CA ASP A 50 -6.81 2.47 2.84
C ASP A 50 -5.67 3.13 2.09
N LEU A 51 -5.27 2.52 0.97
CA LEU A 51 -4.20 3.05 0.13
C LEU A 51 -4.66 4.36 -0.54
N ARG A 52 -5.95 4.40 -0.87
CA ARG A 52 -6.62 5.60 -1.42
C ARG A 52 -6.39 6.79 -0.46
N THR A 53 -6.53 6.49 0.82
CA THR A 53 -6.33 7.45 1.88
C THR A 53 -4.85 7.86 1.97
N LEU A 54 -3.98 6.86 1.99
CA LEU A 54 -2.54 7.04 2.09
C LEU A 54 -1.97 7.90 0.96
N ALA A 55 -2.38 7.63 -0.27
CA ALA A 55 -1.91 8.37 -1.45
C ALA A 55 -2.07 9.88 -1.31
N VAL A 56 -3.19 10.29 -0.74
CA VAL A 56 -3.50 11.70 -0.59
C VAL A 56 -2.55 12.35 0.44
N ILE A 57 -2.15 11.58 1.43
CA ILE A 57 -1.27 12.07 2.50
C ILE A 57 0.11 12.43 1.91
N TYR A 58 0.51 11.71 0.89
CA TYR A 58 1.84 11.87 0.32
C TYR A 58 1.79 12.70 -0.95
N ASP A 59 0.61 13.27 -1.25
CA ASP A 59 0.39 14.12 -2.44
C ASP A 59 0.65 13.37 -3.72
N GLN A 60 0.45 12.09 -3.68
CA GLN A 60 0.67 11.26 -4.80
C GLN A 60 -0.63 10.90 -5.45
N SER A 61 -0.62 10.90 -6.75
CA SER A 61 -1.72 10.43 -7.52
C SER A 61 -1.84 8.93 -7.27
N PRO A 62 -3.06 8.39 -7.05
CA PRO A 62 -3.28 6.96 -6.79
C PRO A 62 -2.57 6.07 -7.82
N SER A 63 -2.63 6.49 -9.08
CA SER A 63 -1.99 5.80 -10.17
C SER A 63 -0.47 5.71 -9.94
N VAL A 64 0.13 6.81 -9.55
CA VAL A 64 1.56 6.90 -9.34
C VAL A 64 1.98 6.19 -8.06
N LEU A 65 1.24 6.47 -6.99
CA LEU A 65 1.51 5.93 -5.66
C LEU A 65 1.54 4.41 -5.71
N THR A 66 0.48 3.81 -6.24
CA THR A 66 0.36 2.37 -6.31
C THR A 66 1.53 1.76 -7.11
N GLU A 67 1.83 2.36 -8.26
CA GLU A 67 2.89 1.84 -9.09
C GLU A 67 4.26 2.02 -8.48
N GLN A 68 4.45 3.06 -7.67
CA GLN A 68 5.70 3.25 -6.95
C GLN A 68 5.93 2.07 -6.04
N LEU A 69 4.95 1.79 -5.20
CA LEU A 69 5.00 0.68 -4.28
C LEU A 69 5.19 -0.66 -5.02
N ILE A 70 4.48 -0.85 -6.14
CA ILE A 70 4.64 -2.06 -6.94
C ILE A 70 6.11 -2.14 -7.44
N SER A 71 6.63 -1.02 -7.95
CA SER A 71 7.97 -0.93 -8.53
C SER A 71 9.07 -1.14 -7.48
N TRP A 72 8.84 -0.71 -6.25
CA TRP A 72 9.83 -0.90 -5.18
C TRP A 72 9.90 -2.37 -4.79
N GLY A 73 8.89 -3.10 -5.20
CA GLY A 73 8.82 -4.50 -4.93
C GLY A 73 8.10 -4.74 -3.66
N VAL A 74 7.11 -3.92 -3.43
CA VAL A 74 6.28 -4.02 -2.26
C VAL A 74 5.05 -4.87 -2.56
N LEU A 75 4.36 -4.58 -3.67
CA LEU A 75 3.17 -5.35 -4.00
C LEU A 75 3.15 -5.82 -5.43
N ASP A 76 2.14 -6.62 -5.71
CA ASP A 76 1.92 -7.27 -6.99
C ASP A 76 1.37 -6.28 -8.03
N ALA A 77 1.59 -6.61 -9.29
CA ALA A 77 1.24 -5.78 -10.42
C ALA A 77 -0.27 -5.74 -10.72
N ASP A 78 -1.01 -6.64 -10.12
CA ASP A 78 -2.47 -6.77 -10.35
C ASP A 78 -3.24 -5.60 -9.77
N ALA A 79 -2.61 -4.89 -8.82
CA ALA A 79 -3.21 -3.76 -8.08
C ALA A 79 -4.00 -2.75 -8.94
N ARG A 80 -3.67 -2.66 -10.25
CA ARG A 80 -4.41 -1.77 -11.16
C ARG A 80 -5.89 -2.17 -11.22
N ARG A 81 -6.16 -3.48 -11.01
CA ARG A 81 -7.51 -4.03 -11.04
C ARG A 81 -8.39 -3.48 -9.95
N ALA A 82 -7.80 -2.97 -8.88
CA ALA A 82 -8.59 -2.41 -7.76
C ALA A 82 -9.49 -1.28 -8.25
N VAL A 83 -9.01 -0.54 -9.23
CA VAL A 83 -9.75 0.56 -9.81
C VAL A 83 -10.31 0.14 -11.20
N ALA A 84 -9.59 -0.71 -11.89
CA ALA A 84 -9.95 -1.10 -13.25
C ALA A 84 -11.04 -2.19 -13.32
N SER A 85 -11.30 -2.88 -12.21
CA SER A 85 -12.32 -3.92 -12.18
C SER A 85 -13.70 -3.26 -12.39
N HIS A 86 -13.85 -2.09 -11.83
CA HIS A 86 -15.07 -1.35 -12.01
C HIS A 86 -14.78 -0.10 -12.83
N ASP A 87 -14.35 -0.32 -14.03
CA ASP A 87 -14.07 0.75 -14.95
C ASP A 87 -15.41 1.25 -15.45
N GLU A 88 -15.80 2.36 -14.94
CA GLU A 88 -17.12 2.90 -15.15
C GLU A 88 -17.02 4.37 -15.55
N LEU A 89 -18.15 5.00 -15.71
CA LEU A 89 -18.20 6.40 -16.03
C LEU A 89 -18.83 7.13 -14.87
N MET A 1 -20.09 -13.40 -4.39
CA MET A 1 -19.64 -12.06 -4.03
C MET A 1 -18.65 -11.57 -5.04
N GLU A 2 -18.64 -10.28 -5.25
CA GLU A 2 -17.70 -9.67 -6.13
C GLU A 2 -16.39 -9.54 -5.35
N PRO A 3 -15.30 -10.14 -5.85
CA PRO A 3 -14.02 -10.24 -5.12
C PRO A 3 -13.39 -8.88 -4.76
N PRO A 4 -13.32 -8.56 -3.45
CA PRO A 4 -12.65 -7.37 -2.98
C PRO A 4 -11.17 -7.67 -2.68
N PRO A 5 -10.26 -7.22 -3.55
CA PRO A 5 -8.85 -7.49 -3.41
C PRO A 5 -8.20 -6.74 -2.25
N LYS A 6 -7.57 -7.48 -1.37
CA LYS A 6 -6.80 -6.89 -0.31
C LYS A 6 -5.42 -6.70 -0.84
N LEU A 7 -4.82 -5.62 -0.52
CA LEU A 7 -3.51 -5.32 -1.01
C LEU A 7 -2.51 -5.68 0.05
N VAL A 8 -1.65 -6.61 -0.27
CA VAL A 8 -0.65 -7.03 0.66
C VAL A 8 0.58 -6.16 0.47
N LEU A 9 0.85 -5.37 1.47
CA LEU A 9 1.97 -4.49 1.46
C LEU A 9 3.13 -5.20 2.14
N ASP A 10 4.21 -5.35 1.43
CA ASP A 10 5.39 -6.00 1.96
C ASP A 10 6.16 -5.00 2.79
N LEU A 11 6.14 -5.19 4.09
CA LEU A 11 6.75 -4.24 4.99
C LEU A 11 8.26 -4.42 5.07
N GLU A 12 8.74 -5.56 4.63
CA GLU A 12 10.17 -5.83 4.62
C GLU A 12 10.82 -5.00 3.52
N ARG A 13 10.15 -4.97 2.38
CA ARG A 13 10.56 -4.13 1.28
C ARG A 13 10.41 -2.69 1.66
N LEU A 14 9.33 -2.39 2.37
CA LEU A 14 9.03 -1.05 2.81
C LEU A 14 10.11 -0.54 3.77
N ALA A 15 10.67 -1.47 4.54
CA ALA A 15 11.72 -1.16 5.48
C ALA A 15 13.05 -0.96 4.78
N THR A 16 13.22 -1.52 3.60
CA THR A 16 14.44 -1.32 2.87
C THR A 16 14.37 -0.09 1.95
N VAL A 17 13.16 0.28 1.55
CA VAL A 17 12.95 1.49 0.77
C VAL A 17 13.23 2.70 1.66
N PRO A 18 14.08 3.65 1.17
CA PRO A 18 14.44 4.86 1.90
C PRO A 18 13.24 5.58 2.54
N ALA A 19 13.47 6.03 3.76
CA ALA A 19 12.48 6.72 4.58
C ALA A 19 12.01 8.02 3.94
N GLU A 20 12.79 8.50 2.95
CA GLU A 20 12.44 9.70 2.15
C GLU A 20 11.02 9.52 1.63
N LYS A 21 10.76 8.33 1.14
CA LYS A 21 9.52 8.02 0.51
C LYS A 21 8.66 7.15 1.42
N ALA A 22 9.26 6.09 1.95
CA ALA A 22 8.54 5.06 2.70
C ALA A 22 8.39 5.36 4.18
N GLY A 23 9.04 6.40 4.66
CA GLY A 23 9.05 6.74 6.10
C GLY A 23 7.65 6.87 6.71
N PRO A 24 6.84 7.87 6.29
CA PRO A 24 5.47 8.06 6.81
C PRO A 24 4.57 6.83 6.54
N LEU A 25 4.90 6.08 5.51
CA LEU A 25 4.12 4.90 5.15
C LEU A 25 4.37 3.77 6.14
N GLN A 26 5.62 3.61 6.58
CA GLN A 26 5.94 2.63 7.60
C GLN A 26 5.17 2.94 8.89
N ARG A 27 5.05 4.24 9.17
CA ARG A 27 4.33 4.71 10.34
C ARG A 27 2.83 4.51 10.20
N TYR A 28 2.31 4.70 8.99
CA TYR A 28 0.89 4.43 8.70
C TYR A 28 0.61 2.96 8.99
N ALA A 29 1.48 2.10 8.50
CA ALA A 29 1.38 0.67 8.72
C ALA A 29 1.45 0.36 10.21
N ALA A 30 2.42 0.97 10.89
CA ALA A 30 2.63 0.81 12.34
C ALA A 30 1.37 1.21 13.11
N THR A 31 0.71 2.23 12.63
CA THR A 31 -0.52 2.70 13.20
C THR A 31 -1.60 1.62 13.09
N ILE A 32 -1.70 1.00 11.91
CA ILE A 32 -2.66 -0.07 11.68
C ILE A 32 -2.32 -1.26 12.58
N GLN A 33 -1.05 -1.66 12.57
CA GLN A 33 -0.52 -2.78 13.37
C GLN A 33 -0.91 -2.66 14.83
N SER A 34 -0.59 -1.52 15.43
CA SER A 34 -0.83 -1.27 16.84
C SER A 34 -2.33 -1.29 17.19
N GLN A 35 -3.17 -0.75 16.29
CA GLN A 35 -4.61 -0.74 16.51
C GLN A 35 -5.17 -2.15 16.51
N ARG A 36 -4.69 -2.96 15.59
CA ARG A 36 -5.18 -4.34 15.44
C ARG A 36 -4.59 -5.24 16.52
N GLY A 37 -3.47 -4.79 17.08
CA GLY A 37 -2.78 -5.58 18.07
C GLY A 37 -1.99 -6.67 17.38
N ASP A 38 -1.68 -6.42 16.13
CA ASP A 38 -1.00 -7.39 15.32
C ASP A 38 0.37 -6.91 14.96
N TYR A 39 1.36 -7.54 15.47
CA TYR A 39 2.69 -7.26 15.05
C TYR A 39 3.10 -8.35 14.08
N ASN A 40 2.49 -8.26 12.93
CA ASN A 40 2.72 -9.21 11.86
C ASN A 40 4.01 -8.86 11.17
N GLY A 41 4.25 -7.55 11.03
CA GLY A 41 5.56 -6.99 10.65
C GLY A 41 6.06 -7.24 9.23
N LYS A 42 5.94 -8.44 8.76
CA LYS A 42 6.49 -8.82 7.46
C LYS A 42 5.68 -8.25 6.30
N VAL A 43 4.39 -8.23 6.48
CA VAL A 43 3.45 -7.76 5.50
C VAL A 43 2.33 -7.08 6.23
N LEU A 44 1.43 -6.48 5.50
CA LEU A 44 0.26 -5.90 6.07
C LEU A 44 -0.85 -5.95 5.04
N SER A 45 -2.04 -6.23 5.46
CA SER A 45 -3.16 -6.28 4.57
C SER A 45 -3.88 -4.94 4.62
N ILE A 46 -3.81 -4.21 3.54
CA ILE A 46 -4.49 -2.95 3.46
C ILE A 46 -5.56 -3.04 2.39
N ARG A 47 -6.50 -2.16 2.43
CA ARG A 47 -7.56 -2.16 1.47
C ARG A 47 -7.18 -1.29 0.29
N GLN A 48 -7.95 -1.37 -0.78
CA GLN A 48 -7.69 -0.54 -1.96
C GLN A 48 -7.95 0.91 -1.60
N ASP A 49 -8.86 1.09 -0.66
CA ASP A 49 -9.21 2.41 -0.19
C ASP A 49 -8.11 2.99 0.69
N ASP A 50 -7.34 2.12 1.36
CA ASP A 50 -6.17 2.59 2.15
C ASP A 50 -5.18 3.19 1.20
N LEU A 51 -4.96 2.50 0.08
CA LEU A 51 -4.06 2.93 -1.00
C LEU A 51 -4.46 4.36 -1.45
N ARG A 52 -5.76 4.57 -1.60
CA ARG A 52 -6.30 5.85 -2.04
C ARG A 52 -6.06 6.94 -0.98
N THR A 53 -6.12 6.54 0.27
CA THR A 53 -5.93 7.44 1.39
C THR A 53 -4.46 7.88 1.46
N LEU A 54 -3.54 6.94 1.19
CA LEU A 54 -2.09 7.22 1.14
C LEU A 54 -1.78 8.35 0.18
N ALA A 55 -2.42 8.33 -0.97
CA ALA A 55 -2.23 9.35 -1.99
C ALA A 55 -2.58 10.73 -1.44
N VAL A 56 -3.60 10.80 -0.61
CA VAL A 56 -4.03 12.06 -0.02
C VAL A 56 -2.98 12.54 0.97
N ILE A 57 -2.48 11.61 1.77
CA ILE A 57 -1.50 11.93 2.80
C ILE A 57 -0.22 12.51 2.21
N TYR A 58 0.31 11.87 1.19
CA TYR A 58 1.61 12.27 0.64
C TYR A 58 1.45 13.31 -0.47
N ASP A 59 0.20 13.71 -0.71
CA ASP A 59 -0.17 14.65 -1.76
C ASP A 59 0.27 14.13 -3.11
N GLN A 60 -0.28 13.02 -3.48
CA GLN A 60 0.01 12.32 -4.71
C GLN A 60 -1.30 11.87 -5.34
N SER A 61 -1.23 11.39 -6.53
CA SER A 61 -2.38 10.83 -7.20
C SER A 61 -2.40 9.32 -6.92
N PRO A 62 -3.60 8.70 -6.75
CA PRO A 62 -3.72 7.26 -6.48
C PRO A 62 -2.96 6.42 -7.49
N SER A 63 -2.98 6.85 -8.74
CA SER A 63 -2.28 6.19 -9.82
C SER A 63 -0.77 6.09 -9.54
N VAL A 64 -0.11 7.23 -9.31
CA VAL A 64 1.34 7.25 -9.11
C VAL A 64 1.71 6.58 -7.78
N LEU A 65 0.77 6.62 -6.83
CA LEU A 65 0.97 5.99 -5.55
C LEU A 65 1.04 4.47 -5.75
N THR A 66 0.19 3.96 -6.63
CA THR A 66 0.20 2.54 -6.96
C THR A 66 1.49 2.20 -7.70
N GLU A 67 1.86 3.09 -8.64
CA GLU A 67 3.05 2.94 -9.48
C GLU A 67 4.30 2.79 -8.63
N GLN A 68 4.48 3.71 -7.69
CA GLN A 68 5.62 3.71 -6.80
C GLN A 68 5.70 2.40 -6.02
N LEU A 69 4.61 2.04 -5.36
CA LEU A 69 4.61 0.85 -4.52
C LEU A 69 4.92 -0.43 -5.30
N ILE A 70 4.35 -0.55 -6.48
CA ILE A 70 4.61 -1.70 -7.33
C ILE A 70 6.08 -1.71 -7.80
N SER A 71 6.60 -0.53 -8.11
CA SER A 71 7.97 -0.40 -8.58
C SER A 71 8.99 -0.72 -7.47
N TRP A 72 8.66 -0.37 -6.22
CA TRP A 72 9.59 -0.66 -5.11
C TRP A 72 9.53 -2.14 -4.77
N GLY A 73 8.48 -2.79 -5.22
CA GLY A 73 8.30 -4.20 -4.95
C GLY A 73 7.58 -4.45 -3.66
N VAL A 74 7.09 -3.37 -3.04
CA VAL A 74 6.39 -3.49 -1.77
C VAL A 74 4.93 -3.91 -2.02
N LEU A 75 4.48 -3.72 -3.24
CA LEU A 75 3.15 -4.08 -3.63
C LEU A 75 3.24 -4.89 -4.91
N ASP A 76 2.35 -5.85 -5.06
CA ASP A 76 2.34 -6.72 -6.22
C ASP A 76 1.73 -5.99 -7.41
N ALA A 77 2.15 -6.36 -8.59
CA ALA A 77 1.69 -5.75 -9.82
C ALA A 77 0.19 -5.89 -10.02
N ASP A 78 -0.42 -6.97 -9.53
CA ASP A 78 -1.87 -7.22 -9.73
C ASP A 78 -2.75 -6.08 -9.20
N ALA A 79 -2.18 -5.29 -8.29
CA ALA A 79 -2.86 -4.15 -7.71
C ALA A 79 -3.18 -3.08 -8.78
N ARG A 80 -2.35 -2.98 -9.83
CA ARG A 80 -2.52 -1.97 -10.90
C ARG A 80 -3.87 -2.17 -11.60
N ARG A 81 -4.25 -3.42 -11.70
CA ARG A 81 -5.47 -3.82 -12.34
C ARG A 81 -6.63 -3.72 -11.36
N ALA A 82 -6.37 -4.17 -10.14
CA ALA A 82 -7.37 -4.22 -9.08
C ALA A 82 -7.86 -2.82 -8.70
N VAL A 83 -6.93 -1.94 -8.37
CA VAL A 83 -7.26 -0.58 -7.92
C VAL A 83 -7.65 0.31 -9.12
N ALA A 84 -7.35 -0.20 -10.31
CA ALA A 84 -7.59 0.48 -11.57
C ALA A 84 -6.77 1.75 -11.66
N SER A 85 -5.50 1.55 -11.76
CA SER A 85 -4.56 2.62 -11.88
C SER A 85 -3.51 2.23 -12.92
N HIS A 86 -3.38 3.02 -13.95
CA HIS A 86 -2.44 2.71 -15.00
C HIS A 86 -1.14 3.41 -14.71
N ASP A 87 -0.06 2.76 -15.01
CA ASP A 87 1.27 3.33 -14.87
C ASP A 87 1.51 4.32 -16.00
N GLU A 88 1.70 5.58 -15.65
CA GLU A 88 1.82 6.65 -16.63
C GLU A 88 2.79 7.71 -16.15
N LEU A 89 4.00 7.66 -16.64
CA LEU A 89 4.97 8.67 -16.33
C LEU A 89 5.96 8.73 -17.48
N MET A 1 -15.11 -11.76 -12.36
CA MET A 1 -16.07 -10.73 -12.02
C MET A 1 -15.38 -9.61 -11.29
N GLU A 2 -15.11 -9.82 -10.02
CA GLU A 2 -14.49 -8.84 -9.18
C GLU A 2 -13.99 -9.53 -7.93
N PRO A 3 -12.69 -9.59 -7.72
CA PRO A 3 -12.13 -10.22 -6.55
C PRO A 3 -12.21 -9.31 -5.31
N PRO A 4 -12.52 -9.88 -4.12
CA PRO A 4 -12.42 -9.14 -2.86
C PRO A 4 -10.94 -8.97 -2.52
N PRO A 5 -10.38 -7.78 -2.73
CA PRO A 5 -8.95 -7.58 -2.69
C PRO A 5 -8.36 -7.18 -1.33
N LYS A 6 -7.37 -7.93 -0.93
CA LYS A 6 -6.56 -7.60 0.19
C LYS A 6 -5.16 -7.38 -0.33
N LEU A 7 -4.83 -6.14 -0.50
CA LEU A 7 -3.58 -5.74 -1.06
C LEU A 7 -2.49 -5.98 -0.04
N VAL A 8 -1.60 -6.88 -0.37
CA VAL A 8 -0.54 -7.26 0.52
C VAL A 8 0.67 -6.39 0.30
N LEU A 9 1.09 -5.74 1.35
CA LEU A 9 2.23 -4.89 1.35
C LEU A 9 3.35 -5.58 2.09
N ASP A 10 4.49 -5.68 1.46
CA ASP A 10 5.67 -6.28 2.07
C ASP A 10 6.31 -5.25 3.01
N LEU A 11 6.31 -5.55 4.28
CA LEU A 11 6.77 -4.61 5.29
C LEU A 11 8.30 -4.58 5.41
N GLU A 12 8.96 -5.66 5.04
CA GLU A 12 10.40 -5.66 5.13
C GLU A 12 11.00 -4.94 3.95
N ARG A 13 10.34 -5.05 2.80
CA ARG A 13 10.74 -4.36 1.59
C ARG A 13 10.54 -2.88 1.83
N LEU A 14 9.46 -2.57 2.53
CA LEU A 14 9.12 -1.20 2.91
C LEU A 14 10.25 -0.56 3.71
N ALA A 15 10.83 -1.32 4.60
CA ALA A 15 11.93 -0.84 5.43
C ALA A 15 13.20 -0.59 4.62
N THR A 16 13.30 -1.22 3.48
CA THR A 16 14.45 -1.05 2.63
C THR A 16 14.23 0.03 1.56
N VAL A 17 13.15 0.77 1.70
CA VAL A 17 12.82 1.87 0.81
C VAL A 17 13.21 3.19 1.51
N PRO A 18 13.87 4.14 0.77
CA PRO A 18 14.28 5.47 1.27
C PRO A 18 13.26 6.12 2.21
N ALA A 19 13.77 6.68 3.30
CA ALA A 19 12.98 7.30 4.37
C ALA A 19 12.15 8.49 3.88
N GLU A 20 12.56 9.08 2.78
CA GLU A 20 11.81 10.18 2.19
C GLU A 20 10.48 9.69 1.65
N LYS A 21 10.48 8.46 1.16
CA LYS A 21 9.33 7.87 0.53
C LYS A 21 8.56 6.99 1.49
N ALA A 22 9.26 6.06 2.09
CA ALA A 22 8.63 5.07 2.94
C ALA A 22 8.57 5.47 4.39
N GLY A 23 9.23 6.55 4.73
CA GLY A 23 9.26 7.04 6.13
C GLY A 23 7.86 7.24 6.71
N PRO A 24 7.02 8.10 6.11
CA PRO A 24 5.64 8.29 6.56
C PRO A 24 4.85 6.98 6.55
N LEU A 25 5.16 6.13 5.58
CA LEU A 25 4.47 4.88 5.40
C LEU A 25 4.83 3.87 6.49
N GLN A 26 6.04 3.97 7.05
CA GLN A 26 6.45 3.12 8.19
C GLN A 26 5.48 3.35 9.32
N ARG A 27 5.24 4.62 9.59
CA ARG A 27 4.36 5.06 10.66
C ARG A 27 2.96 4.58 10.39
N TYR A 28 2.49 4.86 9.19
CA TYR A 28 1.16 4.49 8.73
C TYR A 28 0.90 2.99 8.91
N ALA A 29 1.80 2.18 8.36
CA ALA A 29 1.68 0.72 8.43
C ALA A 29 1.71 0.23 9.87
N ALA A 30 2.60 0.79 10.68
CA ALA A 30 2.73 0.40 12.07
C ALA A 30 1.47 0.76 12.86
N THR A 31 0.86 1.87 12.49
CA THR A 31 -0.36 2.31 13.13
C THR A 31 -1.49 1.33 12.81
N ILE A 32 -1.58 0.92 11.53
CA ILE A 32 -2.60 -0.03 11.09
C ILE A 32 -2.50 -1.31 11.90
N GLN A 33 -1.27 -1.81 12.04
CA GLN A 33 -1.03 -3.00 12.82
C GLN A 33 -1.48 -2.81 14.26
N SER A 34 -0.93 -1.79 14.90
CA SER A 34 -1.19 -1.47 16.30
C SER A 34 -2.71 -1.33 16.59
N GLN A 35 -3.43 -0.66 15.70
CA GLN A 35 -4.87 -0.45 15.87
C GLN A 35 -5.65 -1.76 15.76
N ARG A 36 -5.18 -2.65 14.93
CA ARG A 36 -5.88 -3.91 14.69
C ARG A 36 -5.42 -5.02 15.63
N GLY A 37 -4.59 -4.68 16.59
CA GLY A 37 -4.17 -5.67 17.57
C GLY A 37 -2.80 -6.25 17.31
N ASP A 38 -2.11 -5.67 16.35
CA ASP A 38 -0.74 -6.03 15.93
C ASP A 38 -0.72 -7.27 15.03
N TYR A 39 0.12 -7.22 14.02
CA TYR A 39 0.23 -8.28 13.03
C TYR A 39 1.68 -8.62 12.75
N ASN A 40 1.87 -9.53 11.83
CA ASN A 40 3.16 -9.98 11.42
C ASN A 40 3.83 -8.88 10.65
N GLY A 41 4.91 -8.42 11.18
CA GLY A 41 5.68 -7.30 10.59
C GLY A 41 6.42 -7.67 9.31
N LYS A 42 5.97 -8.70 8.66
CA LYS A 42 6.53 -9.16 7.42
C LYS A 42 5.67 -8.70 6.26
N VAL A 43 4.36 -8.93 6.37
CA VAL A 43 3.41 -8.52 5.34
C VAL A 43 2.12 -7.99 5.98
N LEU A 44 1.55 -6.99 5.37
CA LEU A 44 0.31 -6.37 5.83
C LEU A 44 -0.71 -6.45 4.71
N SER A 45 -1.97 -6.44 5.02
CA SER A 45 -3.01 -6.52 4.01
C SER A 45 -4.12 -5.50 4.28
N ILE A 46 -4.44 -4.69 3.28
CA ILE A 46 -5.49 -3.68 3.38
C ILE A 46 -6.35 -3.64 2.11
N ARG A 47 -7.38 -2.82 2.09
CA ARG A 47 -8.24 -2.70 0.91
C ARG A 47 -7.81 -1.54 0.03
N GLN A 48 -8.37 -1.52 -1.17
CA GLN A 48 -8.06 -0.56 -2.22
C GLN A 48 -8.28 0.90 -1.78
N ASP A 49 -9.33 1.13 -1.01
CA ASP A 49 -9.72 2.47 -0.58
C ASP A 49 -8.81 2.95 0.52
N ASP A 50 -8.20 2.02 1.23
CA ASP A 50 -7.29 2.36 2.31
C ASP A 50 -5.97 2.80 1.71
N LEU A 51 -5.51 2.05 0.70
CA LEU A 51 -4.24 2.36 0.02
C LEU A 51 -4.31 3.72 -0.69
N ARG A 52 -5.52 4.10 -1.10
CA ARG A 52 -5.71 5.38 -1.78
C ARG A 52 -5.46 6.56 -0.82
N THR A 53 -5.58 6.30 0.48
CA THR A 53 -5.36 7.30 1.51
C THR A 53 -3.91 7.84 1.44
N LEU A 54 -2.98 6.98 1.04
CA LEU A 54 -1.56 7.35 0.93
C LEU A 54 -1.37 8.47 -0.08
N ALA A 55 -2.17 8.44 -1.13
CA ALA A 55 -2.10 9.44 -2.17
C ALA A 55 -2.52 10.79 -1.59
N VAL A 56 -3.43 10.77 -0.65
CA VAL A 56 -3.89 11.97 0.01
C VAL A 56 -2.83 12.46 0.99
N ILE A 57 -2.17 11.51 1.66
CA ILE A 57 -1.12 11.83 2.65
C ILE A 57 0.04 12.54 1.98
N TYR A 58 0.54 11.99 0.89
CA TYR A 58 1.71 12.55 0.24
C TYR A 58 1.31 13.61 -0.76
N ASP A 59 0.01 13.80 -0.89
CA ASP A 59 -0.60 14.72 -1.84
C ASP A 59 -0.11 14.48 -3.26
N GLN A 60 -0.49 13.34 -3.75
CA GLN A 60 -0.19 12.89 -5.08
C GLN A 60 -1.39 12.13 -5.61
N SER A 61 -1.40 11.86 -6.89
CA SER A 61 -2.49 11.13 -7.49
C SER A 61 -2.24 9.62 -7.30
N PRO A 62 -3.31 8.81 -7.16
CA PRO A 62 -3.19 7.34 -7.03
C PRO A 62 -2.36 6.73 -8.16
N SER A 63 -2.41 7.37 -9.33
CA SER A 63 -1.69 6.96 -10.52
C SER A 63 -0.17 6.86 -10.27
N VAL A 64 0.40 7.85 -9.61
CA VAL A 64 1.84 7.82 -9.33
C VAL A 64 2.09 6.99 -8.06
N LEU A 65 1.09 6.99 -7.18
CA LEU A 65 1.17 6.31 -5.90
C LEU A 65 1.31 4.79 -6.08
N THR A 66 0.39 4.18 -6.82
CA THR A 66 0.41 2.74 -6.99
C THR A 66 1.69 2.29 -7.72
N GLU A 67 2.16 3.12 -8.64
CA GLU A 67 3.35 2.83 -9.39
C GLU A 67 4.58 2.80 -8.51
N GLN A 68 4.62 3.67 -7.51
CA GLN A 68 5.72 3.67 -6.57
C GLN A 68 5.75 2.38 -5.78
N LEU A 69 4.63 2.04 -5.16
CA LEU A 69 4.50 0.82 -4.35
C LEU A 69 4.88 -0.43 -5.16
N ILE A 70 4.44 -0.48 -6.40
CA ILE A 70 4.73 -1.60 -7.28
C ILE A 70 6.21 -1.61 -7.72
N SER A 71 6.79 -0.43 -7.96
CA SER A 71 8.18 -0.36 -8.38
C SER A 71 9.13 -0.77 -7.25
N TRP A 72 8.73 -0.56 -6.00
CA TRP A 72 9.56 -0.93 -4.86
C TRP A 72 9.43 -2.41 -4.57
N GLY A 73 8.40 -3.04 -5.10
CA GLY A 73 8.15 -4.43 -4.83
C GLY A 73 7.42 -4.62 -3.52
N VAL A 74 6.85 -3.53 -3.02
CA VAL A 74 6.10 -3.57 -1.78
C VAL A 74 4.70 -4.06 -2.08
N LEU A 75 4.18 -3.65 -3.22
CA LEU A 75 2.87 -4.03 -3.65
C LEU A 75 3.00 -4.85 -4.93
N ASP A 76 2.14 -5.84 -5.08
CA ASP A 76 2.12 -6.70 -6.27
C ASP A 76 1.69 -5.90 -7.50
N ALA A 77 2.28 -6.23 -8.62
CA ALA A 77 2.04 -5.55 -9.89
C ALA A 77 0.58 -5.58 -10.35
N ASP A 78 -0.15 -6.64 -10.05
CA ASP A 78 -1.55 -6.79 -10.47
C ASP A 78 -2.51 -6.09 -9.54
N ALA A 79 -2.07 -5.83 -8.32
CA ALA A 79 -2.89 -5.21 -7.28
C ALA A 79 -3.41 -3.83 -7.71
N ARG A 80 -2.68 -3.22 -8.64
CA ARG A 80 -3.01 -1.93 -9.25
C ARG A 80 -4.46 -1.90 -9.78
N ARG A 81 -4.96 -3.05 -10.21
CA ARG A 81 -6.29 -3.14 -10.80
C ARG A 81 -7.37 -2.89 -9.75
N ALA A 82 -7.06 -3.19 -8.51
CA ALA A 82 -8.00 -3.01 -7.44
C ALA A 82 -8.01 -1.57 -6.96
N VAL A 83 -6.81 -1.02 -6.80
CA VAL A 83 -6.67 0.36 -6.30
C VAL A 83 -7.02 1.39 -7.40
N ALA A 84 -7.04 0.92 -8.65
CA ALA A 84 -7.44 1.76 -9.78
C ALA A 84 -8.86 2.22 -9.59
N SER A 85 -8.98 3.45 -9.20
CA SER A 85 -10.24 4.03 -8.87
C SER A 85 -10.77 4.82 -10.07
N HIS A 86 -11.92 5.45 -9.90
CA HIS A 86 -12.49 6.30 -10.93
C HIS A 86 -11.54 7.44 -11.25
N ASP A 87 -11.49 7.83 -12.50
CA ASP A 87 -10.60 8.88 -12.93
C ASP A 87 -11.06 10.22 -12.49
N GLU A 88 -10.39 10.73 -11.51
CA GLU A 88 -10.67 12.01 -10.95
C GLU A 88 -9.44 12.86 -11.15
N LEU A 89 -9.59 14.15 -11.20
CA LEU A 89 -8.47 15.02 -11.36
C LEU A 89 -8.08 15.50 -9.97
N MET A 1 -14.19 -16.77 -7.67
CA MET A 1 -13.75 -16.55 -6.28
C MET A 1 -12.73 -15.39 -6.23
N GLU A 2 -12.60 -14.67 -7.32
CA GLU A 2 -11.60 -13.63 -7.47
C GLU A 2 -12.07 -12.38 -6.74
N PRO A 3 -11.39 -11.99 -5.65
CA PRO A 3 -11.80 -10.87 -4.84
C PRO A 3 -11.23 -9.54 -5.35
N PRO A 4 -11.68 -8.39 -4.81
CA PRO A 4 -11.09 -7.11 -5.12
C PRO A 4 -9.65 -7.15 -4.67
N PRO A 5 -8.69 -6.85 -5.59
CA PRO A 5 -7.23 -6.97 -5.36
C PRO A 5 -6.80 -6.71 -3.92
N LYS A 6 -6.40 -7.78 -3.25
CA LYS A 6 -5.96 -7.68 -1.89
C LYS A 6 -4.57 -7.07 -1.90
N LEU A 7 -4.48 -5.90 -1.36
CA LEU A 7 -3.26 -5.19 -1.38
C LEU A 7 -2.39 -5.60 -0.23
N VAL A 8 -1.47 -6.49 -0.50
CA VAL A 8 -0.54 -6.93 0.50
C VAL A 8 0.75 -6.19 0.28
N LEU A 9 1.09 -5.34 1.20
CA LEU A 9 2.31 -4.56 1.14
C LEU A 9 3.36 -5.20 1.99
N ASP A 10 4.51 -5.39 1.43
CA ASP A 10 5.62 -5.98 2.13
C ASP A 10 6.37 -4.90 2.90
N LEU A 11 6.21 -4.88 4.20
CA LEU A 11 6.78 -3.83 5.04
C LEU A 11 8.28 -4.01 5.22
N GLU A 12 8.75 -5.22 4.93
CA GLU A 12 10.15 -5.55 5.02
C GLU A 12 10.89 -4.90 3.87
N ARG A 13 10.28 -4.97 2.70
CA ARG A 13 10.79 -4.33 1.50
C ARG A 13 10.83 -2.82 1.72
N LEU A 14 9.89 -2.33 2.50
CA LEU A 14 9.78 -0.92 2.83
C LEU A 14 10.90 -0.45 3.74
N ALA A 15 11.65 -1.38 4.30
CA ALA A 15 12.78 -1.03 5.12
C ALA A 15 13.99 -0.71 4.25
N THR A 16 14.06 -1.34 3.09
CA THR A 16 15.15 -1.12 2.16
C THR A 16 14.86 0.05 1.22
N VAL A 17 13.62 0.50 1.23
CA VAL A 17 13.21 1.65 0.46
C VAL A 17 13.38 2.86 1.37
N PRO A 18 14.01 3.95 0.87
CA PRO A 18 14.25 5.19 1.65
C PRO A 18 13.03 5.66 2.46
N ALA A 19 13.30 6.14 3.66
CA ALA A 19 12.28 6.59 4.62
C ALA A 19 11.53 7.81 4.09
N GLU A 20 12.10 8.47 3.12
CA GLU A 20 11.44 9.60 2.49
C GLU A 20 10.32 9.16 1.56
N LYS A 21 10.28 7.87 1.27
CA LYS A 21 9.23 7.30 0.43
C LYS A 21 8.36 6.37 1.27
N ALA A 22 9.00 5.44 1.95
CA ALA A 22 8.30 4.38 2.68
C ALA A 22 8.14 4.70 4.16
N GLY A 23 8.75 5.77 4.62
CA GLY A 23 8.71 6.15 6.03
C GLY A 23 7.31 6.41 6.55
N PRO A 24 6.56 7.41 6.00
CA PRO A 24 5.20 7.71 6.47
C PRO A 24 4.24 6.55 6.22
N LEU A 25 4.59 5.71 5.25
CA LEU A 25 3.81 4.56 4.91
C LEU A 25 3.96 3.55 6.06
N GLN A 26 5.20 3.34 6.51
CA GLN A 26 5.45 2.47 7.65
C GLN A 26 4.85 3.03 8.92
N ARG A 27 4.79 4.35 9.03
CA ARG A 27 4.13 5.00 10.18
C ARG A 27 2.68 4.59 10.20
N TYR A 28 2.04 4.74 9.05
CA TYR A 28 0.64 4.36 8.84
C TYR A 28 0.47 2.87 9.18
N ALA A 29 1.36 2.05 8.64
CA ALA A 29 1.35 0.61 8.87
C ALA A 29 1.44 0.28 10.35
N ALA A 30 2.41 0.88 11.03
CA ALA A 30 2.63 0.69 12.45
C ALA A 30 1.39 1.08 13.23
N THR A 31 0.78 2.17 12.81
CA THR A 31 -0.42 2.68 13.41
C THR A 31 -1.57 1.65 13.26
N ILE A 32 -1.75 1.10 12.05
CA ILE A 32 -2.80 0.11 11.81
C ILE A 32 -2.62 -1.10 12.71
N GLN A 33 -1.37 -1.58 12.80
CA GLN A 33 -1.02 -2.71 13.66
C GLN A 33 -1.39 -2.42 15.11
N SER A 34 -0.90 -1.30 15.61
CA SER A 34 -1.08 -0.92 16.99
C SER A 34 -2.54 -0.56 17.34
N GLN A 35 -3.28 -0.02 16.38
CA GLN A 35 -4.69 0.32 16.61
C GLN A 35 -5.53 -0.93 16.83
N ARG A 36 -5.28 -1.97 16.05
CA ARG A 36 -6.01 -3.22 16.24
C ARG A 36 -5.29 -4.11 17.26
N GLY A 37 -4.07 -3.72 17.56
CA GLY A 37 -3.25 -4.42 18.53
C GLY A 37 -2.86 -5.80 18.09
N ASP A 38 -2.72 -5.98 16.79
CA ASP A 38 -2.40 -7.31 16.28
C ASP A 38 -0.89 -7.40 16.02
N TYR A 39 -0.45 -8.44 15.39
CA TYR A 39 0.96 -8.73 15.24
C TYR A 39 1.31 -8.83 13.77
N ASN A 40 2.59 -9.10 13.50
CA ASN A 40 3.11 -9.30 12.14
C ASN A 40 3.19 -8.00 11.36
N GLY A 41 4.33 -7.36 11.47
CA GLY A 41 4.56 -6.14 10.76
C GLY A 41 5.49 -6.36 9.60
N LYS A 42 5.44 -7.54 9.04
CA LYS A 42 6.28 -7.87 7.90
C LYS A 42 5.51 -7.66 6.61
N VAL A 43 4.20 -7.82 6.68
CA VAL A 43 3.29 -7.62 5.56
C VAL A 43 1.99 -7.00 6.07
N LEU A 44 1.47 -6.06 5.34
CA LEU A 44 0.23 -5.40 5.70
C LEU A 44 -0.75 -5.51 4.55
N SER A 45 -1.90 -6.04 4.80
CA SER A 45 -2.92 -6.17 3.78
C SER A 45 -3.95 -5.08 3.96
N ILE A 46 -3.98 -4.15 3.06
CA ILE A 46 -4.89 -3.03 3.16
C ILE A 46 -6.04 -3.17 2.18
N ARG A 47 -7.01 -2.30 2.31
CA ARG A 47 -8.20 -2.30 1.48
C ARG A 47 -8.06 -1.25 0.36
N GLN A 48 -9.09 -1.14 -0.47
CA GLN A 48 -9.12 -0.22 -1.62
C GLN A 48 -8.97 1.24 -1.19
N ASP A 49 -9.77 1.64 -0.21
CA ASP A 49 -9.77 3.02 0.30
C ASP A 49 -8.49 3.31 1.05
N ASP A 50 -7.82 2.28 1.52
CA ASP A 50 -6.59 2.46 2.26
C ASP A 50 -5.49 2.93 1.34
N LEU A 51 -5.38 2.29 0.17
CA LEU A 51 -4.33 2.66 -0.81
C LEU A 51 -4.54 4.12 -1.24
N ARG A 52 -5.80 4.48 -1.37
CA ARG A 52 -6.20 5.84 -1.67
C ARG A 52 -5.75 6.80 -0.56
N THR A 53 -5.95 6.38 0.67
CA THR A 53 -5.56 7.17 1.83
C THR A 53 -4.01 7.33 1.91
N LEU A 54 -3.28 6.30 1.49
CA LEU A 54 -1.80 6.37 1.41
C LEU A 54 -1.36 7.46 0.43
N ALA A 55 -2.10 7.59 -0.65
CA ALA A 55 -1.81 8.62 -1.64
C ALA A 55 -2.03 10.00 -1.05
N VAL A 56 -3.02 10.10 -0.19
CA VAL A 56 -3.41 11.36 0.44
C VAL A 56 -2.31 11.82 1.40
N ILE A 57 -1.58 10.87 1.99
CA ILE A 57 -0.49 11.18 2.94
C ILE A 57 0.55 12.05 2.25
N TYR A 58 0.84 11.69 1.01
CA TYR A 58 1.88 12.36 0.25
C TYR A 58 1.30 13.42 -0.65
N ASP A 59 -0.04 13.56 -0.61
CA ASP A 59 -0.79 14.50 -1.47
C ASP A 59 -0.63 14.11 -2.93
N GLN A 60 -0.51 12.83 -3.15
CA GLN A 60 -0.32 12.30 -4.47
C GLN A 60 -1.60 11.69 -4.96
N SER A 61 -1.63 11.41 -6.23
CA SER A 61 -2.73 10.76 -6.83
C SER A 61 -2.48 9.25 -6.75
N PRO A 62 -3.54 8.44 -6.52
CA PRO A 62 -3.43 6.99 -6.39
C PRO A 62 -2.73 6.31 -7.57
N SER A 63 -2.82 6.93 -8.74
CA SER A 63 -2.22 6.39 -9.95
C SER A 63 -0.68 6.32 -9.84
N VAL A 64 -0.03 7.46 -9.57
CA VAL A 64 1.44 7.48 -9.43
C VAL A 64 1.86 6.75 -8.15
N LEU A 65 0.94 6.73 -7.19
CA LEU A 65 1.17 6.09 -5.91
C LEU A 65 1.31 4.57 -6.12
N THR A 66 0.34 3.96 -6.78
CA THR A 66 0.36 2.52 -6.98
C THR A 66 1.53 2.11 -7.89
N GLU A 67 1.90 2.98 -8.84
CA GLU A 67 3.03 2.70 -9.71
C GLU A 67 4.32 2.60 -8.92
N GLN A 68 4.52 3.55 -8.00
CA GLN A 68 5.69 3.51 -7.16
C GLN A 68 5.67 2.28 -6.27
N LEU A 69 4.53 2.02 -5.66
CA LEU A 69 4.34 0.84 -4.80
C LEU A 69 4.74 -0.48 -5.52
N ILE A 70 4.35 -0.60 -6.77
CA ILE A 70 4.71 -1.79 -7.53
C ILE A 70 6.19 -1.73 -7.94
N SER A 71 6.68 -0.55 -8.25
CA SER A 71 8.04 -0.38 -8.71
C SER A 71 9.07 -0.55 -7.58
N TRP A 72 8.70 -0.19 -6.34
CA TRP A 72 9.60 -0.37 -5.19
C TRP A 72 9.69 -1.86 -4.84
N GLY A 73 8.74 -2.62 -5.35
CA GLY A 73 8.70 -4.04 -5.11
C GLY A 73 8.02 -4.36 -3.80
N VAL A 74 7.17 -3.48 -3.36
CA VAL A 74 6.45 -3.69 -2.12
C VAL A 74 5.02 -4.17 -2.39
N LEU A 75 4.46 -3.73 -3.49
CA LEU A 75 3.13 -4.13 -3.83
C LEU A 75 3.17 -5.05 -5.03
N ASP A 76 2.26 -6.00 -5.07
CA ASP A 76 2.18 -6.96 -6.16
C ASP A 76 1.79 -6.26 -7.45
N ALA A 77 2.25 -6.79 -8.57
CA ALA A 77 2.00 -6.22 -9.88
C ALA A 77 0.51 -6.19 -10.22
N ASP A 78 -0.21 -7.26 -9.91
CA ASP A 78 -1.64 -7.43 -10.24
C ASP A 78 -2.51 -6.51 -9.41
N ALA A 79 -1.96 -6.05 -8.31
CA ALA A 79 -2.62 -5.14 -7.39
C ALA A 79 -3.03 -3.84 -8.08
N ARG A 80 -2.33 -3.51 -9.19
CA ARG A 80 -2.60 -2.34 -10.06
C ARG A 80 -4.11 -2.14 -10.34
N ARG A 81 -4.86 -3.23 -10.38
CA ARG A 81 -6.27 -3.20 -10.73
C ARG A 81 -7.13 -2.60 -9.62
N ALA A 82 -6.56 -2.47 -8.42
CA ALA A 82 -7.28 -1.95 -7.26
C ALA A 82 -7.84 -0.55 -7.52
N VAL A 83 -6.99 0.36 -7.93
CA VAL A 83 -7.42 1.71 -8.20
C VAL A 83 -7.61 1.92 -9.70
N ALA A 84 -7.70 0.84 -10.42
CA ALA A 84 -7.93 0.90 -11.83
C ALA A 84 -9.35 0.49 -12.11
N SER A 85 -9.68 -0.75 -11.82
CA SER A 85 -10.97 -1.26 -12.12
C SER A 85 -11.37 -2.36 -11.15
N HIS A 86 -11.96 -1.98 -10.04
CA HIS A 86 -12.53 -2.95 -9.15
C HIS A 86 -14.02 -2.99 -9.39
N ASP A 87 -14.64 -4.11 -9.04
CA ASP A 87 -16.07 -4.40 -9.33
C ASP A 87 -16.29 -4.80 -10.76
N GLU A 88 -15.48 -4.26 -11.64
CA GLU A 88 -15.46 -4.67 -13.02
C GLU A 88 -14.61 -5.91 -13.14
N LEU A 89 -15.21 -7.02 -12.82
CA LEU A 89 -14.55 -8.29 -12.83
C LEU A 89 -15.56 -9.29 -13.34
N MET A 1 -15.74 -8.51 -6.59
CA MET A 1 -16.75 -9.14 -5.74
C MET A 1 -17.30 -8.10 -4.80
N GLU A 2 -18.23 -8.50 -3.96
CA GLU A 2 -18.76 -7.67 -2.90
C GLU A 2 -17.64 -7.34 -1.88
N PRO A 3 -16.86 -8.37 -1.34
CA PRO A 3 -15.68 -8.08 -0.54
C PRO A 3 -14.56 -7.57 -1.44
N PRO A 4 -14.15 -6.32 -1.26
CA PRO A 4 -13.16 -5.69 -2.13
C PRO A 4 -11.76 -6.29 -1.94
N PRO A 5 -10.95 -6.32 -3.02
CA PRO A 5 -9.62 -6.93 -3.01
C PRO A 5 -8.65 -6.26 -2.03
N LYS A 6 -8.03 -7.06 -1.22
CA LYS A 6 -7.03 -6.62 -0.29
C LYS A 6 -5.67 -6.73 -0.94
N LEU A 7 -4.86 -5.76 -0.70
CA LEU A 7 -3.56 -5.68 -1.27
C LEU A 7 -2.52 -6.00 -0.23
N VAL A 8 -1.52 -6.71 -0.62
CA VAL A 8 -0.47 -7.10 0.28
C VAL A 8 0.73 -6.16 0.18
N LEU A 9 1.04 -5.53 1.28
CA LEU A 9 2.15 -4.62 1.37
C LEU A 9 3.29 -5.34 2.11
N ASP A 10 4.47 -5.38 1.52
CA ASP A 10 5.62 -6.05 2.14
C ASP A 10 6.31 -5.08 3.09
N LEU A 11 6.29 -5.39 4.38
CA LEU A 11 6.80 -4.48 5.39
C LEU A 11 8.32 -4.44 5.44
N GLU A 12 8.97 -5.52 5.05
CA GLU A 12 10.42 -5.55 5.07
C GLU A 12 10.97 -4.84 3.86
N ARG A 13 10.32 -5.01 2.74
CA ARG A 13 10.72 -4.33 1.52
C ARG A 13 10.48 -2.84 1.67
N LEU A 14 9.42 -2.50 2.39
CA LEU A 14 9.12 -1.11 2.72
C LEU A 14 10.27 -0.47 3.49
N ALA A 15 10.82 -1.23 4.41
CA ALA A 15 11.93 -0.76 5.22
C ALA A 15 13.23 -0.68 4.41
N THR A 16 13.21 -1.20 3.21
CA THR A 16 14.36 -1.16 2.35
C THR A 16 14.29 0.10 1.44
N VAL A 17 13.16 0.78 1.51
CA VAL A 17 12.91 1.97 0.70
C VAL A 17 13.45 3.21 1.45
N PRO A 18 14.07 4.16 0.70
CA PRO A 18 14.57 5.44 1.25
C PRO A 18 13.55 6.13 2.21
N ALA A 19 14.08 6.71 3.28
CA ALA A 19 13.32 7.32 4.39
C ALA A 19 12.28 8.33 3.95
N GLU A 20 12.63 9.13 2.96
CA GLU A 20 11.75 10.21 2.47
C GLU A 20 10.49 9.69 1.75
N LYS A 21 10.43 8.39 1.54
CA LYS A 21 9.29 7.78 0.92
C LYS A 21 8.70 6.69 1.81
N ALA A 22 9.58 5.96 2.48
CA ALA A 22 9.18 4.87 3.35
C ALA A 22 8.68 5.36 4.69
N GLY A 23 9.34 6.38 5.24
CA GLY A 23 9.07 6.90 6.60
C GLY A 23 7.59 7.09 6.93
N PRO A 24 6.86 7.98 6.22
CA PRO A 24 5.43 8.20 6.46
C PRO A 24 4.59 6.92 6.32
N LEU A 25 5.01 6.04 5.42
CA LEU A 25 4.29 4.80 5.17
C LEU A 25 4.57 3.76 6.25
N GLN A 26 5.78 3.77 6.80
CA GLN A 26 6.13 2.89 7.90
C GLN A 26 5.32 3.31 9.12
N ARG A 27 5.15 4.62 9.27
CA ARG A 27 4.32 5.18 10.33
C ARG A 27 2.89 4.72 10.16
N TYR A 28 2.39 4.85 8.93
CA TYR A 28 1.04 4.43 8.56
C TYR A 28 0.85 2.96 8.93
N ALA A 29 1.80 2.14 8.49
CA ALA A 29 1.79 0.71 8.75
C ALA A 29 1.78 0.43 10.25
N ALA A 30 2.64 1.13 11.00
CA ALA A 30 2.73 0.98 12.45
C ALA A 30 1.40 1.32 13.11
N THR A 31 0.73 2.34 12.59
CA THR A 31 -0.58 2.72 13.07
C THR A 31 -1.58 1.58 12.80
N ILE A 32 -1.57 1.07 11.56
CA ILE A 32 -2.45 -0.03 11.13
C ILE A 32 -2.28 -1.26 12.04
N GLN A 33 -1.02 -1.68 12.21
CA GLN A 33 -0.65 -2.85 13.04
C GLN A 33 -1.27 -2.72 14.42
N SER A 34 -1.15 -1.55 14.99
CA SER A 34 -1.60 -1.27 16.33
C SER A 34 -3.13 -1.17 16.43
N GLN A 35 -3.75 -0.43 15.53
CA GLN A 35 -5.19 -0.19 15.62
C GLN A 35 -6.01 -1.41 15.22
N ARG A 36 -5.51 -2.23 14.31
CA ARG A 36 -6.24 -3.44 13.93
C ARG A 36 -5.96 -4.54 14.92
N GLY A 37 -4.81 -4.46 15.56
CA GLY A 37 -4.43 -5.47 16.52
C GLY A 37 -3.77 -6.64 15.84
N ASP A 38 -3.19 -6.36 14.70
CA ASP A 38 -2.54 -7.37 13.91
C ASP A 38 -1.15 -6.96 13.58
N TYR A 39 -0.21 -7.37 14.39
CA TYR A 39 1.16 -7.12 14.11
C TYR A 39 1.70 -8.24 13.24
N ASN A 40 1.31 -8.19 12.00
CA ASN A 40 1.70 -9.17 11.03
C ASN A 40 3.08 -8.76 10.56
N GLY A 41 4.04 -9.54 10.95
CA GLY A 41 5.46 -9.23 10.78
C GLY A 41 5.94 -8.98 9.37
N LYS A 42 5.67 -9.89 8.45
CA LYS A 42 6.23 -9.78 7.13
C LYS A 42 5.43 -8.86 6.23
N VAL A 43 4.16 -9.07 6.16
CA VAL A 43 3.32 -8.30 5.25
C VAL A 43 2.15 -7.70 5.98
N LEU A 44 1.51 -6.78 5.34
CA LEU A 44 0.33 -6.15 5.83
C LEU A 44 -0.68 -6.11 4.70
N SER A 45 -1.87 -6.56 4.95
CA SER A 45 -2.88 -6.54 3.92
C SER A 45 -3.87 -5.42 4.18
N ILE A 46 -3.93 -4.51 3.26
CA ILE A 46 -4.80 -3.36 3.35
C ILE A 46 -5.77 -3.37 2.19
N ARG A 47 -6.75 -2.53 2.21
CA ARG A 47 -7.69 -2.48 1.10
C ARG A 47 -7.36 -1.29 0.22
N GLN A 48 -8.13 -1.13 -0.84
CA GLN A 48 -7.98 0.00 -1.75
C GLN A 48 -8.39 1.30 -1.05
N ASP A 49 -9.24 1.20 -0.02
CA ASP A 49 -9.67 2.37 0.75
C ASP A 49 -8.50 2.87 1.60
N ASP A 50 -7.61 1.96 1.96
CA ASP A 50 -6.39 2.33 2.68
C ASP A 50 -5.43 2.95 1.67
N LEU A 51 -5.33 2.29 0.52
CA LEU A 51 -4.48 2.71 -0.60
C LEU A 51 -4.80 4.14 -1.05
N ARG A 52 -6.09 4.43 -1.22
CA ARG A 52 -6.56 5.75 -1.64
C ARG A 52 -6.12 6.80 -0.63
N THR A 53 -6.16 6.44 0.63
CA THR A 53 -5.77 7.30 1.71
C THR A 53 -4.26 7.58 1.67
N LEU A 54 -3.47 6.59 1.24
CA LEU A 54 -2.02 6.74 1.10
C LEU A 54 -1.71 7.86 0.12
N ALA A 55 -2.46 7.89 -0.97
CA ALA A 55 -2.31 8.89 -2.01
C ALA A 55 -2.59 10.29 -1.48
N VAL A 56 -3.50 10.37 -0.52
CA VAL A 56 -3.91 11.62 0.06
C VAL A 56 -2.84 12.14 1.02
N ILE A 57 -2.30 11.24 1.82
CA ILE A 57 -1.32 11.60 2.83
C ILE A 57 0.03 11.97 2.21
N TYR A 58 0.46 11.21 1.23
CA TYR A 58 1.80 11.45 0.65
C TYR A 58 1.69 12.41 -0.50
N ASP A 59 0.45 12.82 -0.74
CA ASP A 59 0.05 13.73 -1.79
C ASP A 59 0.64 13.38 -3.14
N GLN A 60 0.17 12.29 -3.63
CA GLN A 60 0.52 11.78 -4.92
C GLN A 60 -0.76 11.28 -5.52
N SER A 61 -0.91 11.42 -6.79
CA SER A 61 -2.08 10.94 -7.46
C SER A 61 -2.14 9.39 -7.33
N PRO A 62 -3.34 8.82 -7.06
CA PRO A 62 -3.53 7.36 -6.84
C PRO A 62 -2.81 6.46 -7.85
N SER A 63 -2.81 6.85 -9.11
CA SER A 63 -2.15 6.10 -10.16
C SER A 63 -0.63 6.01 -9.89
N VAL A 64 0.03 7.17 -9.77
CA VAL A 64 1.47 7.19 -9.51
C VAL A 64 1.80 6.63 -8.12
N LEU A 65 0.87 6.80 -7.17
CA LEU A 65 1.02 6.24 -5.83
C LEU A 65 1.19 4.72 -5.94
N THR A 66 0.29 4.10 -6.67
CA THR A 66 0.33 2.68 -6.89
C THR A 66 1.62 2.29 -7.65
N GLU A 67 1.99 3.12 -8.64
CA GLU A 67 3.20 2.90 -9.44
C GLU A 67 4.44 2.89 -8.55
N GLN A 68 4.52 3.85 -7.63
CA GLN A 68 5.64 3.95 -6.70
C GLN A 68 5.80 2.66 -5.91
N LEU A 69 4.73 2.23 -5.26
CA LEU A 69 4.72 1.01 -4.46
C LEU A 69 5.14 -0.22 -5.27
N ILE A 70 4.65 -0.30 -6.49
CA ILE A 70 5.00 -1.39 -7.39
C ILE A 70 6.48 -1.31 -7.80
N SER A 71 6.95 -0.10 -8.06
CA SER A 71 8.32 0.12 -8.50
C SER A 71 9.32 -0.23 -7.39
N TRP A 72 8.92 -0.04 -6.14
CA TRP A 72 9.79 -0.36 -5.02
C TRP A 72 9.78 -1.86 -4.75
N GLY A 73 8.78 -2.54 -5.29
CA GLY A 73 8.61 -3.95 -5.07
C GLY A 73 7.98 -4.24 -3.73
N VAL A 74 7.26 -3.26 -3.22
CA VAL A 74 6.61 -3.37 -1.93
C VAL A 74 5.18 -3.88 -2.13
N LEU A 75 4.66 -3.63 -3.30
CA LEU A 75 3.30 -3.99 -3.63
C LEU A 75 3.31 -4.86 -4.89
N ASP A 76 2.28 -5.67 -5.06
CA ASP A 76 2.13 -6.53 -6.23
C ASP A 76 1.84 -5.64 -7.44
N ALA A 77 2.26 -6.08 -8.61
CA ALA A 77 1.99 -5.35 -9.83
C ALA A 77 0.51 -5.45 -10.17
N ASP A 78 0.01 -6.67 -10.05
CA ASP A 78 -1.40 -7.03 -10.30
C ASP A 78 -2.37 -6.27 -9.40
N ALA A 79 -1.84 -5.73 -8.29
CA ALA A 79 -2.62 -4.92 -7.32
C ALA A 79 -3.34 -3.77 -8.00
N ARG A 80 -2.80 -3.36 -9.14
CA ARG A 80 -3.39 -2.31 -9.98
C ARG A 80 -4.83 -2.66 -10.40
N ARG A 81 -5.20 -3.93 -10.35
CA ARG A 81 -6.53 -4.34 -10.72
C ARG A 81 -7.57 -3.92 -9.65
N ALA A 82 -7.10 -3.69 -8.43
CA ALA A 82 -7.98 -3.28 -7.34
C ALA A 82 -8.55 -1.90 -7.62
N VAL A 83 -7.83 -1.14 -8.40
CA VAL A 83 -8.26 0.15 -8.85
C VAL A 83 -7.55 0.50 -10.16
N ALA A 84 -8.16 0.06 -11.24
CA ALA A 84 -7.59 0.26 -12.56
C ALA A 84 -7.93 1.65 -13.05
N SER A 85 -7.35 2.64 -12.37
CA SER A 85 -7.54 4.04 -12.60
C SER A 85 -8.97 4.48 -12.21
N HIS A 86 -9.96 4.12 -13.05
CA HIS A 86 -11.39 4.43 -12.84
C HIS A 86 -11.65 5.92 -12.67
N ASP A 87 -10.79 6.75 -13.22
CA ASP A 87 -10.97 8.18 -13.12
C ASP A 87 -11.86 8.62 -14.27
N GLU A 88 -11.25 8.93 -15.43
CA GLU A 88 -11.97 9.25 -16.65
C GLU A 88 -11.01 9.67 -17.75
N LEU A 89 -10.47 10.86 -17.63
CA LEU A 89 -9.62 11.41 -18.66
C LEU A 89 -8.16 11.28 -18.24
N MET A 1 -7.44 -14.08 -4.32
CA MET A 1 -8.22 -15.16 -3.73
C MET A 1 -9.62 -14.66 -3.44
N GLU A 2 -9.79 -13.92 -2.35
CA GLU A 2 -11.07 -13.35 -2.04
C GLU A 2 -11.38 -12.20 -3.01
N PRO A 3 -12.62 -12.13 -3.52
CA PRO A 3 -13.08 -11.06 -4.43
C PRO A 3 -12.67 -9.60 -4.01
N PRO A 4 -12.84 -9.17 -2.71
CA PRO A 4 -12.36 -7.84 -2.26
C PRO A 4 -10.84 -7.70 -2.48
N PRO A 5 -10.40 -6.71 -3.30
CA PRO A 5 -8.99 -6.47 -3.59
C PRO A 5 -8.16 -6.25 -2.33
N LYS A 6 -7.22 -7.14 -2.13
CA LYS A 6 -6.31 -7.06 -1.01
C LYS A 6 -5.03 -6.44 -1.50
N LEU A 7 -4.71 -5.30 -0.99
CA LEU A 7 -3.49 -4.65 -1.35
C LEU A 7 -2.45 -4.99 -0.31
N VAL A 8 -1.53 -5.82 -0.69
CA VAL A 8 -0.57 -6.31 0.25
C VAL A 8 0.65 -5.40 0.33
N LEU A 9 0.80 -4.79 1.46
CA LEU A 9 1.91 -3.95 1.77
C LEU A 9 2.95 -4.79 2.48
N ASP A 10 4.06 -5.02 1.84
CA ASP A 10 5.14 -5.77 2.46
C ASP A 10 5.88 -4.87 3.42
N LEU A 11 5.80 -5.19 4.69
CA LEU A 11 6.36 -4.37 5.75
C LEU A 11 7.87 -4.43 5.76
N GLU A 12 8.42 -5.60 5.49
CA GLU A 12 9.85 -5.79 5.53
C GLU A 12 10.51 -5.18 4.31
N ARG A 13 9.92 -5.37 3.15
CA ARG A 13 10.43 -4.76 1.95
C ARG A 13 10.32 -3.25 2.05
N LEU A 14 9.22 -2.77 2.61
CA LEU A 14 9.02 -1.35 2.81
C LEU A 14 10.06 -0.79 3.79
N ALA A 15 10.50 -1.63 4.72
CA ALA A 15 11.50 -1.24 5.72
C ALA A 15 12.87 -1.09 5.09
N THR A 16 13.06 -1.70 3.92
CA THR A 16 14.31 -1.56 3.21
C THR A 16 14.23 -0.43 2.17
N VAL A 17 13.08 0.21 2.08
CA VAL A 17 12.87 1.33 1.18
C VAL A 17 13.25 2.60 1.93
N PRO A 18 14.05 3.49 1.28
CA PRO A 18 14.51 4.76 1.85
C PRO A 18 13.43 5.51 2.64
N ALA A 19 13.78 5.93 3.86
CA ALA A 19 12.89 6.65 4.78
C ALA A 19 12.50 7.99 4.20
N GLU A 20 13.27 8.43 3.23
CA GLU A 20 13.04 9.67 2.50
C GLU A 20 11.64 9.69 1.88
N LYS A 21 11.16 8.52 1.47
CA LYS A 21 9.84 8.43 0.88
C LYS A 21 8.96 7.45 1.64
N ALA A 22 9.56 6.41 2.19
CA ALA A 22 8.81 5.38 2.91
C ALA A 22 8.62 5.74 4.38
N GLY A 23 9.23 6.83 4.80
CA GLY A 23 9.16 7.29 6.20
C GLY A 23 7.74 7.47 6.71
N PRO A 24 6.94 8.40 6.13
CA PRO A 24 5.55 8.63 6.55
C PRO A 24 4.67 7.37 6.36
N LEU A 25 5.07 6.51 5.44
CA LEU A 25 4.34 5.29 5.16
C LEU A 25 4.63 4.23 6.23
N GLN A 26 5.87 4.20 6.72
CA GLN A 26 6.23 3.34 7.84
C GLN A 26 5.44 3.72 9.08
N ARG A 27 5.18 5.01 9.21
CA ARG A 27 4.40 5.53 10.32
C ARG A 27 2.97 5.05 10.21
N TYR A 28 2.42 5.21 9.03
CA TYR A 28 1.06 4.79 8.73
C TYR A 28 0.91 3.28 9.00
N ALA A 29 1.85 2.51 8.48
CA ALA A 29 1.86 1.06 8.63
C ALA A 29 2.00 0.67 10.11
N ALA A 30 2.82 1.41 10.85
CA ALA A 30 3.02 1.16 12.26
C ALA A 30 1.72 1.34 13.03
N THR A 31 1.00 2.41 12.72
CA THR A 31 -0.27 2.71 13.33
C THR A 31 -1.28 1.58 13.04
N ILE A 32 -1.26 1.06 11.81
CA ILE A 32 -2.13 -0.05 11.46
C ILE A 32 -1.73 -1.28 12.26
N GLN A 33 -0.44 -1.59 12.25
CA GLN A 33 0.07 -2.77 12.92
C GLN A 33 -0.22 -2.83 14.42
N SER A 34 -0.25 -1.70 15.08
CA SER A 34 -0.60 -1.67 16.47
C SER A 34 -2.08 -1.98 16.70
N GLN A 35 -2.95 -1.31 15.95
CA GLN A 35 -4.39 -1.48 16.09
C GLN A 35 -4.87 -2.79 15.45
N ARG A 36 -4.05 -3.35 14.59
CA ARG A 36 -4.34 -4.62 13.95
C ARG A 36 -4.12 -5.73 14.96
N GLY A 37 -3.23 -5.48 15.89
CA GLY A 37 -2.89 -6.45 16.90
C GLY A 37 -1.96 -7.53 16.37
N ASP A 38 -2.35 -8.12 15.26
CA ASP A 38 -1.62 -9.19 14.60
C ASP A 38 -0.33 -8.69 14.00
N TYR A 39 0.76 -8.93 14.67
CA TYR A 39 2.02 -8.51 14.15
C TYR A 39 2.74 -9.70 13.57
N ASN A 40 2.52 -9.93 12.30
CA ASN A 40 3.21 -10.97 11.58
C ASN A 40 4.56 -10.43 11.15
N GLY A 41 4.59 -9.15 10.83
CA GLY A 41 5.81 -8.46 10.54
C GLY A 41 6.18 -8.43 9.08
N LYS A 42 5.68 -9.38 8.32
CA LYS A 42 6.03 -9.50 6.92
C LYS A 42 5.07 -8.73 6.02
N VAL A 43 3.82 -9.13 5.99
CA VAL A 43 2.85 -8.49 5.08
C VAL A 43 1.65 -7.93 5.81
N LEU A 44 1.16 -6.84 5.29
CA LEU A 44 -0.02 -6.18 5.79
C LEU A 44 -0.98 -5.97 4.63
N SER A 45 -2.10 -6.63 4.67
CA SER A 45 -3.08 -6.48 3.64
C SER A 45 -4.03 -5.31 3.93
N ILE A 46 -3.86 -4.24 3.20
CA ILE A 46 -4.69 -3.08 3.33
C ILE A 46 -5.71 -3.09 2.19
N ARG A 47 -6.62 -2.17 2.21
CA ARG A 47 -7.64 -2.11 1.20
C ARG A 47 -7.45 -0.87 0.33
N GLN A 48 -8.30 -0.73 -0.68
CA GLN A 48 -8.22 0.40 -1.63
C GLN A 48 -8.49 1.70 -0.91
N ASP A 49 -9.33 1.62 0.10
CA ASP A 49 -9.68 2.75 0.95
C ASP A 49 -8.42 3.32 1.60
N ASP A 50 -7.54 2.42 2.00
CA ASP A 50 -6.30 2.80 2.64
C ASP A 50 -5.37 3.38 1.62
N LEU A 51 -5.31 2.73 0.46
CA LEU A 51 -4.49 3.19 -0.67
C LEU A 51 -4.88 4.63 -1.03
N ARG A 52 -6.18 4.87 -1.06
CA ARG A 52 -6.74 6.17 -1.34
C ARG A 52 -6.30 7.19 -0.30
N THR A 53 -6.23 6.74 0.95
CA THR A 53 -5.80 7.58 2.05
C THR A 53 -4.31 7.96 1.84
N LEU A 54 -3.47 6.96 1.54
CA LEU A 54 -2.02 7.17 1.27
C LEU A 54 -1.82 8.22 0.21
N ALA A 55 -2.57 8.09 -0.87
CA ALA A 55 -2.50 8.99 -1.99
C ALA A 55 -2.73 10.45 -1.56
N VAL A 56 -3.68 10.65 -0.67
CA VAL A 56 -4.03 11.99 -0.22
C VAL A 56 -2.94 12.53 0.70
N ILE A 57 -2.43 11.67 1.57
CA ILE A 57 -1.41 12.05 2.52
C ILE A 57 -0.12 12.48 1.81
N TYR A 58 0.34 11.65 0.89
CA TYR A 58 1.64 11.87 0.25
C TYR A 58 1.52 12.77 -0.97
N ASP A 59 0.30 13.23 -1.22
CA ASP A 59 -0.03 14.14 -2.33
C ASP A 59 0.33 13.51 -3.68
N GLN A 60 -0.25 12.38 -3.93
CA GLN A 60 -0.05 11.66 -5.18
C GLN A 60 -1.35 11.09 -5.64
N SER A 61 -1.57 11.09 -6.92
CA SER A 61 -2.75 10.52 -7.49
C SER A 61 -2.77 9.00 -7.21
N PRO A 62 -3.97 8.40 -6.91
CA PRO A 62 -4.11 6.97 -6.56
C PRO A 62 -3.30 6.02 -7.44
N SER A 63 -3.38 6.21 -8.74
CA SER A 63 -2.68 5.36 -9.68
C SER A 63 -1.16 5.53 -9.54
N VAL A 64 -0.70 6.78 -9.43
CA VAL A 64 0.72 7.10 -9.28
C VAL A 64 1.25 6.51 -7.98
N LEU A 65 0.45 6.61 -6.95
CA LEU A 65 0.78 6.07 -5.64
C LEU A 65 0.91 4.54 -5.75
N THR A 66 0.03 3.93 -6.51
CA THR A 66 0.08 2.50 -6.74
C THR A 66 1.37 2.13 -7.51
N GLU A 67 1.71 2.94 -8.52
CA GLU A 67 2.92 2.73 -9.31
C GLU A 67 4.16 2.78 -8.43
N GLN A 68 4.14 3.68 -7.44
CA GLN A 68 5.23 3.82 -6.47
C GLN A 68 5.47 2.52 -5.72
N LEU A 69 4.43 2.01 -5.10
CA LEU A 69 4.51 0.79 -4.31
C LEU A 69 4.97 -0.40 -5.15
N ILE A 70 4.54 -0.46 -6.39
CA ILE A 70 4.97 -1.51 -7.30
C ILE A 70 6.44 -1.31 -7.71
N SER A 71 6.84 -0.07 -7.84
CA SER A 71 8.20 0.29 -8.24
C SER A 71 9.20 -0.08 -7.13
N TRP A 72 8.76 0.00 -5.88
CA TRP A 72 9.61 -0.36 -4.77
C TRP A 72 9.49 -1.86 -4.48
N GLY A 73 8.56 -2.51 -5.17
CA GLY A 73 8.36 -3.93 -5.02
C GLY A 73 7.69 -4.27 -3.71
N VAL A 74 6.94 -3.33 -3.19
CA VAL A 74 6.26 -3.52 -1.93
C VAL A 74 4.85 -4.05 -2.19
N LEU A 75 4.31 -3.68 -3.32
CA LEU A 75 2.98 -4.10 -3.71
C LEU A 75 3.08 -5.06 -4.89
N ASP A 76 2.07 -5.89 -5.04
CA ASP A 76 1.97 -6.85 -6.13
C ASP A 76 1.76 -6.13 -7.46
N ALA A 77 2.41 -6.61 -8.50
CA ALA A 77 2.37 -5.99 -9.82
C ALA A 77 1.00 -6.08 -10.47
N ASP A 78 0.30 -7.16 -10.23
CA ASP A 78 -1.02 -7.39 -10.83
C ASP A 78 -2.09 -6.57 -10.11
N ALA A 79 -1.82 -6.22 -8.86
CA ALA A 79 -2.73 -5.47 -8.01
C ALA A 79 -3.22 -4.15 -8.63
N ARG A 80 -2.45 -3.56 -9.56
CA ARG A 80 -2.89 -2.30 -10.14
C ARG A 80 -4.09 -2.50 -11.07
N ARG A 81 -4.36 -3.75 -11.46
CA ARG A 81 -5.54 -4.06 -12.28
C ARG A 81 -6.79 -3.87 -11.46
N ALA A 82 -6.69 -4.20 -10.18
CA ALA A 82 -7.79 -4.05 -9.27
C ALA A 82 -7.97 -2.58 -8.93
N VAL A 83 -6.86 -1.86 -8.84
CA VAL A 83 -6.89 -0.42 -8.58
C VAL A 83 -7.49 0.32 -9.79
N ALA A 84 -7.00 -0.02 -10.97
CA ALA A 84 -7.44 0.60 -12.21
C ALA A 84 -8.71 -0.08 -12.74
N SER A 85 -9.59 -0.47 -11.82
CA SER A 85 -10.83 -1.15 -12.15
C SER A 85 -11.88 -0.18 -12.69
N HIS A 86 -11.48 1.07 -12.86
CA HIS A 86 -12.32 2.13 -13.47
C HIS A 86 -12.31 1.96 -15.01
N ASP A 87 -12.46 0.74 -15.39
CA ASP A 87 -12.44 0.29 -16.75
C ASP A 87 -13.75 -0.43 -16.97
N GLU A 88 -14.73 0.30 -17.44
CA GLU A 88 -16.06 -0.24 -17.66
C GLU A 88 -16.21 -0.69 -19.10
N LEU A 89 -15.46 -0.08 -19.94
CA LEU A 89 -15.48 -0.34 -21.35
C LEU A 89 -14.06 -0.55 -21.78
N MET A 1 -19.12 -8.47 -7.71
CA MET A 1 -18.35 -9.52 -8.35
C MET A 1 -16.88 -9.25 -8.13
N GLU A 2 -16.06 -10.29 -8.32
CA GLU A 2 -14.61 -10.28 -8.08
C GLU A 2 -14.31 -10.41 -6.60
N PRO A 3 -13.24 -11.12 -6.25
CA PRO A 3 -12.81 -11.22 -4.88
C PRO A 3 -12.30 -9.84 -4.39
N PRO A 4 -12.54 -9.52 -3.10
CA PRO A 4 -12.08 -8.25 -2.50
C PRO A 4 -10.57 -8.09 -2.68
N PRO A 5 -10.13 -7.05 -3.40
CA PRO A 5 -8.73 -6.83 -3.63
C PRO A 5 -8.00 -6.40 -2.36
N LYS A 6 -7.10 -7.25 -1.95
CA LYS A 6 -6.29 -7.04 -0.80
C LYS A 6 -4.89 -6.71 -1.28
N LEU A 7 -4.36 -5.60 -0.85
CA LEU A 7 -3.05 -5.16 -1.25
C LEU A 7 -2.06 -5.52 -0.16
N VAL A 8 -1.10 -6.33 -0.50
CA VAL A 8 -0.12 -6.76 0.45
C VAL A 8 1.06 -5.80 0.47
N LEU A 9 1.21 -5.12 1.56
CA LEU A 9 2.30 -4.22 1.78
C LEU A 9 3.39 -4.99 2.50
N ASP A 10 4.46 -5.31 1.80
CA ASP A 10 5.57 -6.03 2.40
C ASP A 10 6.39 -5.06 3.22
N LEU A 11 6.37 -5.22 4.51
CA LEU A 11 7.02 -4.29 5.41
C LEU A 11 8.52 -4.51 5.44
N GLU A 12 8.93 -5.72 5.13
CA GLU A 12 10.34 -6.08 5.10
C GLU A 12 11.01 -5.36 3.94
N ARG A 13 10.39 -5.43 2.77
CA ARG A 13 10.89 -4.72 1.60
C ARG A 13 10.69 -3.24 1.75
N LEU A 14 9.64 -2.85 2.45
CA LEU A 14 9.32 -1.45 2.67
C LEU A 14 10.45 -0.80 3.50
N ALA A 15 11.02 -1.58 4.40
CA ALA A 15 12.13 -1.13 5.21
C ALA A 15 13.39 -0.94 4.35
N THR A 16 13.41 -1.62 3.22
CA THR A 16 14.53 -1.56 2.29
C THR A 16 14.31 -0.40 1.28
N VAL A 17 13.17 0.24 1.38
CA VAL A 17 12.85 1.37 0.53
C VAL A 17 13.29 2.65 1.25
N PRO A 18 13.99 3.56 0.53
CA PRO A 18 14.45 4.86 1.06
C PRO A 18 13.42 5.55 1.98
N ALA A 19 13.85 5.88 3.20
CA ALA A 19 13.00 6.52 4.20
C ALA A 19 12.51 7.88 3.73
N GLU A 20 13.18 8.42 2.74
CA GLU A 20 12.81 9.67 2.09
C GLU A 20 11.35 9.62 1.63
N LYS A 21 10.91 8.44 1.20
CA LYS A 21 9.54 8.28 0.74
C LYS A 21 8.78 7.24 1.58
N ALA A 22 9.52 6.30 2.18
CA ALA A 22 8.90 5.20 2.91
C ALA A 22 8.95 5.37 4.44
N GLY A 23 9.60 6.43 4.90
CA GLY A 23 9.72 6.69 6.34
C GLY A 23 8.37 6.85 7.01
N PRO A 24 7.55 7.87 6.63
CA PRO A 24 6.20 8.06 7.18
C PRO A 24 5.32 6.85 6.94
N LEU A 25 5.60 6.13 5.87
CA LEU A 25 4.84 4.96 5.48
C LEU A 25 4.99 3.83 6.49
N GLN A 26 6.20 3.63 7.00
CA GLN A 26 6.41 2.64 8.07
C GLN A 26 5.63 3.00 9.32
N ARG A 27 5.54 4.29 9.60
CA ARG A 27 4.83 4.77 10.78
C ARG A 27 3.34 4.64 10.58
N TYR A 28 2.88 4.97 9.39
CA TYR A 28 1.49 4.79 9.01
C TYR A 28 1.10 3.33 9.18
N ALA A 29 1.94 2.45 8.63
CA ALA A 29 1.73 1.01 8.72
C ALA A 29 1.62 0.55 10.17
N ALA A 30 2.52 1.04 11.02
CA ALA A 30 2.54 0.67 12.44
C ALA A 30 1.25 1.12 13.13
N THR A 31 0.78 2.29 12.76
CA THR A 31 -0.43 2.83 13.32
C THR A 31 -1.64 1.99 12.85
N ILE A 32 -1.66 1.65 11.56
CA ILE A 32 -2.71 0.81 10.95
C ILE A 32 -2.80 -0.56 11.65
N GLN A 33 -1.65 -1.10 12.00
CA GLN A 33 -1.56 -2.36 12.73
C GLN A 33 -2.35 -2.29 14.03
N SER A 34 -2.10 -1.25 14.80
CA SER A 34 -2.78 -1.04 16.06
C SER A 34 -4.27 -0.78 15.85
N GLN A 35 -4.62 -0.12 14.75
CA GLN A 35 -6.01 0.19 14.43
C GLN A 35 -6.82 -1.06 14.11
N ARG A 36 -6.19 -2.05 13.49
CA ARG A 36 -6.88 -3.29 13.21
C ARG A 36 -6.85 -4.23 14.42
N GLY A 37 -5.82 -4.08 15.24
CA GLY A 37 -5.66 -4.97 16.40
C GLY A 37 -5.04 -6.31 15.99
N ASP A 38 -4.75 -6.40 14.73
CA ASP A 38 -4.21 -7.57 14.09
C ASP A 38 -3.03 -7.10 13.29
N TYR A 39 -1.87 -7.63 13.56
CA TYR A 39 -0.72 -7.15 12.86
C TYR A 39 0.18 -8.29 12.48
N ASN A 40 1.11 -7.98 11.63
CA ASN A 40 2.12 -8.87 11.15
C ASN A 40 3.31 -8.00 10.81
N GLY A 41 4.46 -8.31 11.34
CA GLY A 41 5.61 -7.46 11.15
C GLY A 41 6.29 -7.66 9.81
N LYS A 42 5.80 -8.61 9.05
CA LYS A 42 6.39 -8.91 7.77
C LYS A 42 5.58 -8.27 6.64
N VAL A 43 4.27 -8.44 6.69
CA VAL A 43 3.38 -7.87 5.68
C VAL A 43 2.15 -7.23 6.32
N LEU A 44 1.54 -6.33 5.62
CA LEU A 44 0.32 -5.69 6.04
C LEU A 44 -0.65 -5.68 4.87
N SER A 45 -1.78 -6.31 5.01
CA SER A 45 -2.73 -6.35 3.94
C SER A 45 -3.72 -5.19 4.05
N ILE A 46 -3.52 -4.18 3.26
CA ILE A 46 -4.39 -3.02 3.24
C ILE A 46 -5.32 -3.12 2.05
N ARG A 47 -6.30 -2.29 2.01
CA ARG A 47 -7.20 -2.29 0.89
C ARG A 47 -7.03 -1.00 0.10
N GLN A 48 -7.76 -0.89 -0.98
CA GLN A 48 -7.73 0.30 -1.85
C GLN A 48 -8.26 1.50 -1.10
N ASP A 49 -9.25 1.26 -0.27
CA ASP A 49 -9.85 2.29 0.56
C ASP A 49 -8.86 2.80 1.59
N ASP A 50 -7.92 1.98 1.95
CA ASP A 50 -6.93 2.37 2.93
C ASP A 50 -5.78 3.05 2.22
N LEU A 51 -5.43 2.51 1.05
CA LEU A 51 -4.38 3.02 0.16
C LEU A 51 -4.65 4.51 -0.18
N ARG A 52 -5.93 4.83 -0.28
CA ARG A 52 -6.39 6.19 -0.55
C ARG A 52 -5.95 7.19 0.51
N THR A 53 -5.76 6.73 1.73
CA THR A 53 -5.32 7.60 2.80
C THR A 53 -3.87 8.04 2.52
N LEU A 54 -3.06 7.11 2.01
CA LEU A 54 -1.66 7.39 1.67
C LEU A 54 -1.58 8.44 0.60
N ALA A 55 -2.51 8.37 -0.33
CA ALA A 55 -2.61 9.30 -1.43
C ALA A 55 -2.79 10.72 -0.91
N VAL A 56 -3.60 10.84 0.14
CA VAL A 56 -3.90 12.13 0.72
C VAL A 56 -2.67 12.66 1.47
N ILE A 57 -1.90 11.76 2.07
CA ILE A 57 -0.70 12.13 2.82
C ILE A 57 0.38 12.66 1.90
N TYR A 58 0.63 11.93 0.82
CA TYR A 58 1.75 12.26 -0.07
C TYR A 58 1.32 13.24 -1.15
N ASP A 59 0.02 13.60 -1.13
CA ASP A 59 -0.60 14.58 -2.04
C ASP A 59 -0.63 14.04 -3.46
N GLN A 60 -0.68 12.74 -3.58
CA GLN A 60 -0.63 12.07 -4.87
C GLN A 60 -1.95 11.37 -5.14
N SER A 61 -2.17 10.98 -6.36
CA SER A 61 -3.38 10.30 -6.75
C SER A 61 -3.18 8.78 -6.60
N PRO A 62 -4.23 8.03 -6.19
CA PRO A 62 -4.20 6.56 -6.04
C PRO A 62 -3.57 5.82 -7.24
N SER A 63 -3.69 6.38 -8.42
CA SER A 63 -3.14 5.80 -9.63
C SER A 63 -1.61 5.64 -9.50
N VAL A 64 -0.93 6.75 -9.27
CA VAL A 64 0.52 6.76 -9.15
C VAL A 64 0.93 6.19 -7.80
N LEU A 65 0.04 6.29 -6.82
CA LEU A 65 0.28 5.78 -5.47
C LEU A 65 0.46 4.26 -5.55
N THR A 66 -0.39 3.60 -6.31
CA THR A 66 -0.29 2.16 -6.51
C THR A 66 1.03 1.82 -7.25
N GLU A 67 1.38 2.66 -8.22
CA GLU A 67 2.59 2.48 -9.02
C GLU A 67 3.83 2.54 -8.13
N GLN A 68 3.79 3.41 -7.10
CA GLN A 68 4.86 3.57 -6.13
C GLN A 68 5.27 2.24 -5.55
N LEU A 69 4.34 1.57 -4.88
CA LEU A 69 4.59 0.30 -4.22
C LEU A 69 5.08 -0.76 -5.20
N ILE A 70 4.56 -0.74 -6.41
CA ILE A 70 4.97 -1.67 -7.44
C ILE A 70 6.44 -1.38 -7.86
N SER A 71 6.73 -0.11 -8.14
CA SER A 71 8.06 0.30 -8.57
C SER A 71 9.13 0.08 -7.49
N TRP A 72 8.74 0.21 -6.22
CA TRP A 72 9.69 0.01 -5.13
C TRP A 72 9.95 -1.47 -4.89
N GLY A 73 9.09 -2.31 -5.42
CA GLY A 73 9.25 -3.74 -5.26
C GLY A 73 8.62 -4.23 -3.97
N VAL A 74 7.53 -3.60 -3.60
CA VAL A 74 6.81 -3.96 -2.39
C VAL A 74 5.49 -4.63 -2.77
N LEU A 75 4.86 -4.12 -3.80
CA LEU A 75 3.58 -4.63 -4.24
C LEU A 75 3.74 -5.27 -5.61
N ASP A 76 2.89 -6.25 -5.88
CA ASP A 76 2.90 -6.96 -7.15
C ASP A 76 2.27 -6.13 -8.25
N ALA A 77 2.75 -6.32 -9.46
CA ALA A 77 2.32 -5.59 -10.63
C ALA A 77 0.82 -5.74 -10.90
N ASP A 78 0.32 -6.98 -10.88
CA ASP A 78 -1.09 -7.28 -11.23
C ASP A 78 -2.08 -6.60 -10.29
N ALA A 79 -1.64 -6.27 -9.08
CA ALA A 79 -2.48 -5.62 -8.04
C ALA A 79 -3.10 -4.32 -8.56
N ARG A 80 -2.44 -3.71 -9.56
CA ARG A 80 -2.91 -2.49 -10.22
C ARG A 80 -4.36 -2.65 -10.75
N ARG A 81 -4.75 -3.92 -11.01
CA ARG A 81 -6.07 -4.30 -11.53
C ARG A 81 -7.19 -3.73 -10.68
N ALA A 82 -6.93 -3.65 -9.39
CA ALA A 82 -7.92 -3.24 -8.40
C ALA A 82 -8.40 -1.80 -8.59
N VAL A 83 -7.56 -0.96 -9.13
CA VAL A 83 -7.90 0.44 -9.29
C VAL A 83 -7.39 0.91 -10.67
N ALA A 84 -7.30 -0.04 -11.56
CA ALA A 84 -6.71 0.12 -12.90
C ALA A 84 -7.34 1.25 -13.72
N SER A 85 -6.50 2.18 -14.11
CA SER A 85 -6.82 3.23 -15.02
C SER A 85 -5.58 3.52 -15.86
N HIS A 86 -5.78 3.79 -17.14
CA HIS A 86 -4.70 4.08 -18.09
C HIS A 86 -3.84 2.83 -18.35
N ASP A 87 -4.12 2.18 -19.45
CA ASP A 87 -3.35 1.00 -19.86
C ASP A 87 -2.23 1.42 -20.77
N GLU A 88 -1.21 0.58 -20.89
CA GLU A 88 -0.05 0.88 -21.71
C GLU A 88 -0.39 0.86 -23.19
N LEU A 89 -0.33 2.04 -23.80
CA LEU A 89 -0.61 2.25 -25.22
C LEU A 89 -2.03 1.85 -25.56
#